data_2NCG
#
_entry.id   2NCG
#
_entity_poly.entity_id   1
_entity_poly.type   'polypeptide(L)'
_entity_poly.pdbx_seq_one_letter_code
;SNAGAIAKLIPKLGELLVGEYKLHKGVKKNIEDLLKELKTMNAALIKIGEVPPDQLDSQDKLWADEVRELSYVIEDAVDK
FLVRVHGVEPDDNTNGFKGLMKRTTKLLKKVVDKHGIA
;
_entity_poly.pdbx_strand_id   A
#
# COMPACT_ATOMS: atom_id res chain seq x y z
N SER A 1 -12.29 12.68 7.49
CA SER A 1 -12.02 11.26 7.33
C SER A 1 -10.83 10.82 8.18
N ASN A 2 -11.08 9.89 9.09
CA ASN A 2 -10.03 9.38 9.98
C ASN A 2 -8.97 8.62 9.19
N ALA A 3 -9.42 7.79 8.26
CA ALA A 3 -8.51 7.01 7.43
C ALA A 3 -8.51 7.50 5.98
N GLY A 4 -9.08 8.69 5.77
CA GLY A 4 -9.14 9.25 4.44
C GLY A 4 -7.76 9.41 3.81
N ALA A 5 -6.78 9.78 4.62
CA ALA A 5 -5.43 9.96 4.13
C ALA A 5 -4.95 8.72 3.38
N ILE A 6 -5.33 7.55 3.86
CA ILE A 6 -4.94 6.30 3.24
C ILE A 6 -5.74 6.06 1.96
N ALA A 7 -7.01 6.44 1.97
CA ALA A 7 -7.87 6.27 0.82
C ALA A 7 -7.44 7.17 -0.33
N LYS A 8 -6.87 8.32 0.01
CA LYS A 8 -6.41 9.27 -1.00
C LYS A 8 -5.21 8.72 -1.76
N LEU A 9 -4.60 7.68 -1.22
CA LEU A 9 -3.44 7.05 -1.85
C LEU A 9 -3.88 6.06 -2.92
N ILE A 10 -5.17 5.73 -2.93
CA ILE A 10 -5.71 4.80 -3.91
C ILE A 10 -5.33 5.21 -5.33
N PRO A 11 -5.70 6.45 -5.71
CA PRO A 11 -5.40 6.98 -7.04
C PRO A 11 -3.92 7.26 -7.24
N LYS A 12 -3.23 7.56 -6.14
CA LYS A 12 -1.81 7.86 -6.19
C LYS A 12 -1.04 6.71 -6.84
N LEU A 13 -1.45 5.48 -6.53
CA LEU A 13 -0.80 4.30 -7.09
C LEU A 13 -1.35 3.98 -8.48
N GLY A 14 -2.59 4.41 -8.73
CA GLY A 14 -3.20 4.16 -10.02
C GLY A 14 -2.50 4.88 -11.16
N GLU A 15 -1.83 5.98 -10.83
CA GLU A 15 -1.11 6.76 -11.82
C GLU A 15 -0.10 5.90 -12.57
N LEU A 16 0.46 4.91 -11.87
CA LEU A 16 1.44 4.01 -12.47
C LEU A 16 0.76 2.81 -13.11
N LEU A 17 -0.50 2.57 -12.73
CA LEU A 17 -1.27 1.46 -13.27
C LEU A 17 -1.94 1.84 -14.57
N VAL A 18 -2.05 3.14 -14.82
CA VAL A 18 -2.68 3.65 -16.03
C VAL A 18 -1.72 3.57 -17.21
N GLY A 19 -0.42 3.51 -16.92
CA GLY A 19 0.58 3.45 -17.97
C GLY A 19 1.28 4.77 -18.19
N GLU A 20 1.26 5.63 -17.17
CA GLU A 20 1.89 6.94 -17.26
C GLU A 20 3.24 6.94 -16.56
N TYR A 21 4.24 6.36 -17.21
CA TYR A 21 5.59 6.29 -16.65
C TYR A 21 6.59 5.81 -17.69
N LYS A 22 7.87 6.02 -17.42
CA LYS A 22 8.93 5.60 -18.33
C LYS A 22 9.69 4.41 -17.76
N LEU A 23 8.99 3.30 -17.57
CA LEU A 23 9.59 2.08 -17.04
C LEU A 23 9.03 0.84 -17.74
N HIS A 24 9.61 -0.31 -17.44
CA HIS A 24 9.17 -1.57 -18.03
C HIS A 24 7.93 -2.10 -17.32
N LYS A 25 7.39 -3.20 -17.82
CA LYS A 25 6.21 -3.82 -17.24
C LYS A 25 6.54 -4.46 -15.89
N GLY A 26 7.80 -4.82 -15.71
CA GLY A 26 8.22 -5.44 -14.47
C GLY A 26 8.24 -4.47 -13.30
N VAL A 27 8.37 -3.18 -13.62
CA VAL A 27 8.41 -2.15 -12.59
C VAL A 27 7.01 -1.87 -12.05
N LYS A 28 6.06 -1.63 -12.95
CA LYS A 28 4.68 -1.37 -12.56
C LYS A 28 4.14 -2.48 -11.68
N LYS A 29 4.67 -3.68 -11.85
CA LYS A 29 4.24 -4.84 -11.07
C LYS A 29 4.33 -4.55 -9.58
N ASN A 30 5.25 -3.67 -9.20
CA ASN A 30 5.44 -3.31 -7.80
C ASN A 30 4.34 -2.35 -7.34
N ILE A 31 3.88 -1.51 -8.24
CA ILE A 31 2.83 -0.55 -7.93
C ILE A 31 1.47 -1.24 -7.79
N GLU A 32 1.11 -2.02 -8.81
CA GLU A 32 -0.16 -2.74 -8.81
C GLU A 32 -0.32 -3.57 -7.53
N ASP A 33 0.81 -4.05 -7.01
CA ASP A 33 0.80 -4.86 -5.80
C ASP A 33 0.45 -4.01 -4.59
N LEU A 34 1.10 -2.86 -4.46
CA LEU A 34 0.84 -1.96 -3.35
C LEU A 34 -0.62 -1.55 -3.29
N LEU A 35 -1.14 -1.06 -4.40
CA LEU A 35 -2.54 -0.63 -4.47
C LEU A 35 -3.47 -1.80 -4.16
N LYS A 36 -3.08 -2.99 -4.58
CA LYS A 36 -3.88 -4.19 -4.34
C LYS A 36 -4.15 -4.38 -2.85
N GLU A 37 -3.16 -4.04 -2.03
CA GLU A 37 -3.31 -4.17 -0.57
C GLU A 37 -4.17 -3.05 -0.01
N LEU A 38 -3.78 -1.81 -0.30
CA LEU A 38 -4.53 -0.65 0.18
C LEU A 38 -5.99 -0.72 -0.23
N LYS A 39 -6.23 -1.27 -1.42
CA LYS A 39 -7.59 -1.42 -1.94
C LYS A 39 -8.47 -2.18 -0.95
N THR A 40 -7.93 -3.27 -0.40
CA THR A 40 -8.66 -4.10 0.54
C THR A 40 -8.58 -3.51 1.96
N MET A 41 -7.37 -3.12 2.35
CA MET A 41 -7.16 -2.55 3.68
C MET A 41 -8.08 -1.34 3.90
N ASN A 42 -7.97 -0.35 3.03
CA ASN A 42 -8.79 0.85 3.13
C ASN A 42 -10.28 0.49 3.19
N ALA A 43 -10.75 -0.24 2.19
CA ALA A 43 -12.14 -0.64 2.12
C ALA A 43 -12.55 -1.37 3.40
N ALA A 44 -11.59 -2.00 4.06
CA ALA A 44 -11.86 -2.73 5.29
C ALA A 44 -12.37 -1.80 6.38
N LEU A 45 -11.72 -0.64 6.52
CA LEU A 45 -12.11 0.35 7.53
C LEU A 45 -13.58 0.71 7.38
N ILE A 46 -14.11 0.57 6.18
CA ILE A 46 -15.51 0.88 5.91
C ILE A 46 -16.43 -0.19 6.47
N LYS A 47 -16.06 -1.46 6.26
CA LYS A 47 -16.85 -2.58 6.75
C LYS A 47 -16.69 -2.74 8.25
N ILE A 48 -15.44 -2.78 8.72
CA ILE A 48 -15.15 -2.93 10.13
C ILE A 48 -15.51 -1.66 10.91
N GLY A 49 -15.52 -0.53 10.20
CA GLY A 49 -15.85 0.73 10.83
C GLY A 49 -17.25 0.75 11.39
N GLU A 50 -18.08 -0.20 10.96
CA GLU A 50 -19.46 -0.28 11.42
C GLU A 50 -19.51 -0.47 12.94
N VAL A 51 -18.54 -1.19 13.48
CA VAL A 51 -18.47 -1.44 14.91
C VAL A 51 -17.90 -0.24 15.65
N PRO A 52 -18.29 -0.09 16.93
CA PRO A 52 -17.82 1.01 17.77
C PRO A 52 -16.34 0.88 18.14
N PRO A 53 -15.77 1.95 18.70
CA PRO A 53 -14.37 1.97 19.11
C PRO A 53 -14.10 1.08 20.32
N ASP A 54 -15.17 0.59 20.92
CA ASP A 54 -15.05 -0.28 22.09
C ASP A 54 -14.55 -1.66 21.70
N GLN A 55 -14.80 -2.05 20.45
CA GLN A 55 -14.37 -3.35 19.94
C GLN A 55 -12.88 -3.35 19.63
N LEU A 56 -12.35 -2.16 19.31
CA LEU A 56 -10.93 -2.02 18.99
C LEU A 56 -10.07 -2.18 20.24
N ASP A 57 -8.93 -2.84 20.08
CA ASP A 57 -8.01 -3.06 21.19
C ASP A 57 -6.69 -2.31 20.96
N SER A 58 -5.76 -2.47 21.89
CA SER A 58 -4.46 -1.81 21.80
C SER A 58 -3.73 -2.24 20.53
N GLN A 59 -4.01 -3.46 20.07
CA GLN A 59 -3.39 -3.99 18.87
C GLN A 59 -4.07 -3.46 17.61
N ASP A 60 -5.40 -3.43 17.64
CA ASP A 60 -6.18 -2.96 16.52
C ASP A 60 -5.69 -1.58 16.06
N LYS A 61 -5.36 -0.73 17.03
CA LYS A 61 -4.89 0.62 16.73
C LYS A 61 -3.62 0.57 15.87
N LEU A 62 -2.80 -0.44 16.11
CA LEU A 62 -1.55 -0.61 15.35
C LEU A 62 -1.83 -1.12 13.95
N TRP A 63 -2.85 -1.96 13.82
CA TRP A 63 -3.22 -2.52 12.52
C TRP A 63 -3.45 -1.41 11.49
N ALA A 64 -4.21 -0.40 11.88
CA ALA A 64 -4.50 0.72 10.99
C ALA A 64 -3.27 1.60 10.81
N ASP A 65 -2.58 1.87 11.92
CA ASP A 65 -1.38 2.70 11.88
C ASP A 65 -0.37 2.17 10.87
N GLU A 66 -0.12 0.86 10.92
CA GLU A 66 0.83 0.23 10.01
C GLU A 66 0.46 0.52 8.55
N VAL A 67 -0.84 0.63 8.29
CA VAL A 67 -1.33 0.91 6.94
C VAL A 67 -1.10 2.37 6.56
N ARG A 68 -1.23 3.25 7.55
CA ARG A 68 -1.03 4.68 7.32
C ARG A 68 0.43 4.99 7.04
N GLU A 69 1.32 4.45 7.86
CA GLU A 69 2.75 4.68 7.70
C GLU A 69 3.22 4.20 6.33
N LEU A 70 2.59 3.14 5.83
CA LEU A 70 2.95 2.59 4.52
C LEU A 70 2.87 3.66 3.43
N SER A 71 2.02 4.65 3.65
CA SER A 71 1.87 5.73 2.68
C SER A 71 3.22 6.35 2.34
N TYR A 72 4.15 6.32 3.29
CA TYR A 72 5.47 6.87 3.08
C TYR A 72 6.21 6.13 1.95
N VAL A 73 5.97 4.82 1.86
CA VAL A 73 6.60 4.01 0.83
C VAL A 73 6.00 4.28 -0.54
N ILE A 74 4.70 4.56 -0.56
CA ILE A 74 4.00 4.84 -1.81
C ILE A 74 4.68 5.97 -2.57
N GLU A 75 5.29 6.89 -1.83
CA GLU A 75 5.97 8.03 -2.44
C GLU A 75 7.00 7.56 -3.48
N ASP A 76 7.63 6.42 -3.20
CA ASP A 76 8.63 5.85 -4.10
C ASP A 76 7.99 5.43 -5.42
N ALA A 77 6.71 5.05 -5.35
CA ALA A 77 5.98 4.62 -6.54
C ALA A 77 6.09 5.66 -7.65
N VAL A 78 5.74 6.90 -7.33
CA VAL A 78 5.79 7.98 -8.30
C VAL A 78 7.21 8.51 -8.47
N ASP A 79 8.00 8.39 -7.41
CA ASP A 79 9.39 8.85 -7.43
C ASP A 79 10.19 8.10 -8.50
N LYS A 80 9.81 6.87 -8.76
CA LYS A 80 10.48 6.05 -9.76
C LYS A 80 10.53 6.76 -11.11
N PHE A 81 9.56 7.64 -11.34
CA PHE A 81 9.49 8.38 -12.59
C PHE A 81 10.67 9.35 -12.72
N LEU A 82 10.95 10.07 -11.64
CA LEU A 82 12.06 11.02 -11.63
C LEU A 82 13.40 10.30 -11.55
N VAL A 83 13.42 9.17 -10.87
CA VAL A 83 14.64 8.39 -10.72
C VAL A 83 15.23 8.03 -12.08
N ARG A 84 14.37 7.98 -13.10
CA ARG A 84 14.81 7.65 -14.45
C ARG A 84 15.75 8.71 -14.99
N VAL A 85 15.24 9.93 -15.15
CA VAL A 85 16.04 11.04 -15.66
C VAL A 85 17.28 11.26 -14.81
N HIS A 86 17.22 10.84 -13.55
CA HIS A 86 18.34 10.98 -12.64
C HIS A 86 19.52 10.13 -13.09
N GLY A 87 19.25 9.19 -14.00
CA GLY A 87 20.30 8.31 -14.49
C GLY A 87 20.29 6.95 -13.81
N VAL A 88 19.82 6.92 -12.57
CA VAL A 88 19.75 5.68 -11.82
C VAL A 88 18.85 4.66 -12.50
N GLU A 89 19.16 3.38 -12.32
CA GLU A 89 18.39 2.30 -12.92
C GLU A 89 17.67 1.48 -11.85
N PRO A 90 16.59 0.80 -12.26
CA PRO A 90 15.80 -0.04 -11.36
C PRO A 90 16.55 -1.29 -10.91
N ASP A 91 16.43 -1.62 -9.63
CA ASP A 91 17.11 -2.79 -9.08
C ASP A 91 16.23 -3.48 -8.04
N ASP A 92 16.08 -4.80 -8.17
CA ASP A 92 15.27 -5.57 -7.23
C ASP A 92 15.83 -5.49 -5.82
N ASN A 93 17.14 -5.30 -5.72
CA ASN A 93 17.80 -5.20 -4.43
C ASN A 93 17.61 -3.82 -3.81
N THR A 94 18.00 -2.78 -4.56
CA THR A 94 17.88 -1.41 -4.09
C THR A 94 16.42 -1.05 -3.85
N ASN A 95 15.53 -1.56 -4.70
CA ASN A 95 14.11 -1.29 -4.58
C ASN A 95 13.60 -1.67 -3.19
N GLY A 96 14.28 -2.62 -2.56
CA GLY A 96 13.88 -3.05 -1.23
C GLY A 96 12.51 -3.72 -1.22
N PHE A 97 12.17 -4.37 -2.33
CA PHE A 97 10.88 -5.04 -2.44
C PHE A 97 10.66 -6.00 -1.27
N LYS A 98 11.75 -6.55 -0.75
CA LYS A 98 11.68 -7.49 0.37
C LYS A 98 11.05 -6.82 1.59
N GLY A 99 11.23 -5.51 1.70
CA GLY A 99 10.65 -4.78 2.82
C GLY A 99 9.20 -4.45 2.62
N LEU A 100 8.81 -4.21 1.36
CA LEU A 100 7.43 -3.88 1.04
C LEU A 100 6.54 -5.12 1.09
N MET A 101 7.00 -6.19 0.45
CA MET A 101 6.25 -7.44 0.41
C MET A 101 6.10 -8.03 1.81
N LYS A 102 7.13 -7.86 2.62
CA LYS A 102 7.12 -8.37 4.00
C LYS A 102 6.25 -7.49 4.89
N ARG A 103 6.24 -6.20 4.60
CA ARG A 103 5.45 -5.25 5.39
C ARG A 103 3.96 -5.40 5.07
N THR A 104 3.66 -5.79 3.83
CA THR A 104 2.28 -5.96 3.41
C THR A 104 1.72 -7.30 3.89
N THR A 105 2.44 -8.37 3.59
CA THR A 105 2.01 -9.71 4.00
C THR A 105 1.68 -9.76 5.48
N LYS A 106 2.43 -9.00 6.28
CA LYS A 106 2.22 -8.96 7.72
C LYS A 106 0.85 -8.39 8.05
N LEU A 107 0.46 -7.34 7.34
CA LEU A 107 -0.84 -6.71 7.55
C LEU A 107 -1.97 -7.53 6.92
N LEU A 108 -1.68 -8.11 5.77
CA LEU A 108 -2.67 -8.93 5.06
C LEU A 108 -3.01 -10.17 5.87
N LYS A 109 -2.00 -10.79 6.47
CA LYS A 109 -2.19 -11.98 7.28
C LYS A 109 -3.17 -11.72 8.42
N LYS A 110 -3.34 -10.45 8.78
CA LYS A 110 -4.24 -10.06 9.86
C LYS A 110 -5.66 -9.87 9.32
N VAL A 111 -5.76 -9.46 8.06
CA VAL A 111 -7.07 -9.24 7.43
C VAL A 111 -7.69 -10.57 7.00
N VAL A 112 -6.84 -11.54 6.67
CA VAL A 112 -7.31 -12.85 6.25
C VAL A 112 -8.20 -13.49 7.30
N ASP A 113 -8.00 -13.10 8.55
CA ASP A 113 -8.78 -13.62 9.66
C ASP A 113 -10.20 -13.04 9.66
N LYS A 114 -10.40 -12.01 8.86
CA LYS A 114 -11.70 -11.36 8.75
C LYS A 114 -12.51 -11.94 7.60
N HIS A 115 -11.94 -11.88 6.39
CA HIS A 115 -12.61 -12.39 5.21
C HIS A 115 -11.74 -13.43 4.50
N GLY A 116 -10.44 -13.32 4.69
CA GLY A 116 -9.52 -14.26 4.07
C GLY A 116 -8.79 -13.66 2.88
N ILE A 117 -8.49 -12.37 2.97
CA ILE A 117 -7.78 -11.67 1.90
C ILE A 117 -6.54 -12.43 1.47
N ALA A 118 -6.59 -13.02 0.28
CA ALA A 118 -5.46 -13.77 -0.25
C ALA A 118 -4.32 -12.84 -0.64
N SER A 1 -12.64 13.37 7.11
CA SER A 1 -11.29 13.25 6.57
C SER A 1 -10.38 12.48 7.52
N ASN A 2 -10.87 11.35 8.01
CA ASN A 2 -10.11 10.52 8.94
C ASN A 2 -9.28 9.48 8.18
N ALA A 3 -9.93 8.77 7.27
CA ALA A 3 -9.25 7.75 6.47
C ALA A 3 -8.88 8.28 5.08
N GLY A 4 -8.95 9.60 4.93
CA GLY A 4 -8.62 10.21 3.66
C GLY A 4 -7.17 10.00 3.27
N ALA A 5 -6.30 9.86 4.27
CA ALA A 5 -4.88 9.65 4.02
C ALA A 5 -4.63 8.29 3.37
N ILE A 6 -5.29 7.27 3.91
CA ILE A 6 -5.13 5.91 3.39
C ILE A 6 -5.84 5.76 2.05
N ALA A 7 -6.97 6.45 1.89
CA ALA A 7 -7.73 6.40 0.65
C ALA A 7 -7.03 7.16 -0.46
N LYS A 8 -6.30 8.21 -0.08
CA LYS A 8 -5.58 9.02 -1.06
C LYS A 8 -4.43 8.24 -1.69
N LEU A 9 -4.10 7.10 -1.08
CA LEU A 9 -3.02 6.25 -1.59
C LEU A 9 -3.51 5.39 -2.74
N ILE A 10 -4.83 5.22 -2.83
CA ILE A 10 -5.42 4.41 -3.90
C ILE A 10 -4.98 4.91 -5.27
N PRO A 11 -5.25 6.19 -5.55
CA PRO A 11 -4.88 6.81 -6.83
C PRO A 11 -3.37 7.00 -6.97
N LYS A 12 -2.68 7.09 -5.84
CA LYS A 12 -1.23 7.27 -5.84
C LYS A 12 -0.55 6.18 -6.67
N LEU A 13 -0.98 4.94 -6.48
CA LEU A 13 -0.41 3.81 -7.21
C LEU A 13 -1.09 3.65 -8.57
N GLY A 14 -2.33 4.13 -8.66
CA GLY A 14 -3.07 4.03 -9.91
C GLY A 14 -2.31 4.63 -11.08
N GLU A 15 -1.60 5.72 -10.82
CA GLU A 15 -0.83 6.41 -11.87
C GLU A 15 0.18 5.45 -12.51
N LEU A 16 0.69 4.52 -11.70
CA LEU A 16 1.66 3.54 -12.19
C LEU A 16 0.97 2.32 -12.77
N LEU A 17 -0.36 2.28 -12.65
CA LEU A 17 -1.14 1.16 -13.15
C LEU A 17 -1.73 1.49 -14.52
N VAL A 18 -1.53 2.73 -14.96
CA VAL A 18 -2.04 3.18 -16.25
C VAL A 18 -1.13 2.70 -17.38
N GLY A 19 0.15 2.57 -17.09
CA GLY A 19 1.10 2.13 -18.09
C GLY A 19 1.56 3.26 -19.00
N GLU A 20 1.56 4.48 -18.47
CA GLU A 20 1.97 5.64 -19.23
C GLU A 20 3.35 6.12 -18.80
N TYR A 21 4.38 5.41 -19.24
CA TYR A 21 5.76 5.75 -18.89
C TYR A 21 6.73 5.27 -19.96
N LYS A 22 8.00 5.58 -19.78
CA LYS A 22 9.04 5.17 -20.73
C LYS A 22 9.91 4.07 -20.15
N LEU A 23 9.27 2.97 -19.73
CA LEU A 23 9.99 1.84 -19.16
C LEU A 23 9.20 0.55 -19.33
N HIS A 24 9.82 -0.57 -18.97
CA HIS A 24 9.17 -1.88 -19.09
C HIS A 24 7.86 -1.90 -18.31
N LYS A 25 6.87 -2.59 -18.86
CA LYS A 25 5.55 -2.69 -18.22
C LYS A 25 5.63 -3.58 -16.98
N GLY A 26 6.61 -4.47 -16.96
CA GLY A 26 6.77 -5.36 -15.81
C GLY A 26 6.82 -4.61 -14.50
N VAL A 27 7.28 -3.37 -14.53
CA VAL A 27 7.38 -2.55 -13.34
C VAL A 27 6.01 -2.32 -12.72
N LYS A 28 4.98 -2.29 -13.56
CA LYS A 28 3.61 -2.08 -13.09
C LYS A 28 3.14 -3.26 -12.25
N LYS A 29 3.56 -4.47 -12.64
CA LYS A 29 3.19 -5.68 -11.92
C LYS A 29 3.53 -5.56 -10.44
N ASN A 30 4.62 -4.86 -10.14
CA ASN A 30 5.05 -4.67 -8.76
C ASN A 30 4.18 -3.64 -8.04
N ILE A 31 3.73 -2.64 -8.79
CA ILE A 31 2.89 -1.60 -8.24
C ILE A 31 1.47 -2.10 -7.98
N GLU A 32 0.87 -2.70 -9.01
CA GLU A 32 -0.48 -3.23 -8.89
C GLU A 32 -0.61 -4.15 -7.68
N ASP A 33 0.49 -4.81 -7.33
CA ASP A 33 0.51 -5.72 -6.19
C ASP A 33 0.27 -4.96 -4.89
N LEU A 34 0.84 -3.76 -4.79
CA LEU A 34 0.68 -2.93 -3.60
C LEU A 34 -0.72 -2.36 -3.51
N LEU A 35 -1.25 -1.94 -4.65
CA LEU A 35 -2.59 -1.36 -4.71
C LEU A 35 -3.65 -2.42 -4.42
N LYS A 36 -3.38 -3.65 -4.84
CA LYS A 36 -4.30 -4.76 -4.63
C LYS A 36 -4.55 -4.97 -3.13
N GLU A 37 -3.49 -4.90 -2.34
CA GLU A 37 -3.60 -5.08 -0.90
C GLU A 37 -4.20 -3.85 -0.24
N LEU A 38 -3.69 -2.68 -0.61
CA LEU A 38 -4.17 -1.42 -0.05
C LEU A 38 -5.66 -1.23 -0.33
N LYS A 39 -6.11 -1.75 -1.47
CA LYS A 39 -7.51 -1.65 -1.85
C LYS A 39 -8.42 -2.28 -0.79
N THR A 40 -7.99 -3.43 -0.28
CA THR A 40 -8.76 -4.13 0.74
C THR A 40 -8.62 -3.46 2.11
N MET A 41 -7.42 -2.95 2.38
CA MET A 41 -7.14 -2.28 3.65
C MET A 41 -7.99 -1.01 3.79
N ASN A 42 -8.05 -0.23 2.73
CA ASN A 42 -8.82 1.00 2.73
C ASN A 42 -10.29 0.73 3.08
N ALA A 43 -10.89 -0.22 2.38
CA ALA A 43 -12.28 -0.58 2.61
C ALA A 43 -12.44 -1.31 3.95
N ALA A 44 -11.38 -1.97 4.39
CA ALA A 44 -11.40 -2.70 5.64
C ALA A 44 -11.72 -1.78 6.81
N LEU A 45 -11.02 -0.65 6.89
CA LEU A 45 -11.24 0.32 7.95
C LEU A 45 -12.71 0.71 8.05
N ILE A 46 -13.41 0.64 6.91
CA ILE A 46 -14.83 0.98 6.88
C ILE A 46 -15.67 -0.10 7.54
N LYS A 47 -15.45 -1.35 7.14
CA LYS A 47 -16.19 -2.47 7.69
C LYS A 47 -15.84 -2.68 9.17
N ILE A 48 -14.54 -2.75 9.46
CA ILE A 48 -14.08 -2.94 10.82
C ILE A 48 -14.33 -1.69 11.67
N GLY A 49 -14.41 -0.54 11.00
CA GLY A 49 -14.65 0.71 11.70
C GLY A 49 -16.11 0.93 12.00
N GLU A 50 -16.99 0.23 11.28
CA GLU A 50 -18.42 0.37 11.47
C GLU A 50 -18.84 -0.10 12.87
N VAL A 51 -18.10 -1.06 13.40
CA VAL A 51 -18.38 -1.58 14.73
C VAL A 51 -18.42 -0.47 15.77
N PRO A 52 -19.20 -0.70 16.84
CA PRO A 52 -19.34 0.28 17.94
C PRO A 52 -18.07 0.42 18.76
N PRO A 53 -18.03 1.45 19.60
CA PRO A 53 -16.87 1.72 20.47
C PRO A 53 -16.72 0.69 21.58
N ASP A 54 -17.71 -0.17 21.71
CA ASP A 54 -17.69 -1.22 22.73
C ASP A 54 -16.65 -2.28 22.39
N GLN A 55 -16.34 -2.42 21.10
CA GLN A 55 -15.37 -3.41 20.65
C GLN A 55 -14.04 -2.75 20.34
N LEU A 56 -14.08 -1.46 19.99
CA LEU A 56 -12.87 -0.72 19.67
C LEU A 56 -11.85 -0.82 20.80
N ASP A 57 -10.72 -1.45 20.50
CA ASP A 57 -9.66 -1.62 21.49
C ASP A 57 -8.40 -0.87 21.07
N SER A 58 -7.47 -0.74 21.99
CA SER A 58 -6.21 -0.04 21.72
C SER A 58 -5.49 -0.67 20.52
N GLN A 59 -5.58 -1.99 20.41
CA GLN A 59 -4.94 -2.70 19.31
C GLN A 59 -5.38 -2.14 17.96
N ASP A 60 -6.64 -1.72 17.89
CA ASP A 60 -7.19 -1.16 16.66
C ASP A 60 -6.42 0.09 16.24
N LYS A 61 -6.06 0.92 17.23
CA LYS A 61 -5.34 2.15 16.97
C LYS A 61 -3.96 1.86 16.38
N LEU A 62 -3.27 0.87 16.94
CA LEU A 62 -1.95 0.49 16.47
C LEU A 62 -2.03 -0.18 15.10
N TRP A 63 -3.06 -1.00 14.91
CA TRP A 63 -3.26 -1.70 13.65
C TRP A 63 -3.56 -0.72 12.53
N ALA A 64 -4.41 0.27 12.81
CA ALA A 64 -4.77 1.28 11.82
C ALA A 64 -3.56 2.13 11.43
N ASP A 65 -2.73 2.44 12.41
CA ASP A 65 -1.54 3.25 12.17
C ASP A 65 -0.56 2.51 11.25
N GLU A 66 -0.52 1.19 11.38
CA GLU A 66 0.38 0.37 10.57
C GLU A 66 0.06 0.52 9.09
N VAL A 67 -1.23 0.70 8.78
CA VAL A 67 -1.67 0.87 7.40
C VAL A 67 -1.31 2.24 6.87
N ARG A 68 -1.37 3.24 7.75
CA ARG A 68 -1.06 4.61 7.36
C ARG A 68 0.44 4.77 7.09
N GLU A 69 1.25 4.28 8.01
CA GLU A 69 2.70 4.37 7.88
C GLU A 69 3.17 3.72 6.58
N LEU A 70 2.47 2.67 6.17
CA LEU A 70 2.81 1.96 4.94
C LEU A 70 2.86 2.91 3.74
N SER A 71 2.08 3.99 3.83
CA SER A 71 2.04 4.98 2.76
C SER A 71 3.44 5.46 2.40
N TYR A 72 4.32 5.50 3.39
CA TYR A 72 5.70 5.94 3.17
C TYR A 72 6.39 5.05 2.15
N VAL A 73 6.03 3.77 2.14
CA VAL A 73 6.62 2.81 1.21
C VAL A 73 6.02 2.96 -0.18
N ILE A 74 4.73 3.29 -0.25
CA ILE A 74 4.05 3.47 -1.52
C ILE A 74 4.78 4.48 -2.40
N GLU A 75 5.43 5.45 -1.77
CA GLU A 75 6.18 6.46 -2.50
C GLU A 75 7.14 5.83 -3.50
N ASP A 76 7.69 4.68 -3.13
CA ASP A 76 8.63 3.98 -3.99
C ASP A 76 8.03 3.75 -5.38
N ALA A 77 6.70 3.65 -5.44
CA ALA A 77 6.01 3.44 -6.69
C ALA A 77 6.41 4.49 -7.73
N VAL A 78 6.30 5.76 -7.35
CA VAL A 78 6.67 6.85 -8.24
C VAL A 78 8.17 7.10 -8.23
N ASP A 79 8.82 6.74 -7.13
CA ASP A 79 10.26 6.93 -6.99
C ASP A 79 11.00 6.29 -8.16
N LYS A 80 10.39 5.27 -8.76
CA LYS A 80 11.00 4.57 -9.89
C LYS A 80 11.05 5.48 -11.12
N PHE A 81 9.99 6.26 -11.31
CA PHE A 81 9.91 7.17 -12.45
C PHE A 81 10.81 8.38 -12.24
N LEU A 82 10.97 8.78 -10.97
CA LEU A 82 11.80 9.92 -10.64
C LEU A 82 13.28 9.59 -10.82
N VAL A 83 13.58 8.32 -11.07
CA VAL A 83 14.95 7.88 -11.27
C VAL A 83 15.66 8.75 -12.31
N ARG A 84 14.89 9.28 -13.26
CA ARG A 84 15.45 10.13 -14.31
C ARG A 84 15.91 11.46 -13.74
N VAL A 85 15.01 12.14 -13.03
CA VAL A 85 15.32 13.43 -12.44
C VAL A 85 16.33 13.29 -11.30
N HIS A 86 16.36 12.10 -10.69
CA HIS A 86 17.28 11.82 -9.60
C HIS A 86 18.70 11.63 -10.11
N GLY A 87 18.83 11.42 -11.42
CA GLY A 87 20.14 11.22 -12.01
C GLY A 87 20.79 9.93 -11.54
N VAL A 88 19.99 9.02 -11.02
CA VAL A 88 20.50 7.74 -10.54
C VAL A 88 20.28 6.64 -11.57
N GLU A 89 21.30 5.82 -11.78
CA GLU A 89 21.23 4.72 -12.73
C GLU A 89 19.99 3.86 -12.47
N PRO A 90 19.54 3.15 -13.51
CA PRO A 90 18.37 2.27 -13.42
C PRO A 90 18.63 1.04 -12.56
N ASP A 91 17.69 0.72 -11.67
CA ASP A 91 17.81 -0.43 -10.81
C ASP A 91 16.44 -0.92 -10.34
N ASP A 92 16.40 -2.16 -9.86
CA ASP A 92 15.15 -2.74 -9.38
C ASP A 92 15.14 -2.84 -7.86
N ASN A 93 16.34 -2.93 -7.28
CA ASN A 93 16.48 -3.05 -5.83
C ASN A 93 15.97 -1.79 -5.14
N THR A 94 15.80 -0.72 -5.92
CA THR A 94 15.31 0.55 -5.38
C THR A 94 13.84 0.44 -4.96
N ASN A 95 13.13 -0.48 -5.58
CA ASN A 95 11.72 -0.69 -5.27
C ASN A 95 11.54 -1.15 -3.82
N GLY A 96 12.54 -1.81 -3.28
CA GLY A 96 12.48 -2.28 -1.91
C GLY A 96 11.30 -3.20 -1.68
N PHE A 97 10.81 -3.82 -2.75
CA PHE A 97 9.67 -4.73 -2.65
C PHE A 97 10.01 -5.93 -1.79
N LYS A 98 11.30 -6.26 -1.71
CA LYS A 98 11.76 -7.39 -0.91
C LYS A 98 11.21 -7.30 0.52
N GLY A 99 11.46 -6.18 1.17
CA GLY A 99 10.98 -5.98 2.53
C GLY A 99 9.53 -5.56 2.59
N LEU A 100 9.13 -4.69 1.67
CA LEU A 100 7.76 -4.20 1.62
C LEU A 100 6.77 -5.35 1.51
N MET A 101 7.07 -6.30 0.61
CA MET A 101 6.21 -7.47 0.42
C MET A 101 5.97 -8.19 1.74
N LYS A 102 7.00 -8.27 2.57
CA LYS A 102 6.90 -8.94 3.85
C LYS A 102 6.13 -8.08 4.85
N ARG A 103 6.21 -6.76 4.69
CA ARG A 103 5.52 -5.84 5.57
C ARG A 103 4.02 -5.82 5.28
N THR A 104 3.66 -6.10 4.03
CA THR A 104 2.27 -6.12 3.63
C THR A 104 1.60 -7.44 4.01
N THR A 105 2.22 -8.55 3.58
CA THR A 105 1.68 -9.87 3.89
C THR A 105 1.48 -10.06 5.38
N LYS A 106 2.37 -9.47 6.18
CA LYS A 106 2.28 -9.57 7.63
C LYS A 106 1.03 -8.88 8.15
N LEU A 107 0.66 -7.77 7.51
CA LEU A 107 -0.51 -7.02 7.91
C LEU A 107 -1.79 -7.71 7.45
N LEU A 108 -1.73 -8.34 6.28
CA LEU A 108 -2.88 -9.05 5.71
C LEU A 108 -3.13 -10.35 6.47
N LYS A 109 -2.08 -10.88 7.09
CA LYS A 109 -2.20 -12.12 7.85
C LYS A 109 -3.20 -11.97 8.99
N LYS A 110 -3.40 -10.74 9.43
CA LYS A 110 -4.34 -10.46 10.52
C LYS A 110 -5.77 -10.37 10.00
N VAL A 111 -5.90 -9.90 8.75
CA VAL A 111 -7.22 -9.76 8.14
C VAL A 111 -7.69 -11.08 7.55
N VAL A 112 -6.75 -11.86 7.02
CA VAL A 112 -7.08 -13.16 6.44
C VAL A 112 -7.55 -14.15 7.50
N ASP A 113 -7.35 -13.78 8.76
CA ASP A 113 -7.74 -14.63 9.87
C ASP A 113 -9.26 -14.61 10.05
N LYS A 114 -9.80 -13.45 10.37
CA LYS A 114 -11.24 -13.29 10.57
C LYS A 114 -11.92 -12.84 9.28
N HIS A 115 -11.39 -11.78 8.66
CA HIS A 115 -11.94 -11.25 7.43
C HIS A 115 -11.75 -12.24 6.28
N GLY A 116 -10.76 -13.11 6.41
CA GLY A 116 -10.47 -14.09 5.39
C GLY A 116 -9.88 -13.47 4.13
N ILE A 117 -9.58 -12.17 4.21
CA ILE A 117 -9.00 -11.46 3.07
C ILE A 117 -7.65 -12.06 2.67
N ALA A 118 -7.63 -12.72 1.53
CA ALA A 118 -6.41 -13.34 1.03
C ALA A 118 -5.40 -12.28 0.59
N SER A 1 -12.33 13.14 7.02
CA SER A 1 -12.24 11.69 7.12
C SER A 1 -10.99 11.29 7.90
N ASN A 2 -11.19 10.51 8.95
CA ASN A 2 -10.08 10.05 9.78
C ASN A 2 -9.20 9.06 9.02
N ALA A 3 -9.81 8.35 8.06
CA ALA A 3 -9.09 7.38 7.26
C ALA A 3 -8.92 7.86 5.82
N GLY A 4 -9.19 9.15 5.60
CA GLY A 4 -9.06 9.72 4.27
C GLY A 4 -7.63 9.71 3.77
N ALA A 5 -6.68 9.87 4.69
CA ALA A 5 -5.28 9.89 4.32
C ALA A 5 -4.83 8.54 3.75
N ILE A 6 -5.33 7.46 4.35
CA ILE A 6 -4.99 6.11 3.91
C ILE A 6 -5.68 5.79 2.58
N ALA A 7 -6.91 6.27 2.42
CA ALA A 7 -7.67 6.04 1.21
C ALA A 7 -7.08 6.81 0.03
N LYS A 8 -6.49 7.96 0.32
CA LYS A 8 -5.89 8.80 -0.72
C LYS A 8 -4.67 8.12 -1.32
N LEU A 9 -4.19 7.07 -0.66
CA LEU A 9 -3.03 6.33 -1.14
C LEU A 9 -3.42 5.35 -2.23
N ILE A 10 -4.70 5.00 -2.28
CA ILE A 10 -5.21 4.07 -3.27
C ILE A 10 -4.88 4.54 -4.68
N PRO A 11 -5.33 5.76 -5.03
CA PRO A 11 -5.09 6.36 -6.34
C PRO A 11 -3.63 6.73 -6.54
N LYS A 12 -2.91 6.95 -5.44
CA LYS A 12 -1.51 7.32 -5.51
C LYS A 12 -0.71 6.31 -6.33
N LEU A 13 -1.07 5.04 -6.20
CA LEU A 13 -0.40 3.97 -6.95
C LEU A 13 -1.03 3.78 -8.32
N GLY A 14 -2.30 4.15 -8.44
CA GLY A 14 -2.99 4.02 -9.71
C GLY A 14 -2.34 4.81 -10.82
N GLU A 15 -1.64 5.88 -10.45
CA GLU A 15 -0.96 6.73 -11.42
C GLU A 15 0.00 5.92 -12.28
N LEU A 16 0.59 4.89 -11.68
CA LEU A 16 1.53 4.02 -12.39
C LEU A 16 0.80 2.86 -13.06
N LEU A 17 -0.46 2.69 -12.72
CA LEU A 17 -1.28 1.61 -13.28
C LEU A 17 -2.07 2.10 -14.48
N VAL A 18 -2.09 3.42 -14.68
CA VAL A 18 -2.81 4.02 -15.79
C VAL A 18 -2.02 3.92 -17.08
N GLY A 19 -0.70 3.87 -16.96
CA GLY A 19 0.16 3.78 -18.13
C GLY A 19 0.70 5.12 -18.57
N GLU A 20 0.84 6.04 -17.62
CA GLU A 20 1.34 7.37 -17.92
C GLU A 20 2.78 7.53 -17.43
N TYR A 21 3.72 6.96 -18.18
CA TYR A 21 5.13 7.04 -17.82
C TYR A 21 6.01 6.52 -18.95
N LYS A 22 7.32 6.58 -18.76
CA LYS A 22 8.27 6.12 -19.77
C LYS A 22 8.94 4.81 -19.33
N LEU A 23 8.13 3.79 -19.12
CA LEU A 23 8.64 2.48 -18.71
C LEU A 23 7.84 1.35 -19.34
N HIS A 24 8.31 0.12 -19.14
CA HIS A 24 7.62 -1.05 -19.69
C HIS A 24 6.49 -1.50 -18.77
N LYS A 25 5.75 -2.51 -19.21
CA LYS A 25 4.64 -3.04 -18.43
C LYS A 25 5.14 -3.80 -17.21
N GLY A 26 6.37 -4.31 -17.30
CA GLY A 26 6.94 -5.06 -16.20
C GLY A 26 6.90 -4.28 -14.89
N VAL A 27 6.88 -2.96 -14.99
CA VAL A 27 6.85 -2.11 -13.80
C VAL A 27 5.48 -2.18 -13.13
N LYS A 28 4.43 -2.37 -13.93
CA LYS A 28 3.08 -2.45 -13.42
C LYS A 28 2.93 -3.63 -12.46
N LYS A 29 3.78 -4.64 -12.64
CA LYS A 29 3.73 -5.83 -11.79
C LYS A 29 4.16 -5.48 -10.36
N ASN A 30 5.13 -4.59 -10.24
CA ASN A 30 5.62 -4.17 -8.93
C ASN A 30 4.65 -3.22 -8.25
N ILE A 31 4.09 -2.30 -9.03
CA ILE A 31 3.13 -1.33 -8.52
C ILE A 31 1.81 -1.99 -8.15
N GLU A 32 1.25 -2.75 -9.10
CA GLU A 32 -0.01 -3.44 -8.87
C GLU A 32 0.05 -4.27 -7.60
N ASP A 33 1.23 -4.78 -7.28
CA ASP A 33 1.42 -5.60 -6.10
C ASP A 33 1.24 -4.77 -4.84
N LEU A 34 1.66 -3.51 -4.89
CA LEU A 34 1.54 -2.61 -3.75
C LEU A 34 0.09 -2.19 -3.54
N LEU A 35 -0.60 -1.89 -4.64
CA LEU A 35 -2.00 -1.48 -4.57
C LEU A 35 -2.89 -2.64 -4.15
N LYS A 36 -2.53 -3.84 -4.56
CA LYS A 36 -3.30 -5.03 -4.23
C LYS A 36 -3.37 -5.23 -2.72
N GLU A 37 -2.21 -5.14 -2.06
CA GLU A 37 -2.16 -5.31 -0.61
C GLU A 37 -2.74 -4.09 0.10
N LEU A 38 -2.59 -2.92 -0.51
CA LEU A 38 -3.09 -1.68 0.06
C LEU A 38 -4.61 -1.66 0.03
N LYS A 39 -5.19 -2.20 -1.04
CA LYS A 39 -6.64 -2.24 -1.18
C LYS A 39 -7.29 -2.92 0.01
N THR A 40 -6.69 -4.02 0.47
CA THR A 40 -7.22 -4.76 1.61
C THR A 40 -7.20 -3.90 2.87
N MET A 41 -6.09 -3.20 3.10
CA MET A 41 -5.96 -2.35 4.27
C MET A 41 -7.01 -1.24 4.26
N ASN A 42 -7.07 -0.50 3.15
CA ASN A 42 -8.03 0.59 3.02
C ASN A 42 -9.47 0.06 3.07
N ALA A 43 -9.67 -1.12 2.50
CA ALA A 43 -10.99 -1.73 2.48
C ALA A 43 -11.40 -2.20 3.88
N ALA A 44 -10.41 -2.60 4.67
CA ALA A 44 -10.66 -3.08 6.02
C ALA A 44 -11.43 -2.04 6.84
N LEU A 45 -10.95 -0.80 6.82
CA LEU A 45 -11.59 0.28 7.56
C LEU A 45 -13.06 0.43 7.13
N ILE A 46 -13.35 -0.01 5.91
CA ILE A 46 -14.72 0.07 5.39
C ILE A 46 -15.62 -0.98 6.02
N LYS A 47 -15.10 -2.20 6.13
CA LYS A 47 -15.86 -3.30 6.73
C LYS A 47 -15.90 -3.17 8.25
N ILE A 48 -14.74 -2.99 8.86
CA ILE A 48 -14.63 -2.85 10.31
C ILE A 48 -15.21 -1.52 10.77
N GLY A 49 -15.23 -0.55 9.87
CA GLY A 49 -15.76 0.76 10.21
C GLY A 49 -17.27 0.75 10.41
N GLU A 50 -17.90 -0.34 9.98
CA GLU A 50 -19.35 -0.48 10.11
C GLU A 50 -19.77 -0.42 11.58
N VAL A 51 -18.91 -0.95 12.45
CA VAL A 51 -19.19 -0.95 13.88
C VAL A 51 -18.50 0.21 14.59
N PRO A 52 -19.08 0.66 15.71
CA PRO A 52 -18.53 1.77 16.50
C PRO A 52 -17.24 1.38 17.20
N PRO A 53 -16.53 2.40 17.74
CA PRO A 53 -15.27 2.21 18.45
C PRO A 53 -15.46 1.50 19.79
N ASP A 54 -16.72 1.34 20.19
CA ASP A 54 -17.03 0.69 21.45
C ASP A 54 -16.85 -0.83 21.35
N GLN A 55 -16.98 -1.34 20.13
CA GLN A 55 -16.82 -2.77 19.88
C GLN A 55 -15.36 -3.12 19.61
N LEU A 56 -14.61 -2.15 19.12
CA LEU A 56 -13.19 -2.37 18.82
C LEU A 56 -12.36 -2.32 20.09
N ASP A 57 -11.13 -2.84 20.01
CA ASP A 57 -10.23 -2.86 21.15
C ASP A 57 -9.22 -1.71 21.07
N SER A 58 -8.50 -1.49 22.17
CA SER A 58 -7.51 -0.42 22.21
C SER A 58 -6.49 -0.57 21.09
N GLN A 59 -6.30 -1.80 20.63
CA GLN A 59 -5.36 -2.06 19.55
C GLN A 59 -5.86 -1.49 18.23
N ASP A 60 -7.18 -1.35 18.11
CA ASP A 60 -7.79 -0.82 16.90
C ASP A 60 -7.15 0.51 16.51
N LYS A 61 -7.08 1.42 17.47
CA LYS A 61 -6.50 2.74 17.23
C LYS A 61 -5.07 2.61 16.69
N LEU A 62 -4.34 1.62 17.19
CA LEU A 62 -2.97 1.39 16.75
C LEU A 62 -2.94 0.71 15.39
N TRP A 63 -4.00 -0.02 15.08
CA TRP A 63 -4.10 -0.73 13.80
C TRP A 63 -4.11 0.25 12.64
N ALA A 64 -4.91 1.30 12.75
CA ALA A 64 -5.00 2.32 11.71
C ALA A 64 -3.66 2.99 11.48
N ASP A 65 -3.00 3.40 12.57
CA ASP A 65 -1.71 4.06 12.48
C ASP A 65 -0.64 3.08 12.00
N GLU A 66 -0.82 1.81 12.33
CA GLU A 66 0.13 0.77 11.94
C GLU A 66 0.29 0.73 10.42
N VAL A 67 -0.82 0.96 9.71
CA VAL A 67 -0.80 0.94 8.26
C VAL A 67 -0.15 2.20 7.69
N ARG A 68 -0.32 3.31 8.40
CA ARG A 68 0.25 4.58 7.98
C ARG A 68 1.74 4.44 7.68
N GLU A 69 2.45 3.75 8.57
CA GLU A 69 3.88 3.54 8.41
C GLU A 69 4.20 2.96 7.03
N LEU A 70 3.27 2.15 6.52
CA LEU A 70 3.45 1.53 5.21
C LEU A 70 3.25 2.54 4.09
N SER A 71 2.39 3.52 4.33
CA SER A 71 2.11 4.55 3.34
C SER A 71 3.40 5.21 2.85
N TYR A 72 4.35 5.37 3.77
CA TYR A 72 5.64 5.97 3.43
C TYR A 72 6.34 5.20 2.32
N VAL A 73 6.14 3.88 2.29
CA VAL A 73 6.74 3.04 1.28
C VAL A 73 6.09 3.26 -0.08
N ILE A 74 4.80 3.58 -0.07
CA ILE A 74 4.07 3.82 -1.31
C ILE A 74 4.75 4.89 -2.16
N GLU A 75 5.38 5.86 -1.49
CA GLU A 75 6.07 6.94 -2.16
C GLU A 75 7.04 6.38 -3.21
N ASP A 76 7.65 5.25 -2.90
CA ASP A 76 8.60 4.62 -3.80
C ASP A 76 8.00 4.43 -5.19
N ALA A 77 6.68 4.28 -5.24
CA ALA A 77 5.98 4.10 -6.51
C ALA A 77 6.33 5.21 -7.49
N VAL A 78 6.18 6.45 -7.06
CA VAL A 78 6.48 7.61 -7.91
C VAL A 78 7.98 7.83 -8.01
N ASP A 79 8.72 7.38 -6.99
CA ASP A 79 10.17 7.52 -6.97
C ASP A 79 10.80 6.80 -8.16
N LYS A 80 10.13 5.75 -8.64
CA LYS A 80 10.63 4.98 -9.76
C LYS A 80 10.90 5.87 -10.97
N PHE A 81 9.98 6.81 -11.21
CA PHE A 81 10.12 7.72 -12.34
C PHE A 81 11.19 8.78 -12.04
N LEU A 82 11.33 9.14 -10.78
CA LEU A 82 12.30 10.14 -10.36
C LEU A 82 13.72 9.58 -10.46
N VAL A 83 13.83 8.28 -10.70
CA VAL A 83 15.13 7.63 -10.83
C VAL A 83 16.03 8.38 -11.80
N ARG A 84 15.42 9.02 -12.79
CA ARG A 84 16.17 9.77 -13.79
C ARG A 84 17.01 10.86 -13.13
N VAL A 85 16.35 11.82 -12.50
CA VAL A 85 17.03 12.91 -11.83
C VAL A 85 17.99 12.40 -10.77
N HIS A 86 17.73 11.18 -10.29
CA HIS A 86 18.57 10.57 -9.27
C HIS A 86 19.91 10.16 -9.84
N GLY A 87 20.00 10.11 -11.17
CA GLY A 87 21.23 9.72 -11.82
C GLY A 87 21.29 8.24 -12.12
N VAL A 88 20.61 7.45 -11.31
CA VAL A 88 20.59 6.00 -11.49
C VAL A 88 19.44 5.57 -12.39
N GLU A 89 19.47 4.31 -12.81
CA GLU A 89 18.41 3.78 -13.67
C GLU A 89 17.53 2.80 -12.91
N PRO A 90 16.29 2.60 -13.40
CA PRO A 90 15.33 1.69 -12.78
C PRO A 90 15.73 0.23 -12.95
N ASP A 91 15.39 -0.59 -11.96
CA ASP A 91 15.71 -2.01 -11.99
C ASP A 91 14.70 -2.81 -11.16
N ASP A 92 14.80 -4.14 -11.26
CA ASP A 92 13.90 -5.02 -10.51
C ASP A 92 14.49 -5.35 -9.14
N ASN A 93 15.74 -5.81 -9.14
CA ASN A 93 16.42 -6.16 -7.89
C ASN A 93 16.56 -4.95 -6.98
N THR A 94 16.61 -3.77 -7.58
CA THR A 94 16.74 -2.53 -6.83
C THR A 94 15.44 -2.16 -6.13
N ASN A 95 14.32 -2.64 -6.67
CA ASN A 95 13.01 -2.37 -6.11
C ASN A 95 12.96 -2.75 -4.63
N GLY A 96 13.79 -3.72 -4.25
CA GLY A 96 13.82 -4.16 -2.87
C GLY A 96 12.46 -4.58 -2.35
N PHE A 97 11.74 -5.36 -3.17
CA PHE A 97 10.41 -5.83 -2.80
C PHE A 97 10.50 -7.02 -1.85
N LYS A 98 11.61 -7.75 -1.94
CA LYS A 98 11.83 -8.91 -1.09
C LYS A 98 11.62 -8.56 0.38
N GLY A 99 12.07 -7.37 0.77
CA GLY A 99 11.93 -6.94 2.14
C GLY A 99 10.55 -6.37 2.43
N LEU A 100 10.11 -5.44 1.59
CA LEU A 100 8.80 -4.82 1.76
C LEU A 100 7.70 -5.88 1.80
N MET A 101 7.95 -7.02 1.18
CA MET A 101 6.99 -8.10 1.15
C MET A 101 6.55 -8.49 2.56
N LYS A 102 7.53 -8.72 3.44
CA LYS A 102 7.25 -9.09 4.82
C LYS A 102 6.63 -7.92 5.59
N ARG A 103 7.15 -6.71 5.33
CA ARG A 103 6.66 -5.52 5.99
C ARG A 103 5.15 -5.38 5.82
N THR A 104 4.66 -5.73 4.62
CA THR A 104 3.24 -5.65 4.33
C THR A 104 2.50 -6.89 4.82
N THR A 105 3.03 -8.06 4.50
CA THR A 105 2.43 -9.32 4.90
C THR A 105 2.16 -9.33 6.41
N LYS A 106 3.06 -8.74 7.17
CA LYS A 106 2.92 -8.69 8.62
C LYS A 106 1.56 -8.13 9.02
N LEU A 107 1.15 -7.06 8.34
CA LEU A 107 -0.14 -6.43 8.62
C LEU A 107 -1.29 -7.25 8.02
N LEU A 108 -1.01 -7.94 6.93
CA LEU A 108 -2.01 -8.76 6.27
C LEU A 108 -2.52 -9.86 7.20
N LYS A 109 -1.68 -10.24 8.17
CA LYS A 109 -2.04 -11.27 9.13
C LYS A 109 -3.33 -10.92 9.87
N LYS A 110 -3.65 -9.62 9.89
CA LYS A 110 -4.86 -9.15 10.56
C LYS A 110 -6.06 -9.23 9.62
N VAL A 111 -5.82 -9.08 8.32
CA VAL A 111 -6.88 -9.13 7.33
C VAL A 111 -7.26 -10.58 7.02
N VAL A 112 -6.30 -11.48 7.15
CA VAL A 112 -6.53 -12.89 6.87
C VAL A 112 -7.64 -13.44 7.76
N ASP A 113 -7.85 -12.81 8.91
CA ASP A 113 -8.88 -13.24 9.84
C ASP A 113 -10.28 -12.85 9.32
N LYS A 114 -10.30 -12.01 8.29
CA LYS A 114 -11.56 -11.56 7.71
C LYS A 114 -11.95 -12.43 6.51
N HIS A 115 -11.05 -12.51 5.54
CA HIS A 115 -11.29 -13.31 4.34
C HIS A 115 -10.18 -14.33 4.14
N GLY A 116 -9.00 -14.03 4.66
CA GLY A 116 -7.87 -14.94 4.53
C GLY A 116 -6.88 -14.46 3.48
N ILE A 117 -6.70 -13.16 3.39
CA ILE A 117 -5.77 -12.57 2.42
C ILE A 117 -4.39 -13.24 2.52
N ALA A 118 -4.06 -14.03 1.51
CA ALA A 118 -2.77 -14.72 1.48
C ALA A 118 -1.86 -14.12 0.41
N SER A 1 -12.01 13.36 5.07
CA SER A 1 -12.17 12.07 5.73
C SER A 1 -11.05 11.82 6.74
N ASN A 2 -11.34 11.04 7.76
CA ASN A 2 -10.36 10.73 8.80
C ASN A 2 -9.28 9.80 8.26
N ALA A 3 -9.70 8.82 7.47
CA ALA A 3 -8.77 7.85 6.88
C ALA A 3 -8.54 8.14 5.41
N GLY A 4 -8.95 9.33 4.97
CA GLY A 4 -8.78 9.70 3.58
C GLY A 4 -7.33 9.56 3.11
N ALA A 5 -6.40 9.66 4.04
CA ALA A 5 -4.99 9.55 3.72
C ALA A 5 -4.67 8.17 3.12
N ILE A 6 -5.29 7.13 3.66
CA ILE A 6 -5.08 5.78 3.18
C ILE A 6 -5.80 5.55 1.86
N ALA A 7 -6.96 6.17 1.71
CA ALA A 7 -7.75 6.05 0.49
C ALA A 7 -7.12 6.81 -0.67
N LYS A 8 -6.43 7.90 -0.34
CA LYS A 8 -5.76 8.72 -1.35
C LYS A 8 -4.62 7.96 -2.00
N LEU A 9 -4.22 6.84 -1.38
CA LEU A 9 -3.14 6.02 -1.90
C LEU A 9 -3.63 5.11 -3.02
N ILE A 10 -4.93 4.86 -3.05
CA ILE A 10 -5.53 4.02 -4.07
C ILE A 10 -5.16 4.50 -5.47
N PRO A 11 -5.50 5.77 -5.76
CA PRO A 11 -5.21 6.38 -7.06
C PRO A 11 -3.73 6.63 -7.27
N LYS A 12 -3.00 6.81 -6.18
CA LYS A 12 -1.57 7.06 -6.24
C LYS A 12 -0.86 5.97 -7.04
N LEU A 13 -1.39 4.76 -6.98
CA LEU A 13 -0.81 3.64 -7.71
C LEU A 13 -1.37 3.56 -9.12
N GLY A 14 -2.61 4.00 -9.29
CA GLY A 14 -3.24 3.99 -10.61
C GLY A 14 -2.45 4.77 -11.64
N GLU A 15 -1.76 5.81 -11.19
CA GLU A 15 -0.96 6.64 -12.08
C GLU A 15 0.08 5.81 -12.81
N LEU A 16 0.58 4.78 -12.15
CA LEU A 16 1.58 3.90 -12.74
C LEU A 16 0.93 2.72 -13.46
N LEU A 17 -0.35 2.50 -13.17
CA LEU A 17 -1.09 1.42 -13.79
C LEU A 17 -1.79 1.88 -15.07
N VAL A 18 -1.93 3.20 -15.21
CA VAL A 18 -2.56 3.78 -16.38
C VAL A 18 -1.62 3.82 -17.57
N GLY A 19 -0.32 3.82 -17.29
CA GLY A 19 0.67 3.85 -18.34
C GLY A 19 1.48 5.15 -18.34
N GLU A 20 0.96 6.16 -17.66
CA GLU A 20 1.63 7.45 -17.59
C GLU A 20 2.86 7.37 -16.68
N TYR A 21 3.95 6.83 -17.23
CA TYR A 21 5.20 6.71 -16.48
C TYR A 21 6.34 6.30 -17.40
N LYS A 22 7.56 6.61 -16.97
CA LYS A 22 8.75 6.27 -17.76
C LYS A 22 9.54 5.14 -17.10
N LEU A 23 8.98 3.93 -17.16
CA LEU A 23 9.63 2.77 -16.57
C LEU A 23 9.34 1.51 -17.40
N HIS A 24 9.99 0.41 -17.04
CA HIS A 24 9.80 -0.85 -17.74
C HIS A 24 8.38 -1.37 -17.56
N LYS A 25 7.98 -2.31 -18.40
CA LYS A 25 6.65 -2.88 -18.34
C LYS A 25 6.50 -3.78 -17.10
N GLY A 26 7.49 -4.63 -16.88
CA GLY A 26 7.45 -5.52 -15.74
C GLY A 26 7.20 -4.79 -14.43
N VAL A 27 7.69 -3.55 -14.35
CA VAL A 27 7.52 -2.74 -13.15
C VAL A 27 6.06 -2.66 -12.74
N LYS A 28 5.17 -2.73 -13.73
CA LYS A 28 3.74 -2.67 -13.47
C LYS A 28 3.31 -3.78 -12.51
N LYS A 29 3.85 -4.98 -12.72
CA LYS A 29 3.53 -6.12 -11.87
C LYS A 29 3.71 -5.77 -10.40
N ASN A 30 4.64 -4.86 -10.11
CA ASN A 30 4.91 -4.43 -8.75
C ASN A 30 3.82 -3.49 -8.25
N ILE A 31 3.54 -2.45 -9.03
CA ILE A 31 2.52 -1.47 -8.66
C ILE A 31 1.17 -2.14 -8.48
N GLU A 32 0.75 -2.90 -9.48
CA GLU A 32 -0.54 -3.59 -9.43
C GLU A 32 -0.65 -4.43 -8.17
N ASP A 33 0.48 -4.95 -7.70
CA ASP A 33 0.51 -5.78 -6.50
C ASP A 33 0.30 -4.92 -5.25
N LEU A 34 0.76 -3.68 -5.30
CA LEU A 34 0.62 -2.77 -4.17
C LEU A 34 -0.82 -2.28 -4.05
N LEU A 35 -1.45 -2.02 -5.18
CA LEU A 35 -2.83 -1.55 -5.19
C LEU A 35 -3.78 -2.65 -4.72
N LYS A 36 -3.46 -3.89 -5.06
CA LYS A 36 -4.28 -5.03 -4.67
C LYS A 36 -4.36 -5.15 -3.15
N GLU A 37 -3.24 -4.89 -2.48
CA GLU A 37 -3.19 -4.97 -1.03
C GLU A 37 -3.87 -3.76 -0.39
N LEU A 38 -3.62 -2.58 -0.94
CA LEU A 38 -4.22 -1.35 -0.42
C LEU A 38 -5.73 -1.35 -0.64
N LYS A 39 -6.17 -2.03 -1.69
CA LYS A 39 -7.60 -2.11 -2.00
C LYS A 39 -8.36 -2.80 -0.89
N THR A 40 -7.73 -3.78 -0.26
CA THR A 40 -8.35 -4.54 0.83
C THR A 40 -8.24 -3.77 2.14
N MET A 41 -7.04 -3.24 2.41
CA MET A 41 -6.81 -2.48 3.63
C MET A 41 -7.70 -1.24 3.69
N ASN A 42 -7.71 -0.47 2.62
CA ASN A 42 -8.51 0.75 2.55
C ASN A 42 -9.97 0.44 2.88
N ALA A 43 -10.50 -0.62 2.27
CA ALA A 43 -11.88 -1.01 2.50
C ALA A 43 -12.06 -1.59 3.91
N ALA A 44 -11.00 -2.14 4.45
CA ALA A 44 -11.03 -2.73 5.78
C ALA A 44 -11.36 -1.68 6.83
N LEU A 45 -10.66 -0.56 6.78
CA LEU A 45 -10.88 0.53 7.72
C LEU A 45 -12.34 0.97 7.72
N ILE A 46 -13.01 0.75 6.60
CA ILE A 46 -14.42 1.13 6.48
C ILE A 46 -15.31 0.16 7.25
N LYS A 47 -15.02 -1.12 7.13
CA LYS A 47 -15.80 -2.14 7.83
C LYS A 47 -15.45 -2.19 9.31
N ILE A 48 -14.16 -2.27 9.61
CA ILE A 48 -13.70 -2.31 10.99
C ILE A 48 -13.89 -0.96 11.68
N GLY A 49 -13.96 0.09 10.88
CA GLY A 49 -14.14 1.43 11.43
C GLY A 49 -15.60 1.75 11.68
N GLU A 50 -16.49 1.00 11.05
CA GLU A 50 -17.92 1.21 11.21
C GLU A 50 -18.37 0.88 12.62
N VAL A 51 -17.72 -0.11 13.23
CA VAL A 51 -18.05 -0.53 14.58
C VAL A 51 -17.73 0.56 15.59
N PRO A 52 -18.45 0.56 16.71
CA PRO A 52 -18.26 1.56 17.79
C PRO A 52 -16.94 1.36 18.52
N PRO A 53 -16.56 2.36 19.34
CA PRO A 53 -15.33 2.31 20.11
C PRO A 53 -15.38 1.29 21.24
N ASP A 54 -16.56 0.73 21.47
CA ASP A 54 -16.75 -0.27 22.51
C ASP A 54 -16.03 -1.57 22.16
N GLN A 55 -15.84 -1.81 20.87
CA GLN A 55 -15.16 -3.01 20.40
C GLN A 55 -13.68 -2.75 20.17
N LEU A 56 -13.34 -1.50 19.90
CA LEU A 56 -11.96 -1.12 19.66
C LEU A 56 -11.08 -1.46 20.87
N ASP A 57 -9.91 -2.02 20.59
CA ASP A 57 -8.98 -2.40 21.65
C ASP A 57 -7.66 -1.64 21.52
N SER A 58 -6.73 -1.91 22.43
CA SER A 58 -5.43 -1.25 22.41
C SER A 58 -4.62 -1.68 21.19
N GLN A 59 -4.82 -2.92 20.76
CA GLN A 59 -4.11 -3.45 19.61
C GLN A 59 -4.69 -2.90 18.31
N ASP A 60 -6.00 -2.74 18.28
CA ASP A 60 -6.68 -2.21 17.09
C ASP A 60 -6.11 -0.85 16.71
N LYS A 61 -5.81 -0.04 17.71
CA LYS A 61 -5.26 1.30 17.48
C LYS A 61 -3.91 1.22 16.78
N LEU A 62 -3.13 0.20 17.13
CA LEU A 62 -1.81 0.02 16.54
C LEU A 62 -1.92 -0.43 15.09
N TRP A 63 -2.99 -1.16 14.79
CA TRP A 63 -3.22 -1.65 13.43
C TRP A 63 -3.37 -0.50 12.46
N ALA A 64 -4.16 0.51 12.84
CA ALA A 64 -4.38 1.67 11.99
C ALA A 64 -3.05 2.32 11.58
N ASP A 65 -2.08 2.25 12.47
CA ASP A 65 -0.76 2.82 12.19
C ASP A 65 0.02 1.96 11.21
N GLU A 66 -0.06 0.64 11.40
CA GLU A 66 0.64 -0.30 10.54
C GLU A 66 0.24 -0.10 9.08
N VAL A 67 -1.01 0.27 8.85
CA VAL A 67 -1.52 0.50 7.51
C VAL A 67 -1.00 1.82 6.95
N ARG A 68 -0.96 2.84 7.80
CA ARG A 68 -0.48 4.16 7.39
C ARG A 68 0.98 4.10 6.97
N GLU A 69 1.82 3.55 7.84
CA GLU A 69 3.26 3.44 7.57
C GLU A 69 3.49 2.75 6.23
N LEU A 70 2.61 1.83 5.87
CA LEU A 70 2.73 1.09 4.62
C LEU A 70 2.74 2.06 3.43
N SER A 71 1.95 3.12 3.53
CA SER A 71 1.88 4.12 2.47
C SER A 71 3.26 4.63 2.10
N TYR A 72 4.14 4.70 3.09
CA TYR A 72 5.51 5.18 2.87
C TYR A 72 6.18 4.41 1.74
N VAL A 73 5.80 3.15 1.57
CA VAL A 73 6.36 2.31 0.51
C VAL A 73 5.76 2.67 -0.84
N ILE A 74 4.50 3.08 -0.84
CA ILE A 74 3.82 3.45 -2.07
C ILE A 74 4.50 4.64 -2.75
N GLU A 75 5.10 5.50 -1.94
CA GLU A 75 5.79 6.67 -2.47
C GLU A 75 6.80 6.28 -3.55
N ASP A 76 7.42 5.12 -3.37
CA ASP A 76 8.39 4.62 -4.33
C ASP A 76 7.79 4.50 -5.72
N ALA A 77 6.50 4.19 -5.77
CA ALA A 77 5.79 4.06 -7.05
C ALA A 77 5.92 5.33 -7.88
N VAL A 78 5.61 6.46 -7.26
CA VAL A 78 5.68 7.75 -7.95
C VAL A 78 7.12 8.27 -7.98
N ASP A 79 7.91 7.89 -6.99
CA ASP A 79 9.30 8.31 -6.90
C ASP A 79 10.13 7.67 -8.01
N LYS A 80 9.71 6.49 -8.46
CA LYS A 80 10.41 5.78 -9.52
C LYS A 80 10.54 6.64 -10.76
N PHE A 81 9.60 7.57 -10.94
CA PHE A 81 9.61 8.46 -12.09
C PHE A 81 10.68 9.52 -11.95
N LEU A 82 10.95 9.93 -10.70
CA LEU A 82 11.96 10.94 -10.42
C LEU A 82 13.37 10.39 -10.62
N VAL A 83 13.46 9.07 -10.82
CA VAL A 83 14.74 8.41 -11.02
C VAL A 83 15.55 9.11 -12.10
N ARG A 84 14.86 9.73 -13.05
CA ARG A 84 15.51 10.44 -14.15
C ARG A 84 16.08 11.77 -13.66
N VAL A 85 15.22 12.62 -13.14
CA VAL A 85 15.63 13.93 -12.64
C VAL A 85 16.66 13.78 -11.53
N HIS A 86 16.64 12.65 -10.84
CA HIS A 86 17.59 12.39 -9.76
C HIS A 86 18.98 12.10 -10.31
N GLY A 87 19.06 11.82 -11.61
CA GLY A 87 20.34 11.53 -12.23
C GLY A 87 20.95 10.25 -11.72
N VAL A 88 20.12 9.39 -11.13
CA VAL A 88 20.59 8.11 -10.59
C VAL A 88 20.29 6.97 -11.56
N GLU A 89 21.19 6.00 -11.61
CA GLU A 89 21.03 4.85 -12.49
C GLU A 89 19.88 3.97 -12.03
N PRO A 90 19.26 3.24 -12.98
CA PRO A 90 18.13 2.35 -12.69
C PRO A 90 18.56 1.13 -11.88
N ASP A 91 17.64 0.61 -11.09
CA ASP A 91 17.91 -0.57 -10.25
C ASP A 91 16.63 -1.35 -9.99
N ASP A 92 16.79 -2.65 -9.74
CA ASP A 92 15.65 -3.52 -9.47
C ASP A 92 15.51 -3.81 -7.98
N ASN A 93 16.65 -3.81 -7.28
CA ASN A 93 16.66 -4.06 -5.85
C ASN A 93 16.18 -2.86 -5.07
N THR A 94 16.38 -1.67 -5.64
CA THR A 94 15.97 -0.42 -5.00
C THR A 94 14.50 -0.47 -4.63
N ASN A 95 13.71 -1.20 -5.41
CA ASN A 95 12.28 -1.32 -5.16
C ASN A 95 12.01 -1.88 -3.76
N GLY A 96 12.96 -2.64 -3.24
CA GLY A 96 12.82 -3.21 -1.92
C GLY A 96 11.58 -4.06 -1.79
N PHE A 97 11.16 -4.68 -2.89
CA PHE A 97 9.98 -5.54 -2.90
C PHE A 97 10.08 -6.61 -1.83
N LYS A 98 11.30 -7.00 -1.49
CA LYS A 98 11.52 -8.02 -0.48
C LYS A 98 10.87 -7.64 0.84
N GLY A 99 11.13 -6.42 1.28
CA GLY A 99 10.56 -5.94 2.54
C GLY A 99 9.11 -5.50 2.38
N LEU A 100 8.80 -4.91 1.24
CA LEU A 100 7.45 -4.43 0.96
C LEU A 100 6.46 -5.59 0.97
N MET A 101 6.80 -6.66 0.26
CA MET A 101 5.94 -7.83 0.18
C MET A 101 5.70 -8.43 1.56
N LYS A 102 6.71 -8.35 2.41
CA LYS A 102 6.61 -8.87 3.77
C LYS A 102 5.85 -7.91 4.67
N ARG A 103 5.92 -6.62 4.36
CA ARG A 103 5.23 -5.61 5.15
C ARG A 103 3.74 -5.63 4.87
N THR A 104 3.37 -5.93 3.63
CA THR A 104 1.97 -5.98 3.24
C THR A 104 1.30 -7.25 3.78
N THR A 105 1.91 -8.39 3.52
CA THR A 105 1.38 -9.67 3.99
C THR A 105 1.08 -9.63 5.48
N LYS A 106 1.91 -8.92 6.23
CA LYS A 106 1.73 -8.80 7.67
C LYS A 106 0.34 -8.26 8.00
N LEU A 107 -0.07 -7.23 7.28
CA LEU A 107 -1.37 -6.61 7.50
C LEU A 107 -2.49 -7.50 6.98
N LEU A 108 -2.20 -8.23 5.91
CA LEU A 108 -3.17 -9.13 5.30
C LEU A 108 -3.47 -10.32 6.22
N LYS A 109 -2.51 -10.62 7.08
CA LYS A 109 -2.66 -11.74 8.03
C LYS A 109 -3.55 -11.34 9.20
N LYS A 110 -3.66 -10.04 9.44
CA LYS A 110 -4.48 -9.53 10.53
C LYS A 110 -5.95 -9.42 10.11
N VAL A 111 -6.17 -9.17 8.83
CA VAL A 111 -7.52 -9.06 8.29
C VAL A 111 -8.10 -10.42 7.97
N VAL A 112 -7.24 -11.34 7.52
CA VAL A 112 -7.68 -12.69 7.17
C VAL A 112 -8.10 -13.46 8.41
N ASP A 113 -7.78 -12.92 9.58
CA ASP A 113 -8.13 -13.56 10.85
C ASP A 113 -9.63 -13.43 11.13
N LYS A 114 -10.09 -12.19 11.25
CA LYS A 114 -11.50 -11.93 11.52
C LYS A 114 -12.27 -11.70 10.22
N HIS A 115 -11.76 -10.81 9.38
CA HIS A 115 -12.40 -10.51 8.11
C HIS A 115 -12.33 -11.72 7.17
N GLY A 116 -11.36 -12.59 7.40
CA GLY A 116 -11.21 -13.77 6.56
C GLY A 116 -10.68 -13.44 5.19
N ILE A 117 -10.33 -12.17 4.97
CA ILE A 117 -9.82 -11.72 3.68
C ILE A 117 -8.60 -12.54 3.27
N ALA A 118 -8.78 -13.38 2.26
CA ALA A 118 -7.69 -14.22 1.76
C ALA A 118 -7.24 -13.77 0.38
N SER A 1 -13.46 12.18 5.23
CA SER A 1 -13.17 10.79 5.57
C SER A 1 -11.98 10.71 6.53
N ASN A 2 -12.18 10.05 7.66
CA ASN A 2 -11.12 9.91 8.66
C ASN A 2 -9.96 9.09 8.11
N ALA A 3 -10.25 8.23 7.14
CA ALA A 3 -9.23 7.40 6.53
C ALA A 3 -8.89 7.89 5.12
N GLY A 4 -9.33 9.10 4.80
CA GLY A 4 -9.07 9.67 3.50
C GLY A 4 -7.60 9.61 3.12
N ALA A 5 -6.73 9.63 4.13
CA ALA A 5 -5.29 9.58 3.90
C ALA A 5 -4.91 8.35 3.10
N ILE A 6 -5.44 7.20 3.48
CA ILE A 6 -5.15 5.95 2.79
C ILE A 6 -5.91 5.86 1.47
N ALA A 7 -7.10 6.45 1.44
CA ALA A 7 -7.93 6.44 0.24
C ALA A 7 -7.26 7.21 -0.90
N LYS A 8 -6.62 8.33 -0.54
CA LYS A 8 -5.94 9.16 -1.53
C LYS A 8 -4.77 8.41 -2.16
N LEU A 9 -4.38 7.31 -1.52
CA LEU A 9 -3.26 6.49 -2.03
C LEU A 9 -3.72 5.61 -3.18
N ILE A 10 -5.02 5.42 -3.30
CA ILE A 10 -5.58 4.59 -4.36
C ILE A 10 -5.09 5.05 -5.72
N PRO A 11 -5.34 6.32 -6.05
CA PRO A 11 -4.92 6.91 -7.33
C PRO A 11 -3.42 7.08 -7.42
N LYS A 12 -2.77 7.25 -6.28
CA LYS A 12 -1.32 7.42 -6.22
C LYS A 12 -0.61 6.30 -6.96
N LEU A 13 -1.16 5.10 -6.87
CA LEU A 13 -0.58 3.93 -7.54
C LEU A 13 -1.09 3.81 -8.97
N GLY A 14 -2.28 4.35 -9.22
CA GLY A 14 -2.86 4.29 -10.54
C GLY A 14 -2.08 5.10 -11.56
N GLU A 15 -1.34 6.10 -11.08
CA GLU A 15 -0.54 6.95 -11.95
C GLU A 15 0.43 6.12 -12.78
N LEU A 16 0.90 5.02 -12.20
CA LEU A 16 1.84 4.13 -12.89
C LEU A 16 1.09 3.07 -13.68
N LEU A 17 -0.19 2.90 -13.38
CA LEU A 17 -1.00 1.91 -14.07
C LEU A 17 -1.65 2.52 -15.32
N VAL A 18 -1.67 3.84 -15.39
CA VAL A 18 -2.24 4.54 -16.52
C VAL A 18 -1.27 4.58 -17.70
N GLY A 19 0.02 4.41 -17.39
CA GLY A 19 1.03 4.43 -18.43
C GLY A 19 1.83 5.72 -18.45
N GLU A 20 1.85 6.41 -17.31
CA GLU A 20 2.59 7.66 -17.19
C GLU A 20 3.92 7.45 -16.47
N TYR A 21 4.89 6.90 -17.19
CA TYR A 21 6.21 6.65 -16.62
C TYR A 21 7.20 6.25 -17.71
N LYS A 22 8.49 6.30 -17.38
CA LYS A 22 9.54 5.95 -18.32
C LYS A 22 10.18 4.61 -17.94
N LEU A 23 9.37 3.56 -17.94
CA LEU A 23 9.85 2.22 -17.60
C LEU A 23 9.18 1.16 -18.46
N HIS A 24 9.65 -0.08 -18.34
CA HIS A 24 9.08 -1.18 -19.10
C HIS A 24 7.84 -1.74 -18.41
N LYS A 25 7.23 -2.75 -19.03
CA LYS A 25 6.03 -3.37 -18.47
C LYS A 25 6.37 -4.19 -17.23
N GLY A 26 7.61 -4.64 -17.14
CA GLY A 26 8.04 -5.43 -16.00
C GLY A 26 8.11 -4.61 -14.73
N VAL A 27 8.28 -3.30 -14.88
CA VAL A 27 8.37 -2.40 -13.73
C VAL A 27 6.98 -2.09 -13.17
N LYS A 28 6.08 -1.67 -14.06
CA LYS A 28 4.72 -1.33 -13.65
C LYS A 28 4.07 -2.50 -12.91
N LYS A 29 4.51 -3.71 -13.22
CA LYS A 29 3.98 -4.91 -12.58
C LYS A 29 4.09 -4.82 -11.07
N ASN A 30 5.09 -4.07 -10.60
CA ASN A 30 5.30 -3.91 -9.16
C ASN A 30 4.28 -2.94 -8.57
N ILE A 31 3.88 -1.96 -9.36
CA ILE A 31 2.90 -0.98 -8.91
C ILE A 31 1.50 -1.59 -8.82
N GLU A 32 1.07 -2.22 -9.91
CA GLU A 32 -0.25 -2.85 -9.96
C GLU A 32 -0.42 -3.84 -8.82
N ASP A 33 0.69 -4.43 -8.39
CA ASP A 33 0.66 -5.40 -7.29
C ASP A 33 0.31 -4.73 -5.97
N LEU A 34 0.88 -3.54 -5.75
CA LEU A 34 0.64 -2.80 -4.52
C LEU A 34 -0.80 -2.31 -4.47
N LEU A 35 -1.28 -1.78 -5.59
CA LEU A 35 -2.65 -1.28 -5.68
C LEU A 35 -3.66 -2.40 -5.43
N LYS A 36 -3.32 -3.60 -5.88
CA LYS A 36 -4.19 -4.75 -5.70
C LYS A 36 -4.51 -4.98 -4.22
N GLU A 37 -3.48 -4.99 -3.39
CA GLU A 37 -3.65 -5.19 -1.95
C GLU A 37 -4.19 -3.93 -1.30
N LEU A 38 -3.74 -2.78 -1.76
CA LEU A 38 -4.18 -1.49 -1.21
C LEU A 38 -5.68 -1.31 -1.41
N LYS A 39 -6.18 -1.72 -2.57
CA LYS A 39 -7.60 -1.60 -2.87
C LYS A 39 -8.45 -2.25 -1.78
N THR A 40 -7.99 -3.40 -1.29
CA THR A 40 -8.71 -4.12 -0.24
C THR A 40 -8.47 -3.49 1.12
N MET A 41 -7.28 -2.92 1.31
CA MET A 41 -6.93 -2.28 2.58
C MET A 41 -7.84 -1.09 2.86
N ASN A 42 -7.98 -0.23 1.86
CA ASN A 42 -8.83 0.96 2.00
C ASN A 42 -10.25 0.57 2.38
N ALA A 43 -10.79 -0.43 1.70
CA ALA A 43 -12.14 -0.91 1.96
C ALA A 43 -12.21 -1.65 3.31
N ALA A 44 -11.08 -2.23 3.71
CA ALA A 44 -11.02 -2.96 4.96
C ALA A 44 -11.34 -2.06 6.15
N LEU A 45 -10.71 -0.90 6.19
CA LEU A 45 -10.93 0.06 7.27
C LEU A 45 -12.42 0.38 7.41
N ILE A 46 -13.15 0.26 6.31
CA ILE A 46 -14.59 0.54 6.31
C ILE A 46 -15.36 -0.57 7.01
N LYS A 47 -15.02 -1.82 6.68
CA LYS A 47 -15.69 -2.97 7.28
C LYS A 47 -15.25 -3.15 8.73
N ILE A 48 -13.95 -3.16 8.96
CA ILE A 48 -13.41 -3.33 10.29
C ILE A 48 -13.66 -2.09 11.15
N GLY A 49 -13.82 -0.95 10.49
CA GLY A 49 -14.07 0.29 11.20
C GLY A 49 -15.55 0.58 11.37
N GLU A 50 -16.36 -0.47 11.27
CA GLU A 50 -17.81 -0.32 11.40
C GLU A 50 -18.27 -0.71 12.81
N VAL A 51 -17.49 -1.57 13.45
CA VAL A 51 -17.82 -2.03 14.80
C VAL A 51 -17.71 -0.89 15.80
N PRO A 52 -18.48 -0.99 16.90
CA PRO A 52 -18.49 0.03 17.95
C PRO A 52 -17.19 0.04 18.76
N PRO A 53 -17.01 1.09 19.57
CA PRO A 53 -15.82 1.25 20.40
C PRO A 53 -15.77 0.23 21.54
N ASP A 54 -16.86 -0.51 21.72
CA ASP A 54 -16.94 -1.51 22.77
C ASP A 54 -16.05 -2.71 22.45
N GLN A 55 -15.79 -2.92 21.16
CA GLN A 55 -14.95 -4.02 20.72
C GLN A 55 -13.52 -3.55 20.48
N LEU A 56 -13.36 -2.27 20.17
CA LEU A 56 -12.04 -1.71 19.93
C LEU A 56 -11.09 -2.03 21.07
N ASP A 57 -9.85 -2.37 20.72
CA ASP A 57 -8.83 -2.71 21.71
C ASP A 57 -7.65 -1.75 21.62
N SER A 58 -6.68 -1.93 22.51
CA SER A 58 -5.50 -1.08 22.54
C SER A 58 -4.62 -1.34 21.32
N GLN A 59 -4.64 -2.57 20.83
CA GLN A 59 -3.84 -2.96 19.67
C GLN A 59 -4.54 -2.55 18.38
N ASP A 60 -5.86 -2.45 18.43
CA ASP A 60 -6.65 -2.09 17.26
C ASP A 60 -6.12 -0.79 16.64
N LYS A 61 -5.75 0.16 17.50
CA LYS A 61 -5.23 1.44 17.03
C LYS A 61 -3.82 1.27 16.47
N LEU A 62 -3.07 0.36 17.05
CA LEU A 62 -1.69 0.10 16.62
C LEU A 62 -1.67 -0.39 15.17
N TRP A 63 -2.75 -1.05 14.75
CA TRP A 63 -2.85 -1.57 13.39
C TRP A 63 -3.09 -0.45 12.40
N ALA A 64 -3.99 0.47 12.75
CA ALA A 64 -4.31 1.60 11.88
C ALA A 64 -3.05 2.37 11.50
N ASP A 65 -2.05 2.34 12.37
CA ASP A 65 -0.79 3.04 12.11
C ASP A 65 0.04 2.29 11.08
N GLU A 66 -0.12 0.97 11.03
CA GLU A 66 0.62 0.15 10.08
C GLU A 66 0.11 0.38 8.66
N VAL A 67 -1.18 0.67 8.54
CA VAL A 67 -1.78 0.91 7.23
C VAL A 67 -1.38 2.28 6.69
N ARG A 68 -1.47 3.30 7.54
CA ARG A 68 -1.12 4.65 7.14
C ARG A 68 0.36 4.77 6.85
N GLU A 69 1.19 4.28 7.77
CA GLU A 69 2.63 4.33 7.62
C GLU A 69 3.06 3.68 6.30
N LEU A 70 2.32 2.66 5.89
CA LEU A 70 2.63 1.94 4.64
C LEU A 70 2.64 2.91 3.47
N SER A 71 1.87 3.99 3.57
CA SER A 71 1.81 4.98 2.51
C SER A 71 3.20 5.44 2.09
N TYR A 72 4.11 5.50 3.07
CA TYR A 72 5.48 5.92 2.80
C TYR A 72 6.13 5.03 1.76
N VAL A 73 5.78 3.75 1.79
CA VAL A 73 6.34 2.78 0.84
C VAL A 73 5.80 3.02 -0.57
N ILE A 74 4.51 3.33 -0.66
CA ILE A 74 3.87 3.58 -1.94
C ILE A 74 4.60 4.68 -2.71
N GLU A 75 5.19 5.62 -1.97
CA GLU A 75 5.92 6.73 -2.59
C GLU A 75 6.95 6.21 -3.59
N ASP A 76 7.54 5.06 -3.28
CA ASP A 76 8.54 4.46 -4.15
C ASP A 76 7.99 4.25 -5.56
N ALA A 77 6.69 4.01 -5.65
CA ALA A 77 6.03 3.80 -6.94
C ALA A 77 6.34 4.95 -7.90
N VAL A 78 6.16 6.18 -7.42
CA VAL A 78 6.41 7.36 -8.23
C VAL A 78 7.90 7.71 -8.25
N ASP A 79 8.61 7.30 -7.20
CA ASP A 79 10.03 7.57 -7.09
C ASP A 79 10.78 7.10 -8.34
N LYS A 80 10.38 5.92 -8.84
CA LYS A 80 11.00 5.36 -10.04
C LYS A 80 10.96 6.35 -11.20
N PHE A 81 9.97 7.23 -11.17
CA PHE A 81 9.82 8.23 -12.22
C PHE A 81 10.93 9.27 -12.15
N LEU A 82 11.35 9.60 -10.93
CA LEU A 82 12.40 10.58 -10.72
C LEU A 82 13.77 10.00 -11.04
N VAL A 83 13.89 8.67 -10.92
CA VAL A 83 15.14 7.98 -11.20
C VAL A 83 15.67 8.35 -12.58
N ARG A 84 14.75 8.67 -13.49
CA ARG A 84 15.13 9.03 -14.85
C ARG A 84 15.78 10.41 -14.88
N VAL A 85 15.05 11.41 -14.40
CA VAL A 85 15.55 12.78 -14.38
C VAL A 85 16.80 12.89 -13.50
N HIS A 86 16.91 11.99 -12.53
CA HIS A 86 18.06 11.99 -11.62
C HIS A 86 19.32 11.51 -12.34
N GLY A 87 19.13 10.89 -13.50
CA GLY A 87 20.25 10.39 -14.26
C GLY A 87 20.98 9.26 -13.55
N VAL A 88 20.29 8.63 -12.60
CA VAL A 88 20.87 7.52 -11.85
C VAL A 88 20.39 6.18 -12.39
N GLU A 89 21.33 5.25 -12.56
CA GLU A 89 21.00 3.92 -13.07
C GLU A 89 19.86 3.30 -12.27
N PRO A 90 19.15 2.35 -12.89
CA PRO A 90 18.02 1.65 -12.26
C PRO A 90 18.47 0.72 -11.13
N ASP A 91 17.51 0.27 -10.33
CA ASP A 91 17.80 -0.62 -9.22
C ASP A 91 16.52 -1.20 -8.64
N ASP A 92 16.56 -2.48 -8.29
CA ASP A 92 15.40 -3.16 -7.71
C ASP A 92 15.59 -3.41 -6.23
N ASN A 93 16.86 -3.51 -5.81
CA ASN A 93 17.18 -3.75 -4.40
C ASN A 93 17.03 -2.48 -3.59
N THR A 94 17.19 -1.33 -4.24
CA THR A 94 17.08 -0.04 -3.57
C THR A 94 15.71 0.12 -2.93
N ASN A 95 14.67 0.12 -3.75
CA ASN A 95 13.30 0.27 -3.26
C ASN A 95 12.98 -0.80 -2.22
N GLY A 96 13.68 -1.92 -2.30
CA GLY A 96 13.45 -3.00 -1.35
C GLY A 96 12.06 -3.58 -1.47
N PHE A 97 11.58 -3.76 -2.69
CA PHE A 97 10.25 -4.30 -2.92
C PHE A 97 10.08 -5.64 -2.21
N LYS A 98 11.18 -6.39 -2.09
CA LYS A 98 11.15 -7.69 -1.44
C LYS A 98 10.70 -7.56 0.01
N GLY A 99 10.99 -6.40 0.61
CA GLY A 99 10.61 -6.16 1.99
C GLY A 99 9.18 -5.73 2.13
N LEU A 100 8.80 -4.69 1.39
CA LEU A 100 7.44 -4.16 1.43
C LEU A 100 6.45 -5.18 0.90
N MET A 101 6.94 -6.09 0.06
CA MET A 101 6.10 -7.13 -0.53
C MET A 101 5.34 -7.89 0.56
N LYS A 102 6.03 -8.20 1.65
CA LYS A 102 5.42 -8.94 2.75
C LYS A 102 4.60 -8.00 3.63
N ARG A 103 4.98 -6.72 3.65
CA ARG A 103 4.28 -5.73 4.46
C ARG A 103 2.80 -5.67 4.08
N THR A 104 2.49 -6.07 2.84
CA THR A 104 1.12 -6.06 2.35
C THR A 104 0.33 -7.22 2.94
N THR A 105 0.85 -8.44 2.79
CA THR A 105 0.19 -9.63 3.30
C THR A 105 0.10 -9.59 4.83
N LYS A 106 1.12 -9.03 5.46
CA LYS A 106 1.16 -8.92 6.92
C LYS A 106 -0.04 -8.13 7.43
N LEU A 107 -0.45 -7.12 6.68
CA LEU A 107 -1.58 -6.29 7.06
C LEU A 107 -2.90 -7.01 6.80
N LEU A 108 -2.96 -7.75 5.70
CA LEU A 108 -4.16 -8.50 5.34
C LEU A 108 -4.34 -9.71 6.25
N LYS A 109 -3.24 -10.20 6.81
CA LYS A 109 -3.28 -11.35 7.70
C LYS A 109 -3.77 -10.96 9.08
N LYS A 110 -3.65 -9.67 9.40
CA LYS A 110 -4.09 -9.16 10.69
C LYS A 110 -5.62 -9.18 10.80
N VAL A 111 -6.29 -9.01 9.66
CA VAL A 111 -7.74 -9.01 9.63
C VAL A 111 -8.29 -10.44 9.58
N VAL A 112 -7.70 -11.26 8.72
CA VAL A 112 -8.13 -12.64 8.58
C VAL A 112 -7.83 -13.44 9.83
N ASP A 113 -7.01 -12.87 10.71
CA ASP A 113 -6.65 -13.52 11.96
C ASP A 113 -7.80 -13.51 12.96
N LYS A 114 -8.21 -12.31 13.35
CA LYS A 114 -9.31 -12.15 14.30
C LYS A 114 -10.63 -11.96 13.57
N HIS A 115 -10.65 -11.01 12.64
CA HIS A 115 -11.86 -10.73 11.86
C HIS A 115 -12.21 -11.91 10.95
N GLY A 116 -11.20 -12.71 10.61
CA GLY A 116 -11.42 -13.85 9.74
C GLY A 116 -11.62 -13.45 8.29
N ILE A 117 -11.52 -12.16 8.01
CA ILE A 117 -11.70 -11.65 6.66
C ILE A 117 -10.82 -12.41 5.67
N ALA A 118 -11.45 -13.22 4.84
CA ALA A 118 -10.72 -14.00 3.83
C ALA A 118 -10.31 -13.13 2.66
N SER A 1 -11.09 13.56 6.82
CA SER A 1 -11.17 12.10 6.85
C SER A 1 -10.12 11.51 7.78
N ASN A 2 -10.54 10.58 8.63
CA ASN A 2 -9.62 9.94 9.56
C ASN A 2 -8.76 8.90 8.85
N ALA A 3 -9.36 8.18 7.91
CA ALA A 3 -8.66 7.16 7.16
C ALA A 3 -8.37 7.62 5.74
N GLY A 4 -8.53 8.92 5.50
CA GLY A 4 -8.27 9.46 4.18
C GLY A 4 -6.83 9.30 3.75
N ALA A 5 -5.93 9.18 4.71
CA ALA A 5 -4.52 9.01 4.41
C ALA A 5 -4.25 7.68 3.73
N ILE A 6 -4.91 6.63 4.22
CA ILE A 6 -4.75 5.30 3.65
C ILE A 6 -5.48 5.18 2.31
N ALA A 7 -6.63 5.84 2.21
CA ALA A 7 -7.41 5.80 0.98
C ALA A 7 -6.73 6.57 -0.13
N LYS A 8 -5.97 7.61 0.24
CA LYS A 8 -5.26 8.42 -0.73
C LYS A 8 -4.12 7.63 -1.38
N LEU A 9 -3.78 6.50 -0.78
CA LEU A 9 -2.71 5.65 -1.29
C LEU A 9 -3.21 4.79 -2.44
N ILE A 10 -4.52 4.59 -2.50
CA ILE A 10 -5.13 3.78 -3.55
C ILE A 10 -4.74 4.29 -4.93
N PRO A 11 -5.05 5.57 -5.20
CA PRO A 11 -4.73 6.22 -6.48
C PRO A 11 -3.24 6.44 -6.66
N LYS A 12 -2.51 6.51 -5.56
CA LYS A 12 -1.07 6.72 -5.60
C LYS A 12 -0.39 5.67 -6.47
N LEU A 13 -0.79 4.41 -6.30
CA LEU A 13 -0.23 3.32 -7.07
C LEU A 13 -0.89 3.22 -8.44
N GLY A 14 -2.12 3.71 -8.53
CA GLY A 14 -2.85 3.66 -9.79
C GLY A 14 -2.16 4.45 -10.88
N GLU A 15 -1.37 5.45 -10.48
CA GLU A 15 -0.66 6.29 -11.43
C GLU A 15 0.21 5.45 -12.36
N LEU A 16 0.73 4.34 -11.83
CA LEU A 16 1.58 3.44 -12.60
C LEU A 16 0.74 2.39 -13.32
N LEU A 17 -0.52 2.26 -12.92
CA LEU A 17 -1.43 1.29 -13.53
C LEU A 17 -2.20 1.92 -14.68
N VAL A 18 -2.19 3.25 -14.74
CA VAL A 18 -2.89 3.97 -15.80
C VAL A 18 -2.07 3.99 -17.09
N GLY A 19 -0.77 3.78 -16.95
CA GLY A 19 0.10 3.78 -18.12
C GLY A 19 0.98 5.01 -18.19
N GLU A 20 1.14 5.69 -17.06
CA GLU A 20 1.96 6.90 -17.00
C GLU A 20 3.32 6.59 -16.40
N TYR A 21 4.27 6.19 -17.25
CA TYR A 21 5.61 5.86 -16.80
C TYR A 21 6.55 5.66 -17.99
N LYS A 22 7.82 6.00 -17.79
CA LYS A 22 8.82 5.85 -18.84
C LYS A 22 9.77 4.69 -18.55
N LEU A 23 9.19 3.50 -18.36
CA LEU A 23 9.99 2.31 -18.07
C LEU A 23 9.34 1.07 -18.65
N HIS A 24 10.05 -0.06 -18.58
CA HIS A 24 9.54 -1.32 -19.10
C HIS A 24 8.14 -1.61 -18.57
N LYS A 25 7.29 -2.16 -19.43
CA LYS A 25 5.93 -2.49 -19.04
C LYS A 25 5.89 -3.67 -18.07
N GLY A 26 7.02 -4.37 -17.97
CA GLY A 26 7.10 -5.51 -17.08
C GLY A 26 7.32 -5.10 -15.64
N VAL A 27 7.89 -3.91 -15.45
CA VAL A 27 8.16 -3.40 -14.11
C VAL A 27 6.88 -2.94 -13.43
N LYS A 28 6.10 -2.13 -14.14
CA LYS A 28 4.85 -1.61 -13.60
C LYS A 28 3.95 -2.75 -13.12
N LYS A 29 4.13 -3.93 -13.71
CA LYS A 29 3.33 -5.09 -13.35
C LYS A 29 3.41 -5.35 -11.85
N ASN A 30 4.51 -4.94 -11.23
CA ASN A 30 4.71 -5.12 -9.80
C ASN A 30 3.89 -4.10 -9.01
N ILE A 31 3.72 -2.91 -9.58
CA ILE A 31 2.96 -1.86 -8.92
C ILE A 31 1.57 -2.34 -8.52
N GLU A 32 0.87 -2.95 -9.47
CA GLU A 32 -0.47 -3.46 -9.21
C GLU A 32 -0.47 -4.40 -8.00
N ASP A 33 0.67 -5.03 -7.75
CA ASP A 33 0.79 -5.95 -6.62
C ASP A 33 0.68 -5.21 -5.30
N LEU A 34 1.42 -4.11 -5.18
CA LEU A 34 1.40 -3.31 -3.96
C LEU A 34 0.00 -2.77 -3.68
N LEU A 35 -0.69 -2.35 -4.74
CA LEU A 35 -2.04 -1.82 -4.63
C LEU A 35 -3.03 -2.92 -4.25
N LYS A 36 -2.79 -4.12 -4.75
CA LYS A 36 -3.66 -5.26 -4.46
C LYS A 36 -3.83 -5.45 -2.96
N GLU A 37 -2.72 -5.34 -2.22
CA GLU A 37 -2.75 -5.50 -0.77
C GLU A 37 -3.40 -4.29 -0.11
N LEU A 38 -2.86 -3.10 -0.40
CA LEU A 38 -3.38 -1.87 0.17
C LEU A 38 -4.89 -1.75 -0.07
N LYS A 39 -5.36 -2.35 -1.15
CA LYS A 39 -6.78 -2.32 -1.49
C LYS A 39 -7.62 -3.00 -0.41
N THR A 40 -7.04 -4.02 0.21
CA THR A 40 -7.73 -4.76 1.26
C THR A 40 -7.71 -3.99 2.57
N MET A 41 -6.55 -3.42 2.92
CA MET A 41 -6.41 -2.66 4.14
C MET A 41 -7.38 -1.48 4.17
N ASN A 42 -7.46 -0.76 3.05
CA ASN A 42 -8.35 0.39 2.95
C ASN A 42 -9.82 -0.04 3.03
N ALA A 43 -10.21 -0.95 2.15
CA ALA A 43 -11.57 -1.45 2.13
C ALA A 43 -11.95 -2.06 3.48
N ALA A 44 -10.96 -2.55 4.21
CA ALA A 44 -11.19 -3.16 5.51
C ALA A 44 -11.86 -2.17 6.46
N LEU A 45 -11.28 -0.98 6.56
CA LEU A 45 -11.81 0.06 7.44
C LEU A 45 -13.27 0.35 7.11
N ILE A 46 -13.66 0.08 5.88
CA ILE A 46 -15.03 0.31 5.43
C ILE A 46 -15.98 -0.73 6.01
N LYS A 47 -15.56 -1.99 5.96
CA LYS A 47 -16.37 -3.08 6.48
C LYS A 47 -16.33 -3.13 8.01
N ILE A 48 -15.12 -3.10 8.56
CA ILE A 48 -14.94 -3.12 10.01
C ILE A 48 -15.37 -1.81 10.64
N GLY A 49 -15.37 -0.74 9.84
CA GLY A 49 -15.76 0.57 10.33
C GLY A 49 -17.20 0.59 10.80
N GLU A 50 -17.97 -0.42 10.42
CA GLU A 50 -19.38 -0.50 10.80
C GLU A 50 -19.52 -0.54 12.32
N VAL A 51 -18.50 -1.07 13.00
CA VAL A 51 -18.50 -1.17 14.44
C VAL A 51 -18.38 0.20 15.09
N PRO A 52 -18.92 0.33 16.32
CA PRO A 52 -18.89 1.58 17.07
C PRO A 52 -17.48 1.93 17.56
N PRO A 53 -17.30 3.17 18.04
CA PRO A 53 -16.01 3.64 18.54
C PRO A 53 -15.63 2.98 19.85
N ASP A 54 -16.56 2.23 20.43
CA ASP A 54 -16.31 1.55 21.70
C ASP A 54 -15.40 0.34 21.48
N GLN A 55 -15.41 -0.20 20.28
CA GLN A 55 -14.58 -1.35 19.94
C GLN A 55 -13.12 -0.95 19.82
N LEU A 56 -12.89 0.31 19.47
CA LEU A 56 -11.52 0.81 19.31
C LEU A 56 -10.72 0.62 20.58
N ASP A 57 -9.72 -0.27 20.52
CA ASP A 57 -8.88 -0.55 21.67
C ASP A 57 -7.54 0.16 21.54
N SER A 58 -6.68 0.01 22.56
CA SER A 58 -5.37 0.64 22.56
C SER A 58 -4.48 0.05 21.46
N GLN A 59 -4.76 -1.19 21.10
CA GLN A 59 -3.99 -1.87 20.06
C GLN A 59 -4.49 -1.49 18.67
N ASP A 60 -5.76 -1.11 18.58
CA ASP A 60 -6.36 -0.72 17.31
C ASP A 60 -5.57 0.42 16.67
N LYS A 61 -5.26 1.44 17.45
CA LYS A 61 -4.51 2.59 16.96
C LYS A 61 -3.21 2.14 16.29
N LEU A 62 -2.63 1.06 16.81
CA LEU A 62 -1.39 0.53 16.26
C LEU A 62 -1.63 -0.19 14.94
N TRP A 63 -2.81 -0.77 14.79
CA TRP A 63 -3.18 -1.48 13.57
C TRP A 63 -3.16 -0.54 12.37
N ALA A 64 -3.77 0.64 12.53
CA ALA A 64 -3.82 1.62 11.46
C ALA A 64 -2.43 2.21 11.19
N ASP A 65 -1.60 2.28 12.23
CA ASP A 65 -0.26 2.82 12.10
C ASP A 65 0.56 2.00 11.10
N GLU A 66 0.44 0.68 11.19
CA GLU A 66 1.17 -0.22 10.30
C GLU A 66 0.82 0.07 8.84
N VAL A 67 -0.46 0.33 8.59
CA VAL A 67 -0.93 0.62 7.24
C VAL A 67 -0.52 2.01 6.80
N ARG A 68 -0.53 2.95 7.74
CA ARG A 68 -0.17 4.33 7.46
C ARG A 68 1.32 4.44 7.13
N GLU A 69 2.16 3.94 8.04
CA GLU A 69 3.61 3.98 7.84
C GLU A 69 4.00 3.39 6.48
N LEU A 70 3.26 2.37 6.07
CA LEU A 70 3.53 1.72 4.79
C LEU A 70 3.48 2.72 3.64
N SER A 71 2.68 3.77 3.81
CA SER A 71 2.55 4.80 2.79
C SER A 71 3.91 5.32 2.36
N TYR A 72 4.86 5.29 3.28
CA TYR A 72 6.22 5.76 3.00
C TYR A 72 6.87 4.92 1.91
N VAL A 73 6.58 3.62 1.92
CA VAL A 73 7.14 2.70 0.92
C VAL A 73 6.41 2.82 -0.41
N ILE A 74 5.12 3.11 -0.35
CA ILE A 74 4.30 3.26 -1.55
C ILE A 74 4.88 4.33 -2.47
N GLU A 75 5.45 5.37 -1.87
CA GLU A 75 6.03 6.46 -2.64
C GLU A 75 7.01 5.92 -3.68
N ASP A 76 7.73 4.86 -3.32
CA ASP A 76 8.70 4.26 -4.23
C ASP A 76 8.06 3.92 -5.57
N ALA A 77 6.76 3.65 -5.55
CA ALA A 77 6.03 3.32 -6.77
C ALA A 77 6.24 4.38 -7.84
N VAL A 78 5.99 5.64 -7.48
CA VAL A 78 6.15 6.75 -8.41
C VAL A 78 7.62 7.11 -8.58
N ASP A 79 8.41 6.87 -7.53
CA ASP A 79 9.83 7.17 -7.57
C ASP A 79 10.49 6.54 -8.79
N LYS A 80 9.94 5.41 -9.23
CA LYS A 80 10.48 4.70 -10.38
C LYS A 80 10.54 5.61 -11.61
N PHE A 81 9.45 6.32 -11.87
CA PHE A 81 9.38 7.23 -13.01
C PHE A 81 10.19 8.50 -12.75
N LEU A 82 10.26 8.89 -11.48
CA LEU A 82 11.00 10.10 -11.10
C LEU A 82 12.51 9.86 -11.21
N VAL A 83 12.89 8.60 -11.44
CA VAL A 83 14.29 8.23 -11.57
C VAL A 83 15.00 9.13 -12.57
N ARG A 84 14.25 9.62 -13.55
CA ARG A 84 14.80 10.48 -14.59
C ARG A 84 15.00 11.91 -14.06
N VAL A 85 13.91 12.52 -13.61
CA VAL A 85 13.95 13.87 -13.08
C VAL A 85 14.91 13.96 -11.90
N HIS A 86 15.11 12.84 -11.22
CA HIS A 86 16.02 12.80 -10.07
C HIS A 86 17.47 12.73 -10.52
N GLY A 87 17.68 12.42 -11.80
CA GLY A 87 19.02 12.32 -12.33
C GLY A 87 19.82 11.18 -11.71
N VAL A 88 19.12 10.27 -11.05
CA VAL A 88 19.76 9.13 -10.41
C VAL A 88 19.62 7.88 -11.27
N GLU A 89 20.71 7.12 -11.37
CA GLU A 89 20.72 5.90 -12.16
C GLU A 89 19.56 4.99 -11.77
N PRO A 90 19.14 4.12 -12.70
CA PRO A 90 18.03 3.19 -12.48
C PRO A 90 18.40 2.09 -11.48
N ASP A 91 17.61 1.97 -10.42
CA ASP A 91 17.84 0.96 -9.41
C ASP A 91 16.53 0.50 -8.77
N ASP A 92 16.26 -0.79 -8.84
CA ASP A 92 15.03 -1.34 -8.27
C ASP A 92 15.34 -2.14 -7.00
N ASN A 93 16.51 -2.77 -6.98
CA ASN A 93 16.92 -3.57 -5.82
C ASN A 93 16.92 -2.73 -4.55
N THR A 94 17.10 -1.42 -4.72
CA THR A 94 17.12 -0.50 -3.58
C THR A 94 15.75 -0.42 -2.92
N ASN A 95 14.70 -0.70 -3.70
CA ASN A 95 13.34 -0.65 -3.20
C ASN A 95 13.15 -1.60 -2.02
N GLY A 96 13.95 -2.68 -2.02
CA GLY A 96 13.86 -3.66 -0.94
C GLY A 96 12.47 -4.23 -0.81
N PHE A 97 11.82 -4.49 -1.94
CA PHE A 97 10.46 -5.05 -1.93
C PHE A 97 10.42 -6.38 -1.17
N LYS A 98 11.57 -7.05 -1.13
CA LYS A 98 11.66 -8.33 -0.44
C LYS A 98 11.12 -8.23 0.99
N GLY A 99 11.45 -7.13 1.65
CA GLY A 99 10.99 -6.92 3.01
C GLY A 99 9.57 -6.38 3.08
N LEU A 100 9.26 -5.45 2.20
CA LEU A 100 7.93 -4.84 2.15
C LEU A 100 6.86 -5.92 1.91
N MET A 101 7.22 -6.95 1.15
CA MET A 101 6.31 -8.04 0.84
C MET A 101 5.75 -8.65 2.12
N LYS A 102 6.64 -8.98 3.05
CA LYS A 102 6.24 -9.57 4.33
C LYS A 102 5.55 -8.55 5.22
N ARG A 103 5.88 -7.27 5.01
CA ARG A 103 5.30 -6.19 5.79
C ARG A 103 3.79 -6.10 5.55
N THR A 104 3.39 -6.23 4.29
CA THR A 104 1.99 -6.16 3.92
C THR A 104 1.29 -7.49 4.15
N THR A 105 1.90 -8.57 3.66
CA THR A 105 1.33 -9.90 3.82
C THR A 105 1.00 -10.19 5.28
N LYS A 106 1.81 -9.67 6.19
CA LYS A 106 1.60 -9.86 7.61
C LYS A 106 0.28 -9.23 8.07
N LEU A 107 -0.04 -8.08 7.48
CA LEU A 107 -1.27 -7.38 7.82
C LEU A 107 -2.49 -8.15 7.34
N LEU A 108 -2.36 -8.79 6.18
CA LEU A 108 -3.46 -9.58 5.61
C LEU A 108 -3.95 -10.63 6.60
N LYS A 109 -3.05 -11.08 7.48
CA LYS A 109 -3.38 -12.08 8.49
C LYS A 109 -4.42 -11.53 9.47
N LYS A 110 -4.51 -10.22 9.56
CA LYS A 110 -5.46 -9.57 10.46
C LYS A 110 -6.82 -9.43 9.80
N VAL A 111 -6.82 -9.28 8.48
CA VAL A 111 -8.07 -9.13 7.72
C VAL A 111 -8.66 -10.50 7.38
N VAL A 112 -7.80 -11.46 7.07
CA VAL A 112 -8.23 -12.80 6.72
C VAL A 112 -9.06 -13.41 7.85
N ASP A 113 -8.73 -13.05 9.08
CA ASP A 113 -9.44 -13.56 10.25
C ASP A 113 -10.81 -12.91 10.38
N LYS A 114 -11.06 -11.88 9.57
CA LYS A 114 -12.33 -11.17 9.60
C LYS A 114 -13.27 -11.73 8.52
N HIS A 115 -12.83 -11.70 7.28
CA HIS A 115 -13.63 -12.20 6.17
C HIS A 115 -12.88 -13.27 5.38
N GLY A 116 -11.54 -13.21 5.45
CA GLY A 116 -10.73 -14.17 4.73
C GLY A 116 -9.95 -13.55 3.60
N ILE A 117 -9.80 -12.22 3.63
CA ILE A 117 -9.07 -11.51 2.59
C ILE A 117 -7.66 -12.07 2.43
N ALA A 118 -7.34 -12.46 1.19
CA ALA A 118 -6.02 -13.01 0.90
C ALA A 118 -5.34 -12.22 -0.22
N SER A 1 -13.00 12.60 4.91
CA SER A 1 -13.24 11.70 6.04
C SER A 1 -12.05 11.66 6.98
N ASN A 2 -12.13 10.82 8.00
CA ASN A 2 -11.05 10.68 8.97
C ASN A 2 -9.93 9.82 8.43
N ALA A 3 -10.30 8.83 7.62
CA ALA A 3 -9.32 7.93 7.02
C ALA A 3 -9.08 8.25 5.56
N GLY A 4 -9.53 9.44 5.14
CA GLY A 4 -9.36 9.86 3.77
C GLY A 4 -7.91 9.78 3.31
N ALA A 5 -6.99 9.90 4.27
CA ALA A 5 -5.57 9.85 3.96
C ALA A 5 -5.21 8.56 3.23
N ILE A 6 -5.71 7.44 3.73
CA ILE A 6 -5.44 6.14 3.12
C ILE A 6 -6.20 5.98 1.82
N ALA A 7 -7.43 6.51 1.78
CA ALA A 7 -8.26 6.43 0.58
C ALA A 7 -7.64 7.20 -0.58
N LYS A 8 -6.91 8.27 -0.25
CA LYS A 8 -6.26 9.09 -1.25
C LYS A 8 -5.08 8.35 -1.89
N LEU A 9 -4.64 7.28 -1.23
CA LEU A 9 -3.52 6.49 -1.74
C LEU A 9 -3.99 5.52 -2.82
N ILE A 10 -5.29 5.22 -2.82
CA ILE A 10 -5.86 4.31 -3.81
C ILE A 10 -5.54 4.76 -5.23
N PRO A 11 -5.94 6.00 -5.55
CA PRO A 11 -5.72 6.58 -6.88
C PRO A 11 -4.25 6.89 -7.13
N LYS A 12 -3.51 7.12 -6.04
CA LYS A 12 -2.09 7.42 -6.14
C LYS A 12 -1.35 6.36 -6.96
N LEU A 13 -1.71 5.11 -6.73
CA LEU A 13 -1.09 3.99 -7.43
C LEU A 13 -1.78 3.73 -8.77
N GLY A 14 -3.07 4.07 -8.84
CA GLY A 14 -3.82 3.89 -10.06
C GLY A 14 -3.15 4.51 -11.26
N GLU A 15 -2.60 5.71 -11.08
CA GLU A 15 -1.93 6.41 -12.16
C GLU A 15 -0.77 5.58 -12.72
N LEU A 16 -0.13 4.80 -11.85
CA LEU A 16 0.98 3.95 -12.25
C LEU A 16 0.49 2.62 -12.79
N LEU A 17 -0.82 2.41 -12.73
CA LEU A 17 -1.42 1.17 -13.22
C LEU A 17 -1.97 1.35 -14.63
N VAL A 18 -1.91 2.59 -15.12
CA VAL A 18 -2.39 2.89 -16.46
C VAL A 18 -1.38 2.47 -17.52
N GLY A 19 -0.10 2.51 -17.16
CA GLY A 19 0.95 2.12 -18.09
C GLY A 19 1.32 3.25 -19.03
N GLU A 20 1.15 4.48 -18.57
CA GLU A 20 1.47 5.66 -19.38
C GLU A 20 2.74 6.34 -18.87
N TYR A 21 3.89 5.74 -19.19
CA TYR A 21 5.17 6.29 -18.77
C TYR A 21 6.28 5.87 -19.73
N LYS A 22 7.52 6.24 -19.39
CA LYS A 22 8.67 5.91 -20.21
C LYS A 22 9.52 4.83 -19.56
N LEU A 23 8.90 3.70 -19.24
CA LEU A 23 9.59 2.59 -18.60
C LEU A 23 8.98 1.25 -19.00
N HIS A 24 9.63 0.16 -18.60
CA HIS A 24 9.14 -1.17 -18.92
C HIS A 24 7.78 -1.43 -18.26
N LYS A 25 6.96 -2.24 -18.91
CA LYS A 25 5.63 -2.57 -18.39
C LYS A 25 5.73 -3.46 -17.16
N GLY A 26 6.83 -4.20 -17.06
CA GLY A 26 7.03 -5.09 -15.93
C GLY A 26 6.84 -4.39 -14.61
N VAL A 27 7.32 -3.15 -14.52
CA VAL A 27 7.20 -2.37 -13.29
C VAL A 27 5.75 -2.31 -12.81
N LYS A 28 4.82 -2.36 -13.75
CA LYS A 28 3.40 -2.31 -13.44
C LYS A 28 3.03 -3.39 -12.42
N LYS A 29 3.54 -4.60 -12.64
CA LYS A 29 3.26 -5.72 -11.74
C LYS A 29 3.67 -5.37 -10.32
N ASN A 30 4.65 -4.49 -10.18
CA ASN A 30 5.13 -4.08 -8.86
C ASN A 30 4.15 -3.10 -8.21
N ILE A 31 3.56 -2.24 -9.02
CA ILE A 31 2.61 -1.25 -8.52
C ILE A 31 1.28 -1.91 -8.18
N GLU A 32 0.73 -2.67 -9.13
CA GLU A 32 -0.53 -3.36 -8.92
C GLU A 32 -0.52 -4.16 -7.63
N ASP A 33 0.66 -4.65 -7.26
CA ASP A 33 0.81 -5.45 -6.05
C ASP A 33 0.61 -4.58 -4.81
N LEU A 34 1.08 -3.34 -4.87
CA LEU A 34 0.96 -2.41 -3.76
C LEU A 34 -0.47 -1.89 -3.64
N LEU A 35 -1.08 -1.59 -4.78
CA LEU A 35 -2.45 -1.09 -4.81
C LEU A 35 -3.44 -2.18 -4.42
N LYS A 36 -3.13 -3.41 -4.80
CA LYS A 36 -3.98 -4.55 -4.49
C LYS A 36 -4.18 -4.69 -2.98
N GLU A 37 -3.10 -4.47 -2.23
CA GLU A 37 -3.16 -4.57 -0.78
C GLU A 37 -3.85 -3.35 -0.17
N LEU A 38 -3.60 -2.19 -0.77
CA LEU A 38 -4.20 -0.95 -0.29
C LEU A 38 -5.69 -0.91 -0.58
N LYS A 39 -6.11 -1.64 -1.61
CA LYS A 39 -7.52 -1.70 -2.00
C LYS A 39 -8.38 -2.25 -0.86
N THR A 40 -8.01 -3.43 -0.37
CA THR A 40 -8.74 -4.06 0.72
C THR A 40 -8.53 -3.32 2.03
N MET A 41 -7.35 -2.73 2.19
CA MET A 41 -7.03 -1.98 3.40
C MET A 41 -8.06 -0.90 3.66
N ASN A 42 -8.38 -0.13 2.63
CA ASN A 42 -9.35 0.95 2.75
C ASN A 42 -10.71 0.41 3.21
N ALA A 43 -11.05 -0.79 2.75
CA ALA A 43 -12.31 -1.41 3.11
C ALA A 43 -12.30 -1.87 4.57
N ALA A 44 -11.11 -2.15 5.08
CA ALA A 44 -10.96 -2.60 6.47
C ALA A 44 -11.45 -1.53 7.44
N LEU A 45 -10.98 -0.29 7.24
CA LEU A 45 -11.37 0.82 8.11
C LEU A 45 -12.89 0.96 8.16
N ILE A 46 -13.55 0.50 7.10
CA ILE A 46 -15.01 0.58 7.04
C ILE A 46 -15.66 -0.46 7.93
N LYS A 47 -15.16 -1.69 7.86
CA LYS A 47 -15.69 -2.78 8.68
C LYS A 47 -15.28 -2.62 10.14
N ILE A 48 -13.99 -2.42 10.36
CA ILE A 48 -13.47 -2.25 11.71
C ILE A 48 -13.91 -0.92 12.31
N GLY A 49 -14.21 0.04 11.44
CA GLY A 49 -14.64 1.36 11.90
C GLY A 49 -16.13 1.40 12.19
N GLU A 50 -16.87 0.44 11.65
CA GLU A 50 -18.31 0.37 11.86
C GLU A 50 -18.63 -0.19 13.24
N VAL A 51 -17.80 -1.12 13.70
CA VAL A 51 -17.99 -1.73 15.01
C VAL A 51 -17.77 -0.73 16.13
N PRO A 52 -18.44 -0.97 17.28
CA PRO A 52 -18.33 -0.10 18.45
C PRO A 52 -16.97 -0.18 19.11
N PRO A 53 -16.69 0.75 20.04
CA PRO A 53 -15.42 0.81 20.76
C PRO A 53 -15.28 -0.35 21.76
N ASP A 54 -16.36 -1.10 21.94
CA ASP A 54 -16.35 -2.23 22.86
C ASP A 54 -15.51 -3.38 22.29
N GLN A 55 -15.39 -3.43 20.97
CA GLN A 55 -14.62 -4.48 20.31
C GLN A 55 -13.21 -4.00 20.02
N LEU A 56 -13.04 -2.69 19.87
CA LEU A 56 -11.73 -2.12 19.58
C LEU A 56 -10.73 -2.47 20.68
N ASP A 57 -9.52 -2.85 20.27
CA ASP A 57 -8.48 -3.21 21.22
C ASP A 57 -7.27 -2.27 21.08
N SER A 58 -6.25 -2.50 21.90
CA SER A 58 -5.05 -1.69 21.87
C SER A 58 -4.25 -1.94 20.59
N GLN A 59 -4.17 -3.21 20.20
CA GLN A 59 -3.43 -3.60 19.01
C GLN A 59 -3.98 -2.87 17.78
N ASP A 60 -5.29 -2.68 17.75
CA ASP A 60 -5.94 -1.99 16.63
C ASP A 60 -5.30 -0.63 16.38
N LYS A 61 -5.04 0.10 17.46
CA LYS A 61 -4.42 1.41 17.35
C LYS A 61 -3.09 1.34 16.61
N LEU A 62 -2.30 0.32 16.92
CA LEU A 62 -1.00 0.14 16.28
C LEU A 62 -1.17 -0.31 14.83
N TRP A 63 -2.23 -1.07 14.57
CA TRP A 63 -2.52 -1.57 13.23
C TRP A 63 -2.82 -0.42 12.27
N ALA A 64 -3.68 0.50 12.72
CA ALA A 64 -4.05 1.65 11.90
C ALA A 64 -2.83 2.46 11.49
N ASP A 65 -1.83 2.49 12.37
CA ASP A 65 -0.60 3.23 12.09
C ASP A 65 0.27 2.49 11.09
N GLU A 66 0.24 1.15 11.16
CA GLU A 66 1.04 0.33 10.25
C GLU A 66 0.54 0.50 8.80
N VAL A 67 -0.75 0.75 8.65
CA VAL A 67 -1.33 0.93 7.33
C VAL A 67 -0.97 2.29 6.75
N ARG A 68 -0.87 3.29 7.61
CA ARG A 68 -0.53 4.64 7.17
C ARG A 68 0.93 4.73 6.77
N GLU A 69 1.81 4.23 7.64
CA GLU A 69 3.25 4.25 7.37
C GLU A 69 3.55 3.63 6.02
N LEU A 70 2.78 2.61 5.65
CA LEU A 70 2.98 1.92 4.37
C LEU A 70 2.87 2.90 3.21
N SER A 71 2.10 3.97 3.40
CA SER A 71 1.90 4.98 2.37
C SER A 71 3.25 5.50 1.86
N TYR A 72 4.24 5.49 2.74
CA TYR A 72 5.58 5.96 2.39
C TYR A 72 6.14 5.20 1.20
N VAL A 73 5.90 3.89 1.19
CA VAL A 73 6.37 3.03 0.11
C VAL A 73 5.64 3.33 -1.20
N ILE A 74 4.36 3.66 -1.08
CA ILE A 74 3.54 3.98 -2.25
C ILE A 74 4.18 5.07 -3.10
N GLU A 75 4.74 6.08 -2.42
CA GLU A 75 5.38 7.19 -3.11
C GLU A 75 6.44 6.68 -4.09
N ASP A 76 7.11 5.59 -3.72
CA ASP A 76 8.14 5.01 -4.57
C ASP A 76 7.61 4.75 -5.98
N ALA A 77 6.31 4.48 -6.08
CA ALA A 77 5.67 4.21 -7.35
C ALA A 77 5.97 5.33 -8.35
N VAL A 78 5.70 6.57 -7.94
CA VAL A 78 5.93 7.73 -8.79
C VAL A 78 7.38 8.20 -8.70
N ASP A 79 8.02 7.91 -7.57
CA ASP A 79 9.40 8.31 -7.35
C ASP A 79 10.29 7.83 -8.49
N LYS A 80 10.01 6.63 -8.99
CA LYS A 80 10.78 6.06 -10.09
C LYS A 80 10.81 7.00 -11.29
N PHE A 81 9.80 7.86 -11.37
CA PHE A 81 9.72 8.82 -12.47
C PHE A 81 10.94 9.74 -12.49
N LEU A 82 11.17 10.42 -11.38
CA LEU A 82 12.31 11.34 -11.26
C LEU A 82 13.61 10.57 -11.08
N VAL A 83 13.49 9.30 -10.71
CA VAL A 83 14.66 8.45 -10.49
C VAL A 83 15.40 8.20 -11.79
N ARG A 84 14.68 8.25 -12.90
CA ARG A 84 15.27 8.03 -14.22
C ARG A 84 16.12 9.23 -14.64
N VAL A 85 15.51 10.40 -14.63
CA VAL A 85 16.21 11.63 -15.02
C VAL A 85 17.35 11.92 -14.05
N HIS A 86 17.20 11.48 -12.81
CA HIS A 86 18.22 11.70 -11.79
C HIS A 86 19.51 10.96 -12.14
N GLY A 87 19.41 10.03 -13.09
CA GLY A 87 20.58 9.27 -13.49
C GLY A 87 20.65 7.91 -12.84
N VAL A 88 20.04 7.79 -11.66
CA VAL A 88 20.04 6.53 -10.93
C VAL A 88 19.34 5.44 -11.73
N GLU A 89 19.78 4.20 -11.53
CA GLU A 89 19.21 3.06 -12.24
C GLU A 89 18.48 2.12 -11.27
N PRO A 90 17.55 1.33 -11.81
CA PRO A 90 16.77 0.38 -11.01
C PRO A 90 17.61 -0.79 -10.50
N ASP A 91 17.07 -1.52 -9.54
CA ASP A 91 17.77 -2.67 -8.97
C ASP A 91 16.80 -3.59 -8.22
N ASP A 92 17.29 -4.74 -7.81
CA ASP A 92 16.48 -5.70 -7.07
C ASP A 92 16.70 -5.57 -5.57
N ASN A 93 17.96 -5.49 -5.17
CA ASN A 93 18.30 -5.37 -3.76
C ASN A 93 17.98 -3.97 -3.24
N THR A 94 18.04 -2.99 -4.14
CA THR A 94 17.75 -1.61 -3.77
C THR A 94 16.26 -1.38 -3.57
N ASN A 95 15.45 -2.07 -4.37
CA ASN A 95 14.01 -1.94 -4.29
C ASN A 95 13.50 -2.38 -2.92
N GLY A 96 14.25 -3.27 -2.28
CA GLY A 96 13.87 -3.75 -0.96
C GLY A 96 12.48 -4.35 -0.94
N PHE A 97 12.16 -5.16 -1.95
CA PHE A 97 10.86 -5.79 -2.05
C PHE A 97 10.68 -6.84 -0.97
N LYS A 98 11.79 -7.42 -0.51
CA LYS A 98 11.75 -8.44 0.53
C LYS A 98 11.14 -7.89 1.81
N GLY A 99 11.64 -6.75 2.27
CA GLY A 99 11.13 -6.14 3.48
C GLY A 99 9.74 -5.56 3.29
N LEU A 100 9.53 -4.88 2.17
CA LEU A 100 8.24 -4.27 1.87
C LEU A 100 7.15 -5.33 1.80
N MET A 101 7.44 -6.42 1.10
CA MET A 101 6.47 -7.51 0.96
C MET A 101 6.07 -8.06 2.32
N LYS A 102 7.05 -8.19 3.22
CA LYS A 102 6.79 -8.71 4.56
C LYS A 102 6.05 -7.68 5.40
N ARG A 103 6.30 -6.39 5.13
CA ARG A 103 5.66 -5.31 5.86
C ARG A 103 4.19 -5.17 5.45
N THR A 104 3.90 -5.52 4.20
CA THR A 104 2.54 -5.41 3.68
C THR A 104 1.70 -6.60 4.13
N THR A 105 2.20 -7.80 3.91
CA THR A 105 1.49 -9.01 4.30
C THR A 105 1.07 -8.95 5.76
N LYS A 106 1.90 -8.35 6.59
CA LYS A 106 1.61 -8.22 8.02
C LYS A 106 0.24 -7.59 8.24
N LEU A 107 -0.11 -6.62 7.39
CA LEU A 107 -1.39 -5.94 7.50
C LEU A 107 -2.52 -6.83 6.97
N LEU A 108 -2.25 -7.54 5.89
CA LEU A 108 -3.24 -8.43 5.30
C LEU A 108 -3.54 -9.60 6.22
N LYS A 109 -2.58 -9.94 7.06
CA LYS A 109 -2.75 -11.05 8.01
C LYS A 109 -3.95 -10.81 8.92
N LYS A 110 -4.33 -9.55 9.08
CA LYS A 110 -5.46 -9.19 9.92
C LYS A 110 -6.77 -9.29 9.14
N VAL A 111 -6.70 -9.03 7.84
CA VAL A 111 -7.87 -9.10 6.98
C VAL A 111 -8.19 -10.53 6.59
N VAL A 112 -7.15 -11.32 6.31
CA VAL A 112 -7.32 -12.71 5.93
C VAL A 112 -8.06 -13.49 7.01
N ASP A 113 -7.78 -13.17 8.27
CA ASP A 113 -8.42 -13.84 9.39
C ASP A 113 -9.89 -13.45 9.48
N LYS A 114 -10.28 -12.45 8.72
CA LYS A 114 -11.66 -11.99 8.72
C LYS A 114 -12.46 -12.65 7.60
N HIS A 115 -11.99 -12.50 6.36
CA HIS A 115 -12.66 -13.09 5.22
C HIS A 115 -11.70 -13.98 4.43
N GLY A 116 -10.41 -13.70 4.54
CA GLY A 116 -9.41 -14.49 3.85
C GLY A 116 -8.72 -13.70 2.75
N ILE A 117 -8.85 -12.37 2.79
CA ILE A 117 -8.23 -11.51 1.80
C ILE A 117 -6.75 -11.81 1.67
N ALA A 118 -6.35 -12.32 0.49
CA ALA A 118 -4.96 -12.64 0.24
C ALA A 118 -4.06 -11.43 0.46
N SER A 1 -10.49 13.47 6.81
CA SER A 1 -10.98 12.19 7.31
C SER A 1 -9.93 11.52 8.19
N ASN A 2 -10.38 10.61 9.06
CA ASN A 2 -9.48 9.90 9.96
C ASN A 2 -8.56 8.97 9.19
N ALA A 3 -9.14 8.10 8.37
CA ALA A 3 -8.37 7.16 7.57
C ALA A 3 -8.19 7.67 6.15
N GLY A 4 -8.48 8.95 5.93
CA GLY A 4 -8.35 9.53 4.62
C GLY A 4 -6.91 9.52 4.13
N ALA A 5 -5.96 9.49 5.05
CA ALA A 5 -4.55 9.48 4.70
C ALA A 5 -4.18 8.18 3.99
N ILE A 6 -4.71 7.07 4.49
CA ILE A 6 -4.43 5.76 3.91
C ILE A 6 -5.19 5.58 2.59
N ALA A 7 -6.37 6.17 2.51
CA ALA A 7 -7.19 6.07 1.31
C ALA A 7 -6.56 6.83 0.14
N LYS A 8 -5.82 7.89 0.47
CA LYS A 8 -5.16 8.70 -0.54
C LYS A 8 -4.07 7.90 -1.25
N LEU A 9 -3.70 6.76 -0.66
CA LEU A 9 -2.67 5.91 -1.24
C LEU A 9 -3.23 5.06 -2.37
N ILE A 10 -4.54 4.88 -2.37
CA ILE A 10 -5.21 4.09 -3.41
C ILE A 10 -4.88 4.62 -4.80
N PRO A 11 -5.20 5.90 -5.02
CA PRO A 11 -4.96 6.57 -6.31
C PRO A 11 -3.47 6.79 -6.57
N LYS A 12 -2.69 6.85 -5.50
CA LYS A 12 -1.25 7.05 -5.61
C LYS A 12 -0.62 6.02 -6.54
N LEU A 13 -0.98 4.75 -6.34
CA LEU A 13 -0.45 3.68 -7.16
C LEU A 13 -1.26 3.52 -8.44
N GLY A 14 -2.55 3.84 -8.36
CA GLY A 14 -3.41 3.74 -9.52
C GLY A 14 -2.85 4.46 -10.74
N GLU A 15 -2.30 5.65 -10.52
CA GLU A 15 -1.73 6.44 -11.61
C GLU A 15 -0.59 5.68 -12.28
N LEU A 16 0.13 4.88 -11.49
CA LEU A 16 1.25 4.10 -12.01
C LEU A 16 0.77 2.83 -12.66
N LEU A 17 -0.54 2.57 -12.58
CA LEU A 17 -1.13 1.38 -13.17
C LEU A 17 -1.71 1.68 -14.54
N VAL A 18 -1.66 2.94 -14.95
CA VAL A 18 -2.18 3.36 -16.24
C VAL A 18 -1.19 3.03 -17.35
N GLY A 19 0.10 3.03 -17.01
CA GLY A 19 1.12 2.72 -18.01
C GLY A 19 1.49 3.94 -18.84
N GLU A 20 1.35 5.11 -18.26
CA GLU A 20 1.67 6.35 -18.96
C GLU A 20 2.92 7.01 -18.37
N TYR A 21 4.08 6.46 -18.71
CA TYR A 21 5.34 6.98 -18.22
C TYR A 21 6.49 6.66 -19.19
N LYS A 22 7.70 7.01 -18.79
CA LYS A 22 8.87 6.76 -19.62
C LYS A 22 9.73 5.64 -19.04
N LEU A 23 9.11 4.47 -18.83
CA LEU A 23 9.82 3.32 -18.28
C LEU A 23 9.22 2.02 -18.81
N HIS A 24 9.86 0.91 -18.49
CA HIS A 24 9.39 -0.41 -18.92
C HIS A 24 7.93 -0.60 -18.58
N LYS A 25 7.17 -1.13 -19.53
CA LYS A 25 5.74 -1.37 -19.33
C LYS A 25 5.51 -2.52 -18.35
N GLY A 26 6.59 -3.24 -18.02
CA GLY A 26 6.47 -4.35 -17.09
C GLY A 26 6.51 -3.90 -15.65
N VAL A 27 7.11 -2.74 -15.41
CA VAL A 27 7.21 -2.19 -14.06
C VAL A 27 5.82 -1.93 -13.47
N LYS A 28 4.98 -1.24 -14.25
CA LYS A 28 3.63 -0.92 -13.81
C LYS A 28 2.89 -2.18 -13.37
N LYS A 29 3.21 -3.30 -13.99
CA LYS A 29 2.58 -4.57 -13.66
C LYS A 29 2.78 -4.92 -12.19
N ASN A 30 3.96 -4.57 -11.67
CA ASN A 30 4.27 -4.84 -10.27
C ASN A 30 3.57 -3.87 -9.34
N ILE A 31 3.38 -2.64 -9.81
CA ILE A 31 2.71 -1.60 -9.03
C ILE A 31 1.35 -2.09 -8.54
N GLU A 32 0.65 -2.83 -9.40
CA GLU A 32 -0.67 -3.35 -9.05
C GLU A 32 -0.62 -4.09 -7.71
N ASP A 33 0.52 -4.69 -7.41
CA ASP A 33 0.69 -5.43 -6.16
C ASP A 33 0.54 -4.50 -4.96
N LEU A 34 1.29 -3.41 -4.97
CA LEU A 34 1.23 -2.43 -3.88
C LEU A 34 -0.19 -1.95 -3.65
N LEU A 35 -0.90 -1.68 -4.74
CA LEU A 35 -2.29 -1.21 -4.66
C LEU A 35 -3.21 -2.32 -4.15
N LYS A 36 -2.90 -3.56 -4.53
CA LYS A 36 -3.70 -4.70 -4.12
C LYS A 36 -3.75 -4.81 -2.60
N GLU A 37 -2.59 -4.72 -1.96
CA GLU A 37 -2.51 -4.80 -0.51
C GLU A 37 -3.17 -3.60 0.14
N LEU A 38 -2.90 -2.41 -0.39
CA LEU A 38 -3.47 -1.18 0.15
C LEU A 38 -4.99 -1.17 -0.02
N LYS A 39 -5.47 -1.92 -1.02
CA LYS A 39 -6.90 -1.99 -1.29
C LYS A 39 -7.63 -2.77 -0.19
N THR A 40 -7.11 -3.95 0.12
CA THR A 40 -7.70 -4.81 1.14
C THR A 40 -7.68 -4.12 2.50
N MET A 41 -6.61 -3.38 2.78
CA MET A 41 -6.49 -2.66 4.04
C MET A 41 -7.41 -1.45 4.09
N ASN A 42 -7.32 -0.61 3.07
CA ASN A 42 -8.14 0.59 2.98
C ASN A 42 -9.62 0.23 3.03
N ALA A 43 -10.01 -0.79 2.26
CA ALA A 43 -11.39 -1.24 2.21
C ALA A 43 -11.79 -1.93 3.52
N ALA A 44 -10.82 -2.58 4.15
CA ALA A 44 -11.07 -3.28 5.41
C ALA A 44 -11.65 -2.33 6.46
N LEU A 45 -11.01 -1.19 6.65
CA LEU A 45 -11.45 -0.21 7.62
C LEU A 45 -12.88 0.22 7.34
N ILE A 46 -13.32 0.07 6.09
CA ILE A 46 -14.67 0.44 5.69
C ILE A 46 -15.68 -0.59 6.17
N LYS A 47 -15.34 -1.87 6.00
CA LYS A 47 -16.22 -2.96 6.43
C LYS A 47 -16.17 -3.14 7.94
N ILE A 48 -14.96 -3.24 8.48
CA ILE A 48 -14.79 -3.40 9.92
C ILE A 48 -15.16 -2.13 10.68
N GLY A 49 -15.08 -1.00 9.98
CA GLY A 49 -15.42 0.27 10.60
C GLY A 49 -16.90 0.43 10.86
N GLU A 50 -17.70 -0.44 10.25
CA GLU A 50 -19.14 -0.40 10.42
C GLU A 50 -19.53 -0.59 11.87
N VAL A 51 -18.75 -1.41 12.58
CA VAL A 51 -19.01 -1.69 13.99
C VAL A 51 -18.84 -0.43 14.83
N PRO A 52 -19.56 -0.38 15.96
CA PRO A 52 -19.51 0.76 16.89
C PRO A 52 -18.17 0.87 17.61
N PRO A 53 -17.95 2.01 18.28
CA PRO A 53 -16.72 2.26 19.03
C PRO A 53 -16.61 1.39 20.27
N ASP A 54 -17.70 0.69 20.60
CA ASP A 54 -17.73 -0.18 21.77
C ASP A 54 -16.94 -1.46 21.52
N GLN A 55 -16.83 -1.84 20.25
CA GLN A 55 -16.11 -3.04 19.88
C GLN A 55 -14.68 -2.73 19.46
N LEU A 56 -14.22 -1.53 19.82
CA LEU A 56 -12.87 -1.09 19.50
C LEU A 56 -11.95 -1.24 20.70
N ASP A 57 -10.77 -1.83 20.47
CA ASP A 57 -9.80 -2.04 21.53
C ASP A 57 -8.72 -0.96 21.49
N SER A 58 -7.78 -1.03 22.43
CA SER A 58 -6.70 -0.05 22.50
C SER A 58 -5.76 -0.20 21.31
N GLN A 59 -5.55 -1.43 20.87
CA GLN A 59 -4.67 -1.71 19.75
C GLN A 59 -5.41 -1.52 18.42
N ASP A 60 -6.70 -1.78 18.44
CA ASP A 60 -7.52 -1.63 17.23
C ASP A 60 -7.33 -0.25 16.61
N LYS A 61 -7.24 0.77 17.46
CA LYS A 61 -7.05 2.14 16.99
C LYS A 61 -5.67 2.33 16.38
N LEU A 62 -4.68 1.62 16.94
CA LEU A 62 -3.31 1.70 16.44
C LEU A 62 -3.15 0.91 15.16
N TRP A 63 -4.00 -0.10 14.98
CA TRP A 63 -3.95 -0.94 13.78
C TRP A 63 -4.00 -0.09 12.52
N ALA A 64 -4.70 1.04 12.60
CA ALA A 64 -4.82 1.94 11.46
C ALA A 64 -3.49 2.59 11.12
N ASP A 65 -2.86 3.20 12.11
CA ASP A 65 -1.57 3.86 11.93
C ASP A 65 -0.48 2.83 11.63
N GLU A 66 -0.64 1.63 12.17
CA GLU A 66 0.34 0.57 11.98
C GLU A 66 0.58 0.32 10.49
N VAL A 67 -0.51 0.24 9.73
CA VAL A 67 -0.42 0.00 8.29
C VAL A 67 0.02 1.26 7.55
N ARG A 68 -0.39 2.42 8.07
CA ARG A 68 -0.04 3.69 7.46
C ARG A 68 1.47 3.80 7.25
N GLU A 69 2.23 3.30 8.21
CA GLU A 69 3.69 3.35 8.11
C GLU A 69 4.17 2.70 6.82
N LEU A 70 3.43 1.70 6.36
CA LEU A 70 3.79 1.00 5.13
C LEU A 70 3.62 1.91 3.91
N SER A 71 2.70 2.86 4.02
CA SER A 71 2.44 3.79 2.93
C SER A 71 3.74 4.44 2.45
N TYR A 72 4.70 4.57 3.37
CA TYR A 72 5.98 5.18 3.05
C TYR A 72 6.64 4.48 1.85
N VAL A 73 6.37 3.18 1.73
CA VAL A 73 6.93 2.40 0.64
C VAL A 73 6.34 2.81 -0.71
N ILE A 74 5.13 3.36 -0.67
CA ILE A 74 4.46 3.81 -1.89
C ILE A 74 5.33 4.78 -2.67
N GLU A 75 6.14 5.55 -1.95
CA GLU A 75 7.03 6.52 -2.57
C GLU A 75 7.86 5.87 -3.68
N ASP A 76 8.22 4.61 -3.48
CA ASP A 76 9.02 3.88 -4.46
C ASP A 76 8.30 3.84 -5.81
N ALA A 77 6.98 3.83 -5.77
CA ALA A 77 6.18 3.80 -6.99
C ALA A 77 6.58 4.91 -7.95
N VAL A 78 6.59 6.14 -7.44
CA VAL A 78 6.96 7.30 -8.24
C VAL A 78 8.48 7.48 -8.29
N ASP A 79 9.14 7.12 -7.19
CA ASP A 79 10.58 7.25 -7.10
C ASP A 79 11.27 6.55 -8.28
N LYS A 80 10.62 5.53 -8.81
CA LYS A 80 11.15 4.77 -9.94
C LYS A 80 11.04 5.59 -11.23
N PHE A 81 9.96 6.36 -11.35
CA PHE A 81 9.74 7.18 -12.53
C PHE A 81 10.66 8.40 -12.53
N LEU A 82 10.98 8.89 -11.33
CA LEU A 82 11.86 10.05 -11.19
C LEU A 82 13.30 9.69 -11.54
N VAL A 83 13.56 8.40 -11.73
CA VAL A 83 14.89 7.93 -12.07
C VAL A 83 15.45 8.71 -13.25
N ARG A 84 14.57 9.16 -14.13
CA ARG A 84 14.99 9.92 -15.31
C ARG A 84 15.53 11.29 -14.91
N VAL A 85 14.69 12.08 -14.23
CA VAL A 85 15.09 13.41 -13.80
C VAL A 85 16.25 13.34 -12.81
N HIS A 86 16.36 12.22 -12.11
CA HIS A 86 17.42 12.03 -11.14
C HIS A 86 18.75 11.72 -11.83
N GLY A 87 18.69 11.38 -13.11
CA GLY A 87 19.88 11.08 -13.87
C GLY A 87 20.57 9.82 -13.37
N VAL A 88 19.84 9.00 -12.63
CA VAL A 88 20.39 7.75 -12.10
C VAL A 88 19.97 6.55 -12.96
N GLU A 89 20.85 5.56 -13.02
CA GLU A 89 20.58 4.36 -13.81
C GLU A 89 19.49 3.52 -13.15
N PRO A 90 18.89 2.62 -13.95
CA PRO A 90 17.82 1.73 -13.47
C PRO A 90 18.32 0.68 -12.49
N ASP A 91 17.52 0.38 -11.48
CA ASP A 91 17.90 -0.62 -10.48
C ASP A 91 16.66 -1.31 -9.93
N ASP A 92 16.78 -2.61 -9.68
CA ASP A 92 15.68 -3.40 -9.15
C ASP A 92 15.90 -3.75 -7.68
N ASN A 93 17.14 -4.14 -7.36
CA ASN A 93 17.50 -4.50 -6.00
C ASN A 93 17.19 -3.37 -5.03
N THR A 94 17.18 -2.15 -5.54
CA THR A 94 16.90 -0.96 -4.73
C THR A 94 15.42 -0.88 -4.38
N ASN A 95 14.59 -1.50 -5.21
CA ASN A 95 13.14 -1.49 -4.99
C ASN A 95 12.81 -2.00 -3.58
N GLY A 96 13.68 -2.86 -3.05
CA GLY A 96 13.46 -3.41 -1.73
C GLY A 96 12.12 -4.10 -1.60
N PHE A 97 11.73 -4.83 -2.64
CA PHE A 97 10.46 -5.55 -2.64
C PHE A 97 10.54 -6.78 -1.75
N LYS A 98 11.75 -7.32 -1.58
CA LYS A 98 11.95 -8.50 -0.76
C LYS A 98 11.33 -8.32 0.62
N GLY A 99 11.60 -7.16 1.24
CA GLY A 99 11.06 -6.89 2.55
C GLY A 99 9.64 -6.37 2.50
N LEU A 100 9.35 -5.50 1.53
CA LEU A 100 8.02 -4.94 1.38
C LEU A 100 6.98 -6.03 1.18
N MET A 101 7.42 -7.16 0.63
CA MET A 101 6.53 -8.29 0.40
C MET A 101 6.04 -8.89 1.71
N LYS A 102 6.97 -9.18 2.61
CA LYS A 102 6.64 -9.76 3.91
C LYS A 102 6.07 -8.70 4.84
N ARG A 103 6.45 -7.44 4.60
CA ARG A 103 5.97 -6.34 5.43
C ARG A 103 4.46 -6.15 5.27
N THR A 104 3.95 -6.50 4.09
CA THR A 104 2.52 -6.38 3.81
C THR A 104 1.75 -7.58 4.34
N THR A 105 2.19 -8.77 3.96
CA THR A 105 1.54 -10.00 4.39
C THR A 105 1.44 -10.07 5.91
N LYS A 106 2.46 -9.53 6.59
CA LYS A 106 2.48 -9.52 8.05
C LYS A 106 1.23 -8.88 8.62
N LEU A 107 0.88 -7.71 8.10
CA LEU A 107 -0.31 -6.99 8.55
C LEU A 107 -1.57 -7.60 7.96
N LEU A 108 -1.44 -8.18 6.77
CA LEU A 108 -2.57 -8.80 6.09
C LEU A 108 -3.25 -9.83 7.00
N LYS A 109 -2.46 -10.48 7.83
CA LYS A 109 -2.97 -11.49 8.75
C LYS A 109 -4.05 -10.90 9.66
N LYS A 110 -4.01 -9.58 9.82
CA LYS A 110 -4.98 -8.89 10.66
C LYS A 110 -6.40 -9.06 10.11
N VAL A 111 -6.54 -8.91 8.80
CA VAL A 111 -7.83 -9.05 8.14
C VAL A 111 -8.12 -10.50 7.81
N VAL A 112 -7.07 -11.29 7.64
CA VAL A 112 -7.22 -12.71 7.32
C VAL A 112 -7.98 -13.45 8.41
N ASP A 113 -7.66 -13.14 9.66
CA ASP A 113 -8.33 -13.77 10.80
C ASP A 113 -9.77 -13.29 10.93
N LYS A 114 -10.11 -12.26 10.16
CA LYS A 114 -11.46 -11.70 10.19
C LYS A 114 -12.32 -12.30 9.09
N HIS A 115 -11.86 -12.20 7.84
CA HIS A 115 -12.59 -12.74 6.71
C HIS A 115 -11.71 -13.70 5.91
N GLY A 116 -10.40 -13.52 6.01
CA GLY A 116 -9.48 -14.39 5.29
C GLY A 116 -8.97 -13.75 4.02
N ILE A 117 -8.73 -12.44 4.06
CA ILE A 117 -8.24 -11.73 2.89
C ILE A 117 -7.00 -12.40 2.32
N ALA A 118 -7.15 -12.93 1.09
CA ALA A 118 -6.04 -13.60 0.43
C ALA A 118 -5.43 -14.68 1.31
N SER A 1 -12.18 12.31 4.92
CA SER A 1 -12.27 11.42 6.06
C SER A 1 -10.96 11.39 6.84
N ASN A 2 -11.02 10.93 8.08
CA ASN A 2 -9.83 10.85 8.93
C ASN A 2 -8.75 9.99 8.27
N ALA A 3 -9.18 9.01 7.50
CA ALA A 3 -8.25 8.12 6.81
C ALA A 3 -8.17 8.45 5.32
N GLY A 4 -8.67 9.62 4.95
CA GLY A 4 -8.64 10.03 3.57
C GLY A 4 -7.24 9.99 2.98
N ALA A 5 -6.23 10.12 3.85
CA ALA A 5 -4.85 10.10 3.41
C ALA A 5 -4.48 8.74 2.82
N ILE A 6 -5.01 7.68 3.40
CA ILE A 6 -4.74 6.33 2.93
C ILE A 6 -5.47 6.04 1.62
N ALA A 7 -6.66 6.63 1.47
CA ALA A 7 -7.46 6.43 0.28
C ALA A 7 -6.82 7.13 -0.93
N LYS A 8 -6.11 8.22 -0.67
CA LYS A 8 -5.45 8.98 -1.72
C LYS A 8 -4.34 8.14 -2.37
N LEU A 9 -3.97 7.05 -1.72
CA LEU A 9 -2.94 6.16 -2.22
C LEU A 9 -3.47 5.25 -3.32
N ILE A 10 -4.79 5.05 -3.32
CA ILE A 10 -5.44 4.21 -4.32
C ILE A 10 -5.06 4.64 -5.73
N PRO A 11 -5.36 5.90 -6.06
CA PRO A 11 -5.05 6.48 -7.37
C PRO A 11 -3.56 6.66 -7.61
N LYS A 12 -2.81 6.83 -6.51
CA LYS A 12 -1.37 7.00 -6.59
C LYS A 12 -0.73 5.85 -7.36
N LEU A 13 -1.20 4.64 -7.11
CA LEU A 13 -0.67 3.45 -7.78
C LEU A 13 -1.37 3.22 -9.12
N GLY A 14 -2.70 3.32 -9.10
CA GLY A 14 -3.46 3.11 -10.32
C GLY A 14 -2.97 3.96 -11.47
N GLU A 15 -2.37 5.10 -11.14
CA GLU A 15 -1.85 6.01 -12.15
C GLU A 15 -0.68 5.39 -12.90
N LEU A 16 0.11 4.58 -12.19
CA LEU A 16 1.25 3.92 -12.78
C LEU A 16 0.83 2.74 -13.64
N LEU A 17 -0.46 2.45 -13.64
CA LEU A 17 -1.00 1.35 -14.43
C LEU A 17 -1.48 1.83 -15.79
N VAL A 18 -1.43 3.14 -15.99
CA VAL A 18 -1.85 3.74 -17.26
C VAL A 18 -0.78 3.60 -18.32
N GLY A 19 0.48 3.53 -17.88
CA GLY A 19 1.59 3.40 -18.82
C GLY A 19 2.37 4.69 -18.96
N GLU A 20 2.19 5.61 -18.02
CA GLU A 20 2.89 6.88 -18.06
C GLU A 20 4.14 6.84 -17.19
N TYR A 21 5.19 6.21 -17.70
CA TYR A 21 6.45 6.09 -16.97
C TYR A 21 7.55 5.53 -17.86
N LYS A 22 8.79 5.70 -17.43
CA LYS A 22 9.94 5.22 -18.19
C LYS A 22 10.57 4.01 -17.50
N LEU A 23 9.81 2.93 -17.40
CA LEU A 23 10.29 1.70 -16.77
C LEU A 23 9.81 0.48 -17.51
N HIS A 24 10.31 -0.70 -17.11
CA HIS A 24 9.91 -1.95 -17.74
C HIS A 24 8.51 -2.36 -17.30
N LYS A 25 7.95 -3.36 -17.98
CA LYS A 25 6.62 -3.85 -17.66
C LYS A 25 6.61 -4.60 -16.34
N GLY A 26 7.74 -5.25 -16.03
CA GLY A 26 7.84 -6.00 -14.79
C GLY A 26 7.52 -5.16 -13.57
N VAL A 27 7.70 -3.85 -13.70
CA VAL A 27 7.41 -2.94 -12.59
C VAL A 27 5.91 -2.87 -12.31
N LYS A 28 5.11 -3.02 -13.36
CA LYS A 28 3.66 -2.98 -13.22
C LYS A 28 3.18 -3.98 -12.16
N LYS A 29 3.92 -5.07 -12.02
CA LYS A 29 3.57 -6.10 -11.03
C LYS A 29 3.69 -5.56 -9.62
N ASN A 30 4.58 -4.60 -9.43
CA ASN A 30 4.80 -4.00 -8.11
C ASN A 30 3.67 -3.03 -7.78
N ILE A 31 3.27 -2.23 -8.76
CA ILE A 31 2.20 -1.26 -8.57
C ILE A 31 0.83 -1.94 -8.51
N GLU A 32 0.54 -2.75 -9.52
CA GLU A 32 -0.72 -3.47 -9.58
C GLU A 32 -0.95 -4.28 -8.30
N ASP A 33 0.13 -4.77 -7.72
CA ASP A 33 0.04 -5.57 -6.50
C ASP A 33 -0.22 -4.67 -5.29
N LEU A 34 0.58 -3.62 -5.15
CA LEU A 34 0.44 -2.69 -4.04
C LEU A 34 -0.97 -2.11 -3.99
N LEU A 35 -1.54 -1.86 -5.17
CA LEU A 35 -2.88 -1.31 -5.27
C LEU A 35 -3.93 -2.33 -4.82
N LYS A 36 -3.66 -3.60 -5.09
CA LYS A 36 -4.57 -4.67 -4.72
C LYS A 36 -4.66 -4.81 -3.20
N GLU A 37 -3.50 -4.86 -2.55
CA GLU A 37 -3.46 -4.98 -1.10
C GLU A 37 -4.05 -3.75 -0.43
N LEU A 38 -3.86 -2.60 -1.06
CA LEU A 38 -4.39 -1.34 -0.51
C LEU A 38 -5.90 -1.24 -0.72
N LYS A 39 -6.37 -1.81 -1.83
CA LYS A 39 -7.79 -1.79 -2.14
C LYS A 39 -8.61 -2.41 -1.01
N THR A 40 -8.06 -3.45 -0.39
CA THR A 40 -8.75 -4.12 0.71
C THR A 40 -8.51 -3.41 2.04
N MET A 41 -7.30 -2.87 2.19
CA MET A 41 -6.94 -2.15 3.41
C MET A 41 -7.77 -0.88 3.56
N ASN A 42 -7.75 -0.04 2.53
CA ASN A 42 -8.49 1.21 2.55
C ASN A 42 -9.96 0.97 2.92
N ALA A 43 -10.57 0.00 2.25
CA ALA A 43 -11.97 -0.33 2.51
C ALA A 43 -12.13 -1.02 3.87
N ALA A 44 -11.07 -1.70 4.31
CA ALA A 44 -11.10 -2.39 5.59
C ALA A 44 -11.28 -1.41 6.74
N LEU A 45 -10.50 -0.33 6.72
CA LEU A 45 -10.58 0.69 7.76
C LEU A 45 -11.99 1.26 7.87
N ILE A 46 -12.74 1.15 6.79
CA ILE A 46 -14.12 1.65 6.76
C ILE A 46 -15.05 0.73 7.52
N LYS A 47 -14.90 -0.58 7.30
CA LYS A 47 -15.74 -1.57 7.97
C LYS A 47 -15.30 -1.75 9.42
N ILE A 48 -14.01 -1.98 9.63
CA ILE A 48 -13.47 -2.17 10.96
C ILE A 48 -13.49 -0.87 11.76
N GLY A 49 -13.51 0.25 11.04
CA GLY A 49 -13.53 1.55 11.69
C GLY A 49 -14.94 2.03 11.96
N GLU A 50 -15.90 1.49 11.22
CA GLU A 50 -17.30 1.89 11.38
C GLU A 50 -17.85 1.42 12.73
N VAL A 51 -17.28 0.33 13.24
CA VAL A 51 -17.70 -0.22 14.53
C VAL A 51 -17.23 0.66 15.68
N PRO A 52 -17.97 0.62 16.79
CA PRO A 52 -17.65 1.40 17.99
C PRO A 52 -16.40 0.89 18.70
N PRO A 53 -15.88 1.67 19.65
CA PRO A 53 -14.69 1.32 20.41
C PRO A 53 -14.93 0.16 21.38
N ASP A 54 -16.20 -0.22 21.52
CA ASP A 54 -16.57 -1.32 22.40
C ASP A 54 -16.17 -2.66 21.80
N GLN A 55 -16.07 -2.71 20.48
CA GLN A 55 -15.69 -3.94 19.79
C GLN A 55 -14.27 -3.84 19.25
N LEU A 56 -13.51 -2.86 19.75
CA LEU A 56 -12.13 -2.66 19.31
C LEU A 56 -11.15 -2.97 20.44
N ASP A 57 -9.98 -3.46 20.08
CA ASP A 57 -8.95 -3.78 21.06
C ASP A 57 -7.84 -2.75 21.04
N SER A 58 -6.97 -2.80 22.05
CA SER A 58 -5.86 -1.86 22.15
C SER A 58 -4.93 -1.98 20.95
N GLN A 59 -4.68 -3.22 20.53
CA GLN A 59 -3.80 -3.47 19.39
C GLN A 59 -4.51 -3.12 18.08
N ASP A 60 -5.82 -3.27 18.06
CA ASP A 60 -6.61 -2.96 16.88
C ASP A 60 -6.29 -1.56 16.36
N LYS A 61 -6.04 -0.63 17.29
CA LYS A 61 -5.73 0.74 16.93
C LYS A 61 -4.39 0.83 16.22
N LEU A 62 -3.38 0.13 16.76
CA LEU A 62 -2.05 0.13 16.18
C LEU A 62 -2.07 -0.45 14.78
N TRP A 63 -2.92 -1.46 14.57
CA TRP A 63 -3.04 -2.10 13.26
C TRP A 63 -3.32 -1.06 12.17
N ALA A 64 -4.01 0.00 12.54
CA ALA A 64 -4.36 1.05 11.59
C ALA A 64 -3.11 1.84 11.18
N ASP A 65 -2.18 1.98 12.11
CA ASP A 65 -0.94 2.71 11.85
C ASP A 65 -0.03 1.92 10.92
N GLU A 66 -0.06 0.59 11.06
CA GLU A 66 0.76 -0.28 10.23
C GLU A 66 0.52 -0.03 8.75
N VAL A 67 -0.71 0.38 8.42
CA VAL A 67 -1.07 0.66 7.03
C VAL A 67 -0.50 1.99 6.58
N ARG A 68 -0.57 2.99 7.45
CA ARG A 68 -0.05 4.33 7.14
C ARG A 68 1.46 4.28 6.90
N GLU A 69 2.18 3.69 7.84
CA GLU A 69 3.64 3.58 7.73
C GLU A 69 4.03 2.95 6.41
N LEU A 70 3.20 2.04 5.91
CA LEU A 70 3.47 1.36 4.65
C LEU A 70 3.19 2.30 3.46
N SER A 71 2.26 3.22 3.65
CA SER A 71 1.90 4.16 2.60
C SER A 71 3.14 4.86 2.04
N TYR A 72 4.14 5.03 2.89
CA TYR A 72 5.39 5.68 2.48
C TYR A 72 6.07 4.90 1.36
N VAL A 73 6.11 3.58 1.51
CA VAL A 73 6.72 2.72 0.51
C VAL A 73 6.13 2.97 -0.88
N ILE A 74 4.89 3.42 -0.90
CA ILE A 74 4.21 3.71 -2.17
C ILE A 74 4.91 4.82 -2.93
N GLU A 75 5.54 5.74 -2.19
CA GLU A 75 6.24 6.86 -2.81
C GLU A 75 7.23 6.37 -3.86
N ASP A 76 7.82 5.21 -3.60
CA ASP A 76 8.78 4.62 -4.53
C ASP A 76 8.15 4.39 -5.90
N ALA A 77 6.87 4.04 -5.90
CA ALA A 77 6.14 3.79 -7.15
C ALA A 77 6.29 4.97 -8.11
N VAL A 78 6.08 6.17 -7.59
CA VAL A 78 6.19 7.38 -8.41
C VAL A 78 7.63 7.86 -8.49
N ASP A 79 8.42 7.52 -7.47
CA ASP A 79 9.82 7.92 -7.42
C ASP A 79 10.58 7.40 -8.65
N LYS A 80 10.25 6.18 -9.06
CA LYS A 80 10.89 5.57 -10.22
C LYS A 80 10.77 6.47 -11.45
N PHE A 81 9.71 7.29 -11.48
CA PHE A 81 9.49 8.19 -12.60
C PHE A 81 10.45 9.37 -12.55
N LEU A 82 10.82 9.77 -11.34
CA LEU A 82 11.75 10.89 -11.15
C LEU A 82 13.17 10.49 -11.54
N VAL A 83 13.37 9.20 -11.79
CA VAL A 83 14.68 8.69 -12.17
C VAL A 83 15.27 9.49 -13.33
N ARG A 84 14.39 10.04 -14.17
CA ARG A 84 14.82 10.83 -15.32
C ARG A 84 15.25 12.23 -14.88
N VAL A 85 14.31 12.95 -14.26
CA VAL A 85 14.59 14.31 -13.81
C VAL A 85 15.76 14.34 -12.82
N HIS A 86 16.00 13.20 -12.18
CA HIS A 86 17.09 13.09 -11.22
C HIS A 86 18.42 12.81 -11.92
N GLY A 87 18.33 12.40 -13.19
CA GLY A 87 19.53 12.10 -13.95
C GLY A 87 20.28 10.91 -13.41
N VAL A 88 19.63 10.14 -12.54
CA VAL A 88 20.24 8.96 -11.95
C VAL A 88 19.80 7.69 -12.66
N GLU A 89 20.68 6.70 -12.70
CA GLU A 89 20.37 5.43 -13.35
C GLU A 89 19.22 4.72 -12.65
N PRO A 90 18.51 3.86 -13.38
CA PRO A 90 17.37 3.10 -12.85
C PRO A 90 17.81 2.04 -11.84
N ASP A 91 16.98 1.84 -10.81
CA ASP A 91 17.28 0.85 -9.78
C ASP A 91 16.03 0.52 -8.97
N ASP A 92 15.59 -0.73 -9.06
CA ASP A 92 14.40 -1.18 -8.35
C ASP A 92 14.79 -2.07 -7.17
N ASN A 93 15.95 -2.73 -7.28
CA ASN A 93 16.43 -3.62 -6.23
C ASN A 93 16.49 -2.90 -4.89
N THR A 94 16.68 -1.57 -4.95
CA THR A 94 16.77 -0.77 -3.74
C THR A 94 15.43 -0.69 -3.02
N ASN A 95 14.35 -0.90 -3.78
CA ASN A 95 13.00 -0.86 -3.21
C ASN A 95 12.89 -1.81 -2.02
N GLY A 96 13.69 -2.86 -2.04
CA GLY A 96 13.65 -3.83 -0.95
C GLY A 96 12.33 -4.55 -0.86
N PHE A 97 11.84 -5.03 -2.00
CA PHE A 97 10.56 -5.73 -2.04
C PHE A 97 10.62 -7.01 -1.21
N LYS A 98 11.84 -7.53 -1.01
CA LYS A 98 12.03 -8.73 -0.22
C LYS A 98 11.34 -8.64 1.13
N GLY A 99 11.66 -7.58 1.88
CA GLY A 99 11.06 -7.39 3.19
C GLY A 99 9.69 -6.75 3.10
N LEU A 100 9.53 -5.81 2.17
CA LEU A 100 8.26 -5.11 1.99
C LEU A 100 7.13 -6.10 1.71
N MET A 101 7.39 -7.05 0.83
CA MET A 101 6.41 -8.06 0.48
C MET A 101 5.87 -8.76 1.72
N LYS A 102 6.76 -8.97 2.69
CA LYS A 102 6.39 -9.64 3.93
C LYS A 102 5.67 -8.67 4.88
N ARG A 103 5.96 -7.38 4.72
CA ARG A 103 5.35 -6.35 5.55
C ARG A 103 3.88 -6.17 5.19
N THR A 104 3.55 -6.37 3.92
CA THR A 104 2.18 -6.22 3.44
C THR A 104 1.34 -7.43 3.84
N THR A 105 1.81 -8.62 3.51
CA THR A 105 1.09 -9.85 3.83
C THR A 105 0.87 -9.97 5.34
N LYS A 106 1.83 -9.49 6.12
CA LYS A 106 1.74 -9.55 7.57
C LYS A 106 0.41 -8.96 8.06
N LEU A 107 -0.01 -7.87 7.42
CA LEU A 107 -1.26 -7.22 7.78
C LEU A 107 -2.46 -7.99 7.25
N LEU A 108 -2.35 -8.45 6.00
CA LEU A 108 -3.43 -9.20 5.37
C LEU A 108 -3.73 -10.46 6.15
N LYS A 109 -2.77 -10.92 6.94
CA LYS A 109 -2.93 -12.12 7.75
C LYS A 109 -3.74 -11.82 9.02
N LYS A 110 -3.77 -10.55 9.40
CA LYS A 110 -4.50 -10.14 10.59
C LYS A 110 -5.98 -9.96 10.28
N VAL A 111 -6.29 -9.58 9.04
CA VAL A 111 -7.66 -9.37 8.61
C VAL A 111 -8.30 -10.69 8.18
N VAL A 112 -7.50 -11.54 7.53
CA VAL A 112 -7.99 -12.82 7.06
C VAL A 112 -8.39 -13.73 8.23
N ASP A 113 -8.00 -13.33 9.43
CA ASP A 113 -8.31 -14.11 10.63
C ASP A 113 -9.78 -13.94 11.02
N LYS A 114 -10.17 -12.71 11.33
CA LYS A 114 -11.55 -12.42 11.72
C LYS A 114 -12.36 -11.94 10.51
N HIS A 115 -11.85 -10.93 9.83
CA HIS A 115 -12.51 -10.38 8.65
C HIS A 115 -12.51 -11.38 7.51
N GLY A 116 -11.64 -12.38 7.59
CA GLY A 116 -11.56 -13.39 6.56
C GLY A 116 -11.14 -12.81 5.22
N ILE A 117 -10.64 -11.58 5.23
CA ILE A 117 -10.21 -10.91 4.00
C ILE A 117 -8.95 -11.57 3.45
N ALA A 118 -9.07 -12.11 2.24
CA ALA A 118 -7.94 -12.78 1.60
C ALA A 118 -6.82 -11.78 1.29
N SER A 1 -11.19 13.56 5.78
CA SER A 1 -11.76 12.35 6.36
C SER A 1 -10.71 11.60 7.19
N ASN A 2 -11.18 10.75 8.10
CA ASN A 2 -10.29 9.99 8.95
C ASN A 2 -9.48 8.99 8.13
N ALA A 3 -10.15 8.28 7.23
CA ALA A 3 -9.50 7.30 6.38
C ALA A 3 -9.25 7.85 4.99
N GLY A 4 -9.37 9.17 4.86
CA GLY A 4 -9.14 9.81 3.57
C GLY A 4 -7.70 9.75 3.13
N ALA A 5 -6.79 9.59 4.09
CA ALA A 5 -5.37 9.52 3.80
C ALA A 5 -5.02 8.20 3.11
N ILE A 6 -5.64 7.12 3.56
CA ILE A 6 -5.39 5.80 2.99
C ILE A 6 -6.08 5.66 1.63
N ALA A 7 -7.27 6.24 1.51
CA ALA A 7 -8.02 6.18 0.27
C ALA A 7 -7.34 7.01 -0.82
N LYS A 8 -6.67 8.08 -0.42
CA LYS A 8 -5.98 8.96 -1.35
C LYS A 8 -4.79 8.25 -2.00
N LEU A 9 -4.39 7.13 -1.40
CA LEU A 9 -3.27 6.35 -1.92
C LEU A 9 -3.70 5.47 -3.09
N ILE A 10 -5.00 5.17 -3.15
CA ILE A 10 -5.53 4.35 -4.23
C ILE A 10 -5.24 4.97 -5.59
N PRO A 11 -5.71 6.21 -5.78
CA PRO A 11 -5.51 6.95 -7.03
C PRO A 11 -4.06 7.35 -7.25
N LYS A 12 -3.26 7.27 -6.19
CA LYS A 12 -1.85 7.62 -6.26
C LYS A 12 -1.07 6.59 -7.09
N LEU A 13 -1.42 5.32 -6.92
CA LEU A 13 -0.76 4.25 -7.66
C LEU A 13 -1.37 4.09 -9.05
N GLY A 14 -2.69 4.14 -9.12
CA GLY A 14 -3.37 4.00 -10.40
C GLY A 14 -2.83 4.94 -11.45
N GLU A 15 -2.33 6.09 -11.01
CA GLU A 15 -1.78 7.08 -11.93
C GLU A 15 -0.61 6.50 -12.72
N LEU A 16 0.14 5.60 -12.09
CA LEU A 16 1.28 4.97 -12.73
C LEU A 16 0.84 3.78 -13.57
N LEU A 17 -0.44 3.44 -13.49
CA LEU A 17 -0.98 2.32 -14.24
C LEU A 17 -1.64 2.79 -15.54
N VAL A 18 -1.69 4.11 -15.71
CA VAL A 18 -2.30 4.69 -16.90
C VAL A 18 -1.34 4.64 -18.09
N GLY A 19 -0.04 4.56 -17.79
CA GLY A 19 0.95 4.50 -18.84
C GLY A 19 1.76 5.78 -18.95
N GLU A 20 1.68 6.61 -17.91
CA GLU A 20 2.41 7.88 -17.91
C GLU A 20 3.67 7.77 -17.04
N TYR A 21 4.70 7.16 -17.60
CA TYR A 21 5.96 6.99 -16.88
C TYR A 21 7.05 6.47 -17.81
N LYS A 22 8.30 6.61 -17.38
CA LYS A 22 9.44 6.16 -18.17
C LYS A 22 10.07 4.92 -17.56
N LEU A 23 9.29 3.84 -17.47
CA LEU A 23 9.77 2.59 -16.90
C LEU A 23 9.38 1.41 -17.77
N HIS A 24 9.90 0.23 -17.44
CA HIS A 24 9.60 -0.98 -18.19
C HIS A 24 8.32 -1.64 -17.68
N LYS A 25 7.75 -2.53 -18.49
CA LYS A 25 6.53 -3.23 -18.13
C LYS A 25 6.74 -4.08 -16.89
N GLY A 26 8.00 -4.36 -16.57
CA GLY A 26 8.32 -5.16 -15.40
C GLY A 26 8.35 -4.35 -14.12
N VAL A 27 8.58 -3.04 -14.25
CA VAL A 27 8.62 -2.15 -13.10
C VAL A 27 7.22 -1.79 -12.63
N LYS A 28 6.32 -1.57 -13.58
CA LYS A 28 4.94 -1.21 -13.26
C LYS A 28 4.30 -2.26 -12.36
N LYS A 29 4.82 -3.49 -12.42
CA LYS A 29 4.30 -4.57 -11.60
C LYS A 29 4.27 -4.19 -10.13
N ASN A 30 5.16 -3.29 -9.73
CA ASN A 30 5.23 -2.83 -8.35
C ASN A 30 4.02 -1.98 -8.00
N ILE A 31 3.62 -1.12 -8.94
CA ILE A 31 2.47 -0.24 -8.74
C ILE A 31 1.17 -1.04 -8.76
N GLU A 32 0.98 -1.81 -9.82
CA GLU A 32 -0.24 -2.62 -9.96
C GLU A 32 -0.41 -3.56 -8.77
N ASP A 33 0.70 -4.00 -8.21
CA ASP A 33 0.67 -4.90 -7.06
C ASP A 33 0.31 -4.15 -5.79
N LEU A 34 1.02 -3.06 -5.52
CA LEU A 34 0.77 -2.24 -4.34
C LEU A 34 -0.68 -1.77 -4.30
N LEU A 35 -1.22 -1.46 -5.47
CA LEU A 35 -2.61 -1.00 -5.57
C LEU A 35 -3.58 -2.13 -5.23
N LYS A 36 -3.21 -3.35 -5.58
CA LYS A 36 -4.05 -4.51 -5.31
C LYS A 36 -4.16 -4.77 -3.81
N GLU A 37 -3.02 -4.77 -3.13
CA GLU A 37 -2.99 -5.00 -1.70
C GLU A 37 -3.66 -3.86 -0.94
N LEU A 38 -3.55 -2.65 -1.49
CA LEU A 38 -4.15 -1.47 -0.87
C LEU A 38 -5.65 -1.46 -1.09
N LYS A 39 -6.09 -1.96 -2.22
CA LYS A 39 -7.51 -2.00 -2.55
C LYS A 39 -8.29 -2.77 -1.49
N THR A 40 -7.66 -3.80 -0.92
CA THR A 40 -8.28 -4.61 0.11
C THR A 40 -8.26 -3.90 1.47
N MET A 41 -7.12 -3.29 1.78
CA MET A 41 -6.97 -2.58 3.05
C MET A 41 -7.96 -1.42 3.14
N ASN A 42 -8.00 -0.59 2.09
CA ASN A 42 -8.90 0.55 2.06
C ASN A 42 -10.34 0.12 2.30
N ALA A 43 -10.75 -0.96 1.64
CA ALA A 43 -12.11 -1.49 1.79
C ALA A 43 -12.30 -2.11 3.16
N ALA A 44 -11.21 -2.60 3.75
CA ALA A 44 -11.27 -3.23 5.06
C ALA A 44 -11.81 -2.26 6.11
N LEU A 45 -11.25 -1.05 6.14
CA LEU A 45 -11.66 -0.04 7.09
C LEU A 45 -13.18 0.18 7.02
N ILE A 46 -13.75 -0.06 5.86
CA ILE A 46 -15.19 0.11 5.66
C ILE A 46 -15.97 -1.01 6.35
N LYS A 47 -15.57 -2.25 6.11
CA LYS A 47 -16.22 -3.41 6.70
C LYS A 47 -15.99 -3.45 8.20
N ILE A 48 -14.72 -3.35 8.60
CA ILE A 48 -14.36 -3.37 10.01
C ILE A 48 -14.81 -2.10 10.72
N GLY A 49 -14.95 -1.02 9.96
CA GLY A 49 -15.38 0.24 10.52
C GLY A 49 -16.80 0.20 11.04
N GLU A 50 -17.54 -0.82 10.63
CA GLU A 50 -18.93 -0.98 11.05
C GLU A 50 -19.02 -1.12 12.57
N VAL A 51 -18.01 -1.75 13.16
CA VAL A 51 -17.97 -1.95 14.60
C VAL A 51 -17.44 -0.71 15.31
N PRO A 52 -17.87 -0.53 16.57
CA PRO A 52 -17.45 0.61 17.39
C PRO A 52 -15.98 0.53 17.80
N PRO A 53 -15.45 1.64 18.32
CA PRO A 53 -14.05 1.72 18.76
C PRO A 53 -13.79 0.88 20.01
N ASP A 54 -14.86 0.36 20.60
CA ASP A 54 -14.74 -0.46 21.80
C ASP A 54 -14.25 -1.86 21.45
N GLN A 55 -14.39 -2.23 20.18
CA GLN A 55 -13.97 -3.55 19.73
C GLN A 55 -12.48 -3.54 19.36
N LEU A 56 -11.82 -2.43 19.61
CA LEU A 56 -10.40 -2.28 19.30
C LEU A 56 -9.56 -2.35 20.57
N ASP A 57 -8.37 -2.91 20.47
CA ASP A 57 -7.47 -3.02 21.60
C ASP A 57 -6.18 -2.23 21.37
N SER A 58 -5.26 -2.29 22.32
CA SER A 58 -3.99 -1.58 22.21
C SER A 58 -3.27 -1.95 20.92
N GLN A 59 -3.40 -3.22 20.53
CA GLN A 59 -2.76 -3.70 19.31
C GLN A 59 -3.42 -3.11 18.07
N ASP A 60 -4.74 -3.00 18.10
CA ASP A 60 -5.48 -2.45 16.97
C ASP A 60 -4.94 -1.08 16.59
N LYS A 61 -4.68 -0.24 17.59
CA LYS A 61 -4.16 1.09 17.36
C LYS A 61 -2.88 1.05 16.51
N LEU A 62 -2.10 -0.01 16.70
CA LEU A 62 -0.86 -0.18 15.95
C LEU A 62 -1.13 -0.65 14.53
N TRP A 63 -2.26 -1.34 14.35
CA TRP A 63 -2.64 -1.85 13.04
C TRP A 63 -2.97 -0.70 12.09
N ALA A 64 -3.85 0.19 12.52
CA ALA A 64 -4.26 1.33 11.71
C ALA A 64 -3.04 2.13 11.25
N ASP A 65 -2.03 2.21 12.11
CA ASP A 65 -0.80 2.93 11.78
C ASP A 65 0.02 2.18 10.74
N GLU A 66 0.07 0.86 10.87
CA GLU A 66 0.82 0.03 9.94
C GLU A 66 0.36 0.26 8.51
N VAL A 67 -0.94 0.53 8.34
CA VAL A 67 -1.50 0.76 7.02
C VAL A 67 -1.11 2.15 6.50
N ARG A 68 -1.04 3.11 7.40
CA ARG A 68 -0.68 4.48 7.02
C ARG A 68 0.80 4.57 6.68
N GLU A 69 1.65 4.07 7.56
CA GLU A 69 3.09 4.09 7.35
C GLU A 69 3.45 3.47 6.00
N LEU A 70 2.69 2.47 5.59
CA LEU A 70 2.92 1.79 4.32
C LEU A 70 2.84 2.77 3.16
N SER A 71 2.04 3.83 3.34
CA SER A 71 1.87 4.85 2.30
C SER A 71 3.23 5.41 1.86
N TYR A 72 4.18 5.43 2.79
CA TYR A 72 5.51 5.94 2.49
C TYR A 72 6.13 5.20 1.31
N VAL A 73 5.88 3.90 1.24
CA VAL A 73 6.41 3.08 0.16
C VAL A 73 5.75 3.43 -1.17
N ILE A 74 4.49 3.82 -1.12
CA ILE A 74 3.74 4.18 -2.32
C ILE A 74 4.34 5.42 -2.97
N GLU A 75 4.87 6.32 -2.15
CA GLU A 75 5.47 7.55 -2.65
C GLU A 75 6.52 7.25 -3.72
N ASP A 76 7.23 6.14 -3.54
CA ASP A 76 8.26 5.74 -4.49
C ASP A 76 7.68 5.54 -5.89
N ALA A 77 6.40 5.15 -5.94
CA ALA A 77 5.72 4.93 -7.21
C ALA A 77 5.81 6.16 -8.11
N VAL A 78 5.41 7.31 -7.56
CA VAL A 78 5.44 8.56 -8.30
C VAL A 78 6.81 9.23 -8.21
N ASP A 79 7.51 8.95 -7.13
CA ASP A 79 8.84 9.51 -6.91
C ASP A 79 9.84 8.94 -7.91
N LYS A 80 9.58 7.72 -8.36
CA LYS A 80 10.46 7.05 -9.33
C LYS A 80 10.46 7.80 -10.66
N PHE A 81 9.39 8.54 -10.93
CA PHE A 81 9.27 9.29 -12.17
C PHE A 81 10.47 10.22 -12.35
N LEU A 82 10.72 11.08 -11.37
CA LEU A 82 11.83 12.01 -11.43
C LEU A 82 13.16 11.29 -11.18
N VAL A 83 13.08 10.04 -10.72
CA VAL A 83 14.27 9.25 -10.45
C VAL A 83 14.87 8.70 -11.74
N ARG A 84 14.02 8.53 -12.75
CA ARG A 84 14.47 8.00 -14.04
C ARG A 84 14.92 9.14 -14.96
N VAL A 85 14.04 10.10 -15.17
CA VAL A 85 14.34 11.24 -16.03
C VAL A 85 15.60 11.96 -15.56
N HIS A 86 15.91 11.83 -14.28
CA HIS A 86 17.09 12.47 -13.71
C HIS A 86 18.37 11.88 -14.30
N GLY A 87 18.23 10.73 -14.95
CA GLY A 87 19.38 10.08 -15.55
C GLY A 87 19.75 8.79 -14.86
N VAL A 88 19.43 8.70 -13.57
CA VAL A 88 19.73 7.51 -12.78
C VAL A 88 18.59 6.51 -12.84
N GLU A 89 18.85 5.29 -12.38
CA GLU A 89 17.83 4.23 -12.38
C GLU A 89 17.76 3.55 -11.02
N PRO A 90 16.61 2.93 -10.73
CA PRO A 90 16.38 2.22 -9.47
C PRO A 90 17.21 0.95 -9.36
N ASP A 91 16.94 0.16 -8.33
CA ASP A 91 17.66 -1.09 -8.11
C ASP A 91 16.69 -2.25 -7.94
N ASP A 92 17.23 -3.46 -7.90
CA ASP A 92 16.41 -4.67 -7.73
C ASP A 92 16.50 -5.19 -6.30
N ASN A 93 17.69 -5.66 -5.92
CA ASN A 93 17.89 -6.19 -4.58
C ASN A 93 17.66 -5.12 -3.53
N THR A 94 18.20 -3.93 -3.77
CA THR A 94 18.04 -2.81 -2.84
C THR A 94 16.57 -2.52 -2.57
N ASN A 95 15.71 -2.88 -3.52
CA ASN A 95 14.28 -2.66 -3.40
C ASN A 95 13.76 -3.27 -2.10
N GLY A 96 14.42 -4.32 -1.63
CA GLY A 96 14.01 -4.99 -0.41
C GLY A 96 12.56 -5.45 -0.47
N PHE A 97 12.19 -6.09 -1.57
CA PHE A 97 10.83 -6.59 -1.73
C PHE A 97 10.50 -7.65 -0.70
N LYS A 98 11.53 -8.36 -0.24
CA LYS A 98 11.35 -9.40 0.76
C LYS A 98 10.59 -8.88 1.97
N GLY A 99 11.00 -7.71 2.46
CA GLY A 99 10.34 -7.12 3.61
C GLY A 99 9.05 -6.42 3.24
N LEU A 100 9.00 -5.86 2.04
CA LEU A 100 7.80 -5.16 1.58
C LEU A 100 6.62 -6.10 1.49
N MET A 101 6.83 -7.27 0.88
CA MET A 101 5.78 -8.27 0.73
C MET A 101 5.38 -8.84 2.08
N LYS A 102 6.35 -8.91 3.00
CA LYS A 102 6.10 -9.44 4.33
C LYS A 102 5.39 -8.41 5.20
N ARG A 103 5.60 -7.14 4.90
CA ARG A 103 4.97 -6.07 5.66
C ARG A 103 3.49 -5.97 5.33
N THR A 104 3.14 -6.20 4.07
CA THR A 104 1.75 -6.13 3.62
C THR A 104 1.00 -7.40 4.01
N THR A 105 1.55 -8.55 3.66
CA THR A 105 0.93 -9.83 3.96
C THR A 105 0.62 -9.95 5.44
N LYS A 106 1.56 -9.54 6.28
CA LYS A 106 1.38 -9.60 7.72
C LYS A 106 0.08 -8.92 8.14
N LEU A 107 -0.21 -7.78 7.52
CA LEU A 107 -1.42 -7.03 7.83
C LEU A 107 -2.63 -7.68 7.18
N LEU A 108 -2.46 -8.18 5.96
CA LEU A 108 -3.53 -8.83 5.23
C LEU A 108 -4.02 -10.07 5.96
N LYS A 109 -3.16 -10.64 6.80
CA LYS A 109 -3.50 -11.83 7.57
C LYS A 109 -4.32 -11.46 8.80
N LYS A 110 -4.23 -10.21 9.22
CA LYS A 110 -4.98 -9.73 10.38
C LYS A 110 -6.47 -9.65 10.07
N VAL A 111 -6.79 -9.01 8.95
CA VAL A 111 -8.19 -8.86 8.54
C VAL A 111 -8.87 -10.21 8.40
N VAL A 112 -8.07 -11.24 8.13
CA VAL A 112 -8.59 -12.59 7.96
C VAL A 112 -9.40 -13.02 9.18
N ASP A 113 -8.85 -12.76 10.36
CA ASP A 113 -9.50 -13.12 11.61
C ASP A 113 -10.72 -12.23 11.86
N LYS A 114 -10.85 -11.18 11.05
CA LYS A 114 -11.97 -10.25 11.19
C LYS A 114 -13.10 -10.63 10.24
N HIS A 115 -12.80 -10.71 8.95
CA HIS A 115 -13.79 -11.06 7.95
C HIS A 115 -13.34 -12.28 7.13
N GLY A 116 -12.03 -12.49 7.07
CA GLY A 116 -11.49 -13.61 6.33
C GLY A 116 -10.99 -13.20 4.96
N ILE A 117 -10.39 -12.02 4.86
CA ILE A 117 -9.87 -11.52 3.60
C ILE A 117 -8.95 -12.55 2.95
N ALA A 118 -9.39 -13.11 1.82
CA ALA A 118 -8.61 -14.10 1.10
C ALA A 118 -7.52 -13.43 0.26
N SER A 1 -13.36 12.60 5.70
CA SER A 1 -13.21 11.25 6.24
C SER A 1 -11.96 11.16 7.12
N ASN A 2 -11.97 10.21 8.04
CA ASN A 2 -10.84 10.01 8.94
C ASN A 2 -9.80 9.07 8.32
N ALA A 3 -10.28 8.10 7.56
CA ALA A 3 -9.42 7.13 6.90
C ALA A 3 -9.18 7.49 5.44
N GLY A 4 -9.54 8.72 5.08
CA GLY A 4 -9.36 9.19 3.72
C GLY A 4 -7.92 9.07 3.25
N ALA A 5 -6.99 9.04 4.21
CA ALA A 5 -5.57 8.94 3.89
C ALA A 5 -5.25 7.61 3.20
N ILE A 6 -5.68 6.51 3.83
CA ILE A 6 -5.44 5.19 3.27
C ILE A 6 -6.12 5.03 1.92
N ALA A 7 -7.32 5.59 1.78
CA ALA A 7 -8.07 5.51 0.54
C ALA A 7 -7.44 6.40 -0.53
N LYS A 8 -6.83 7.50 -0.09
CA LYS A 8 -6.20 8.44 -1.01
C LYS A 8 -5.01 7.80 -1.72
N LEU A 9 -4.58 6.65 -1.20
CA LEU A 9 -3.45 5.94 -1.78
C LEU A 9 -3.88 5.15 -3.03
N ILE A 10 -5.18 4.96 -3.17
CA ILE A 10 -5.72 4.23 -4.31
C ILE A 10 -5.30 4.88 -5.62
N PRO A 11 -5.65 6.16 -5.79
CA PRO A 11 -5.31 6.93 -6.99
C PRO A 11 -3.82 7.21 -7.10
N LYS A 12 -3.10 7.01 -6.00
CA LYS A 12 -1.66 7.25 -5.97
C LYS A 12 -0.94 6.28 -6.89
N LEU A 13 -1.22 4.99 -6.73
CA LEU A 13 -0.59 3.96 -7.55
C LEU A 13 -1.38 3.73 -8.84
N GLY A 14 -2.67 4.06 -8.80
CA GLY A 14 -3.51 3.88 -9.97
C GLY A 14 -2.93 4.54 -11.21
N GLU A 15 -2.14 5.60 -11.00
CA GLU A 15 -1.52 6.31 -12.10
C GLU A 15 -0.37 5.51 -12.71
N LEU A 16 0.31 4.75 -11.86
CA LEU A 16 1.43 3.94 -12.30
C LEU A 16 0.94 2.66 -12.98
N LEU A 17 -0.37 2.47 -12.99
CA LEU A 17 -0.97 1.28 -13.61
C LEU A 17 -1.33 1.55 -15.06
N VAL A 18 -1.13 2.79 -15.50
CA VAL A 18 -1.43 3.17 -16.88
C VAL A 18 -0.36 2.68 -17.83
N GLY A 19 0.87 2.57 -17.33
CA GLY A 19 1.97 2.10 -18.15
C GLY A 19 2.65 3.24 -18.89
N GLU A 20 1.95 4.35 -19.05
CA GLU A 20 2.49 5.52 -19.74
C GLU A 20 3.63 6.15 -18.95
N TYR A 21 4.84 5.62 -19.12
CA TYR A 21 6.00 6.13 -18.42
C TYR A 21 7.28 5.83 -19.19
N LYS A 22 8.41 6.23 -18.62
CA LYS A 22 9.71 6.00 -19.26
C LYS A 22 10.50 4.93 -18.52
N LEU A 23 9.90 3.76 -18.36
CA LEU A 23 10.54 2.65 -17.67
C LEU A 23 10.07 1.31 -18.22
N HIS A 24 10.69 0.23 -17.77
CA HIS A 24 10.34 -1.11 -18.22
C HIS A 24 8.88 -1.42 -17.90
N LYS A 25 8.23 -2.18 -18.78
CA LYS A 25 6.83 -2.54 -18.59
C LYS A 25 6.68 -3.55 -17.45
N GLY A 26 7.78 -4.17 -17.06
CA GLY A 26 7.76 -5.14 -15.99
C GLY A 26 7.60 -4.49 -14.63
N VAL A 27 8.00 -3.22 -14.52
CA VAL A 27 7.90 -2.49 -13.27
C VAL A 27 6.45 -2.16 -12.93
N LYS A 28 5.74 -1.58 -13.89
CA LYS A 28 4.34 -1.22 -13.70
C LYS A 28 3.51 -2.44 -13.30
N LYS A 29 4.00 -3.62 -13.67
CA LYS A 29 3.31 -4.87 -13.35
C LYS A 29 3.33 -5.13 -11.85
N ASN A 30 4.40 -4.68 -11.19
CA ASN A 30 4.53 -4.86 -9.75
C ASN A 30 3.66 -3.88 -8.98
N ILE A 31 3.46 -2.70 -9.56
CA ILE A 31 2.64 -1.66 -8.94
C ILE A 31 1.25 -2.20 -8.57
N GLU A 32 0.62 -2.87 -9.53
CA GLU A 32 -0.70 -3.43 -9.32
C GLU A 32 -0.73 -4.31 -8.06
N ASP A 33 0.41 -4.89 -7.74
CA ASP A 33 0.52 -5.75 -6.56
C ASP A 33 0.57 -4.90 -5.28
N LEU A 34 1.25 -3.76 -5.36
CA LEU A 34 1.37 -2.87 -4.22
C LEU A 34 0.05 -2.17 -3.92
N LEU A 35 -0.63 -1.73 -4.96
CA LEU A 35 -1.92 -1.06 -4.81
C LEU A 35 -2.99 -2.03 -4.31
N LYS A 36 -2.94 -3.26 -4.80
CA LYS A 36 -3.90 -4.28 -4.41
C LYS A 36 -3.87 -4.49 -2.90
N GLU A 37 -2.70 -4.29 -2.30
CA GLU A 37 -2.54 -4.45 -0.85
C GLU A 37 -3.15 -3.27 -0.10
N LEU A 38 -3.01 -2.08 -0.68
CA LEU A 38 -3.55 -0.86 -0.06
C LEU A 38 -5.06 -0.81 -0.20
N LYS A 39 -5.55 -1.05 -1.41
CA LYS A 39 -6.99 -1.02 -1.68
C LYS A 39 -7.73 -1.95 -0.72
N THR A 40 -7.32 -3.21 -0.68
CA THR A 40 -7.95 -4.20 0.19
C THR A 40 -7.87 -3.77 1.65
N MET A 41 -6.80 -3.07 1.99
CA MET A 41 -6.59 -2.59 3.36
C MET A 41 -7.71 -1.65 3.78
N ASN A 42 -8.08 -0.74 2.88
CA ASN A 42 -9.14 0.23 3.15
C ASN A 42 -10.45 -0.48 3.47
N ALA A 43 -10.72 -1.57 2.75
CA ALA A 43 -11.94 -2.34 2.95
C ALA A 43 -12.08 -2.78 4.40
N ALA A 44 -10.95 -2.92 5.08
CA ALA A 44 -10.94 -3.33 6.48
C ALA A 44 -11.61 -2.28 7.36
N LEU A 45 -11.23 -1.02 7.16
CA LEU A 45 -11.79 0.07 7.95
C LEU A 45 -13.31 0.10 7.84
N ILE A 46 -13.83 -0.46 6.76
CA ILE A 46 -15.29 -0.51 6.54
C ILE A 46 -15.93 -1.58 7.43
N LYS A 47 -15.30 -2.74 7.50
CA LYS A 47 -15.82 -3.84 8.32
C LYS A 47 -15.54 -3.58 9.80
N ILE A 48 -14.29 -3.28 10.13
CA ILE A 48 -13.91 -3.01 11.51
C ILE A 48 -14.49 -1.69 12.00
N GLY A 49 -14.80 -0.80 11.06
CA GLY A 49 -15.36 0.48 11.41
C GLY A 49 -16.85 0.41 11.72
N GLU A 50 -17.49 -0.68 11.26
CA GLU A 50 -18.91 -0.86 11.47
C GLU A 50 -19.24 -0.91 12.97
N VAL A 51 -18.28 -1.37 13.77
CA VAL A 51 -18.46 -1.47 15.21
C VAL A 51 -18.29 -0.11 15.88
N PRO A 52 -18.96 0.08 17.02
CA PRO A 52 -18.90 1.34 17.78
C PRO A 52 -17.52 1.55 18.42
N PRO A 53 -17.30 2.77 18.92
CA PRO A 53 -16.03 3.14 19.56
C PRO A 53 -15.85 2.46 20.91
N ASP A 54 -16.90 1.79 21.37
CA ASP A 54 -16.86 1.08 22.65
C ASP A 54 -16.03 -0.19 22.54
N GLN A 55 -15.94 -0.73 21.33
CA GLN A 55 -15.18 -1.95 21.09
C GLN A 55 -13.78 -1.63 20.57
N LEU A 56 -13.37 -0.38 20.74
CA LEU A 56 -12.05 0.06 20.29
C LEU A 56 -11.03 -0.03 21.43
N ASP A 57 -9.91 -0.69 21.16
CA ASP A 57 -8.86 -0.85 22.16
C ASP A 57 -7.62 -0.06 21.76
N SER A 58 -6.63 -0.04 22.65
CA SER A 58 -5.39 0.69 22.39
C SER A 58 -4.57 0.01 21.30
N GLN A 59 -4.72 -1.31 21.20
CA GLN A 59 -4.00 -2.07 20.19
C GLN A 59 -4.44 -1.69 18.78
N ASP A 60 -5.74 -1.46 18.62
CA ASP A 60 -6.28 -1.08 17.31
C ASP A 60 -5.57 0.15 16.77
N LYS A 61 -5.27 1.10 17.65
CA LYS A 61 -4.58 2.31 17.26
C LYS A 61 -3.21 2.01 16.66
N LEU A 62 -2.56 0.97 17.19
CA LEU A 62 -1.24 0.58 16.72
C LEU A 62 -1.34 -0.12 15.36
N TRP A 63 -2.47 -0.77 15.12
CA TRP A 63 -2.68 -1.47 13.85
C TRP A 63 -2.85 -0.48 12.71
N ALA A 64 -3.61 0.59 12.96
CA ALA A 64 -3.85 1.60 11.94
C ALA A 64 -2.57 2.35 11.59
N ASP A 65 -1.67 2.45 12.57
CA ASP A 65 -0.40 3.15 12.37
C ASP A 65 0.44 2.43 11.33
N GLU A 66 0.55 1.11 11.45
CA GLU A 66 1.32 0.31 10.52
C GLU A 66 0.75 0.40 9.10
N VAL A 67 -0.58 0.52 9.03
CA VAL A 67 -1.25 0.61 7.73
C VAL A 67 -1.07 1.99 7.12
N ARG A 68 -1.22 3.03 7.94
CA ARG A 68 -1.07 4.40 7.47
C ARG A 68 0.38 4.69 7.10
N GLU A 69 1.30 4.32 7.97
CA GLU A 69 2.72 4.54 7.74
C GLU A 69 3.17 3.89 6.43
N LEU A 70 2.54 2.75 6.11
CA LEU A 70 2.87 2.02 4.89
C LEU A 70 2.73 2.91 3.66
N SER A 71 1.86 3.92 3.76
CA SER A 71 1.63 4.83 2.65
C SER A 71 2.95 5.43 2.16
N TYR A 72 3.91 5.55 3.07
CA TYR A 72 5.21 6.10 2.72
C TYR A 72 5.91 5.24 1.68
N VAL A 73 5.92 3.93 1.92
CA VAL A 73 6.55 2.99 0.99
C VAL A 73 6.02 3.16 -0.42
N ILE A 74 4.78 3.64 -0.53
CA ILE A 74 4.15 3.85 -1.82
C ILE A 74 4.90 4.91 -2.63
N GLU A 75 5.50 5.87 -1.93
CA GLU A 75 6.25 6.93 -2.58
C GLU A 75 7.26 6.35 -3.57
N ASP A 76 7.83 5.21 -3.24
CA ASP A 76 8.81 4.55 -4.10
C ASP A 76 8.27 4.41 -5.52
N ALA A 77 6.95 4.28 -5.63
CA ALA A 77 6.31 4.13 -6.94
C ALA A 77 6.55 5.36 -7.81
N VAL A 78 6.28 6.53 -7.25
CA VAL A 78 6.46 7.79 -7.98
C VAL A 78 7.93 8.17 -8.04
N ASP A 79 8.70 7.70 -7.06
CA ASP A 79 10.13 8.00 -7.00
C ASP A 79 10.84 7.49 -8.26
N LYS A 80 10.29 6.45 -8.86
CA LYS A 80 10.87 5.86 -10.06
C LYS A 80 11.03 6.91 -11.16
N PHE A 81 10.13 7.88 -11.17
CA PHE A 81 10.17 8.95 -12.16
C PHE A 81 11.28 9.95 -11.84
N LEU A 82 11.56 10.11 -10.55
CA LEU A 82 12.60 11.04 -10.11
C LEU A 82 13.99 10.48 -10.41
N VAL A 83 14.03 9.22 -10.84
CA VAL A 83 15.29 8.57 -11.17
C VAL A 83 16.12 9.43 -12.13
N ARG A 84 15.43 10.21 -12.96
CA ARG A 84 16.10 11.08 -13.92
C ARG A 84 16.75 12.27 -13.23
N VAL A 85 15.94 13.06 -12.54
CA VAL A 85 16.44 14.23 -11.82
C VAL A 85 17.50 13.85 -10.80
N HIS A 86 17.42 12.61 -10.30
CA HIS A 86 18.37 12.12 -9.32
C HIS A 86 19.70 11.75 -9.99
N GLY A 87 19.67 11.63 -11.31
CA GLY A 87 20.88 11.28 -12.05
C GLY A 87 21.36 9.88 -11.74
N VAL A 88 20.47 9.07 -11.18
CA VAL A 88 20.81 7.69 -10.84
C VAL A 88 20.31 6.71 -11.89
N GLU A 89 21.02 5.61 -12.06
CA GLU A 89 20.64 4.59 -13.04
C GLU A 89 19.46 3.78 -12.54
N PRO A 90 18.68 3.23 -13.49
CA PRO A 90 17.50 2.42 -13.17
C PRO A 90 17.87 1.07 -12.56
N ASP A 91 16.99 0.57 -11.70
CA ASP A 91 17.23 -0.71 -11.03
C ASP A 91 15.92 -1.31 -10.53
N ASP A 92 15.79 -2.63 -10.65
CA ASP A 92 14.58 -3.32 -10.21
C ASP A 92 14.75 -3.86 -8.79
N ASN A 93 15.90 -4.47 -8.53
CA ASN A 93 16.19 -5.03 -7.22
C ASN A 93 16.10 -3.96 -6.14
N THR A 94 16.35 -2.71 -6.53
CA THR A 94 16.29 -1.60 -5.60
C THR A 94 14.89 -1.40 -5.06
N ASN A 95 13.89 -1.85 -5.82
CA ASN A 95 12.49 -1.72 -5.42
C ASN A 95 12.26 -2.37 -4.07
N GLY A 96 13.09 -3.37 -3.74
CA GLY A 96 12.95 -4.06 -2.47
C GLY A 96 11.57 -4.65 -2.28
N PHE A 97 10.95 -5.07 -3.38
CA PHE A 97 9.62 -5.65 -3.33
C PHE A 97 9.61 -6.92 -2.48
N LYS A 98 10.77 -7.57 -2.40
CA LYS A 98 10.90 -8.80 -1.62
C LYS A 98 10.38 -8.59 -0.19
N GLY A 99 10.82 -7.50 0.44
CA GLY A 99 10.39 -7.22 1.79
C GLY A 99 9.02 -6.56 1.84
N LEU A 100 8.72 -5.76 0.83
CA LEU A 100 7.43 -5.07 0.76
C LEU A 100 6.28 -6.07 0.71
N MET A 101 6.40 -7.07 -0.14
CA MET A 101 5.37 -8.09 -0.29
C MET A 101 5.09 -8.76 1.06
N LYS A 102 6.15 -8.96 1.84
CA LYS A 102 6.02 -9.60 3.15
C LYS A 102 5.47 -8.61 4.18
N ARG A 103 5.74 -7.33 3.96
CA ARG A 103 5.28 -6.29 4.87
C ARG A 103 3.78 -6.06 4.72
N THR A 104 3.26 -6.34 3.53
CA THR A 104 1.84 -6.17 3.24
C THR A 104 1.03 -7.36 3.76
N THR A 105 1.42 -8.56 3.35
CA THR A 105 0.74 -9.77 3.77
C THR A 105 0.69 -9.89 5.29
N LYS A 106 1.77 -9.47 5.94
CA LYS A 106 1.84 -9.52 7.40
C LYS A 106 0.72 -8.69 8.03
N LEU A 107 0.49 -7.51 7.50
CA LEU A 107 -0.55 -6.62 8.01
C LEU A 107 -1.93 -7.14 7.61
N LEU A 108 -2.01 -7.80 6.46
CA LEU A 108 -3.27 -8.34 5.96
C LEU A 108 -3.72 -9.53 6.81
N LYS A 109 -2.76 -10.22 7.41
CA LYS A 109 -3.05 -11.39 8.25
C LYS A 109 -3.98 -11.00 9.40
N LYS A 110 -3.98 -9.72 9.74
CA LYS A 110 -4.82 -9.22 10.82
C LYS A 110 -6.30 -9.41 10.50
N VAL A 111 -6.68 -9.11 9.27
CA VAL A 111 -8.06 -9.26 8.83
C VAL A 111 -8.34 -10.68 8.35
N VAL A 112 -7.30 -11.35 7.89
CA VAL A 112 -7.42 -12.72 7.39
C VAL A 112 -7.94 -13.65 8.48
N ASP A 113 -7.42 -13.49 9.69
CA ASP A 113 -7.83 -14.30 10.82
C ASP A 113 -9.25 -13.96 11.26
N LYS A 114 -9.77 -12.86 10.72
CA LYS A 114 -11.12 -12.41 11.07
C LYS A 114 -12.14 -12.93 10.05
N HIS A 115 -11.91 -12.62 8.78
CA HIS A 115 -12.81 -13.07 7.72
C HIS A 115 -12.04 -13.85 6.66
N GLY A 116 -10.75 -13.58 6.55
CA GLY A 116 -9.93 -14.27 5.57
C GLY A 116 -9.69 -13.44 4.33
N ILE A 117 -9.51 -12.14 4.52
CA ILE A 117 -9.27 -11.24 3.40
C ILE A 117 -8.13 -11.74 2.51
N ALA A 118 -8.44 -12.01 1.25
CA ALA A 118 -7.45 -12.49 0.31
C ALA A 118 -6.37 -11.45 0.06
N SER A 1 -12.95 13.51 5.19
CA SER A 1 -12.76 12.07 5.28
C SER A 1 -11.60 11.73 6.19
N ASN A 2 -11.82 10.80 7.13
CA ASN A 2 -10.79 10.38 8.07
C ASN A 2 -9.81 9.42 7.41
N ALA A 3 -10.34 8.60 6.49
CA ALA A 3 -9.50 7.63 5.79
C ALA A 3 -9.23 8.08 4.35
N GLY A 4 -9.52 9.34 4.06
CA GLY A 4 -9.30 9.87 2.73
C GLY A 4 -7.85 9.77 2.30
N ALA A 5 -6.94 9.78 3.27
CA ALA A 5 -5.52 9.70 2.98
C ALA A 5 -5.15 8.34 2.39
N ILE A 6 -5.75 7.29 2.94
CA ILE A 6 -5.49 5.93 2.46
C ILE A 6 -6.17 5.68 1.12
N ALA A 7 -7.35 6.27 0.94
CA ALA A 7 -8.10 6.11 -0.30
C ALA A 7 -7.42 6.82 -1.46
N LYS A 8 -6.72 7.91 -1.14
CA LYS A 8 -6.01 8.68 -2.15
C LYS A 8 -4.83 7.90 -2.71
N LEU A 9 -4.45 6.84 -2.02
CA LEU A 9 -3.33 6.00 -2.44
C LEU A 9 -3.77 5.02 -3.53
N ILE A 10 -5.06 4.73 -3.57
CA ILE A 10 -5.61 3.82 -4.56
C ILE A 10 -5.25 4.26 -5.98
N PRO A 11 -5.63 5.49 -6.33
CA PRO A 11 -5.35 6.07 -7.65
C PRO A 11 -3.87 6.37 -7.85
N LYS A 12 -3.17 6.59 -6.75
CA LYS A 12 -1.74 6.89 -6.81
C LYS A 12 -0.99 5.82 -7.59
N LEU A 13 -1.19 4.57 -7.21
CA LEU A 13 -0.54 3.45 -7.87
C LEU A 13 -1.05 3.29 -9.30
N GLY A 14 -2.27 3.76 -9.55
CA GLY A 14 -2.85 3.67 -10.87
C GLY A 14 -2.08 4.47 -11.90
N GLU A 15 -1.38 5.50 -11.44
CA GLU A 15 -0.60 6.36 -12.33
C GLU A 15 0.43 5.55 -13.09
N LEU A 16 0.96 4.51 -12.45
CA LEU A 16 1.96 3.65 -13.06
C LEU A 16 1.31 2.51 -13.83
N LEU A 17 0.01 2.32 -13.61
CA LEU A 17 -0.73 1.26 -14.27
C LEU A 17 -1.31 1.74 -15.60
N VAL A 18 -1.32 3.06 -15.79
CA VAL A 18 -1.84 3.65 -17.02
C VAL A 18 -0.80 3.58 -18.14
N GLY A 19 0.47 3.52 -17.76
CA GLY A 19 1.53 3.45 -18.75
C GLY A 19 1.94 4.81 -19.26
N GLU A 20 1.77 5.84 -18.43
CA GLU A 20 2.12 7.20 -18.80
C GLU A 20 3.36 7.67 -18.05
N TYR A 21 4.52 7.20 -18.48
CA TYR A 21 5.78 7.57 -17.86
C TYR A 21 6.97 7.10 -18.69
N LYS A 22 8.18 7.40 -18.21
CA LYS A 22 9.39 7.01 -18.92
C LYS A 22 10.10 5.87 -18.18
N LEU A 23 9.47 4.71 -18.14
CA LEU A 23 10.04 3.55 -17.45
C LEU A 23 9.66 2.26 -18.19
N HIS A 24 10.25 1.15 -17.74
CA HIS A 24 9.98 -0.15 -18.34
C HIS A 24 8.55 -0.60 -18.03
N LYS A 25 8.00 -1.43 -18.91
CA LYS A 25 6.65 -1.94 -18.73
C LYS A 25 6.59 -2.95 -17.59
N GLY A 26 7.68 -3.70 -17.42
CA GLY A 26 7.73 -4.69 -16.35
C GLY A 26 7.38 -4.11 -15.00
N VAL A 27 7.78 -2.86 -14.78
CA VAL A 27 7.50 -2.18 -13.51
C VAL A 27 6.03 -2.24 -13.16
N LYS A 28 5.19 -2.21 -14.20
CA LYS A 28 3.74 -2.27 -14.01
C LYS A 28 3.35 -3.44 -13.11
N LYS A 29 4.03 -4.56 -13.28
CA LYS A 29 3.76 -5.76 -12.49
C LYS A 29 4.08 -5.52 -11.02
N ASN A 30 5.11 -4.72 -10.76
CA ASN A 30 5.51 -4.42 -9.40
C ASN A 30 4.56 -3.41 -8.76
N ILE A 31 4.09 -2.45 -9.56
CA ILE A 31 3.18 -1.43 -9.08
C ILE A 31 1.78 -2.01 -8.87
N GLU A 32 1.26 -2.69 -9.88
CA GLU A 32 -0.06 -3.28 -9.80
C GLU A 32 -0.20 -4.14 -8.56
N ASP A 33 0.89 -4.77 -8.16
CA ASP A 33 0.89 -5.62 -6.97
C ASP A 33 0.55 -4.81 -5.71
N LEU A 34 1.19 -3.65 -5.59
CA LEU A 34 0.95 -2.78 -4.43
C LEU A 34 -0.51 -2.34 -4.37
N LEU A 35 -1.09 -2.10 -5.55
CA LEU A 35 -2.48 -1.67 -5.62
C LEU A 35 -3.43 -2.80 -5.23
N LYS A 36 -3.05 -4.04 -5.56
CA LYS A 36 -3.85 -5.20 -5.24
C LYS A 36 -4.16 -5.25 -3.75
N GLU A 37 -3.12 -5.11 -2.93
CA GLU A 37 -3.28 -5.13 -1.48
C GLU A 37 -3.88 -3.83 -0.97
N LEU A 38 -3.55 -2.73 -1.64
CA LEU A 38 -4.06 -1.42 -1.26
C LEU A 38 -5.56 -1.32 -1.50
N LYS A 39 -6.06 -2.12 -2.43
CA LYS A 39 -7.48 -2.14 -2.75
C LYS A 39 -8.31 -2.62 -1.56
N THR A 40 -7.97 -3.81 -1.06
CA THR A 40 -8.68 -4.39 0.07
C THR A 40 -8.42 -3.60 1.35
N MET A 41 -7.23 -3.01 1.44
CA MET A 41 -6.86 -2.23 2.61
C MET A 41 -7.87 -1.12 2.87
N ASN A 42 -8.23 -0.39 1.82
CA ASN A 42 -9.19 0.70 1.94
C ASN A 42 -10.54 0.18 2.44
N ALA A 43 -10.90 -1.02 2.00
CA ALA A 43 -12.16 -1.64 2.40
C ALA A 43 -12.11 -2.06 3.87
N ALA A 44 -10.91 -2.36 4.36
CA ALA A 44 -10.74 -2.79 5.74
C ALA A 44 -11.18 -1.70 6.71
N LEU A 45 -10.71 -0.49 6.49
CA LEU A 45 -11.06 0.65 7.34
C LEU A 45 -12.57 0.81 7.44
N ILE A 46 -13.28 0.35 6.41
CA ILE A 46 -14.73 0.44 6.39
C ILE A 46 -15.36 -0.59 7.32
N LYS A 47 -14.91 -1.83 7.23
CA LYS A 47 -15.43 -2.90 8.07
C LYS A 47 -14.97 -2.72 9.52
N ILE A 48 -13.67 -2.53 9.70
CA ILE A 48 -13.11 -2.34 11.04
C ILE A 48 -13.51 -1.00 11.62
N GLY A 49 -13.82 -0.05 10.74
CA GLY A 49 -14.22 1.27 11.18
C GLY A 49 -15.72 1.45 11.21
N GLU A 50 -16.44 0.34 11.24
CA GLU A 50 -17.90 0.37 11.26
C GLU A 50 -18.44 0.09 12.66
N VAL A 51 -17.65 -0.64 13.44
CA VAL A 51 -18.04 -0.98 14.81
C VAL A 51 -17.49 0.04 15.81
N PRO A 52 -18.19 0.19 16.95
CA PRO A 52 -17.79 1.13 18.00
C PRO A 52 -16.53 0.67 18.72
N PRO A 53 -15.96 1.58 19.53
CA PRO A 53 -14.74 1.30 20.31
C PRO A 53 -14.98 0.29 21.42
N ASP A 54 -16.25 -0.05 21.65
CA ASP A 54 -16.61 -1.00 22.69
C ASP A 54 -15.94 -2.35 22.45
N GLN A 55 -15.61 -2.62 21.19
CA GLN A 55 -14.96 -3.88 20.83
C GLN A 55 -13.57 -3.63 20.26
N LEU A 56 -13.05 -2.44 20.49
CA LEU A 56 -11.71 -2.07 20.01
C LEU A 56 -10.68 -2.19 21.12
N ASP A 57 -9.54 -2.78 20.79
CA ASP A 57 -8.46 -2.95 21.76
C ASP A 57 -7.38 -1.89 21.55
N SER A 58 -6.43 -1.84 22.48
CA SER A 58 -5.34 -0.88 22.42
C SER A 58 -4.42 -1.18 21.23
N GLN A 59 -4.20 -2.46 20.98
CA GLN A 59 -3.35 -2.89 19.88
C GLN A 59 -3.98 -2.57 18.52
N ASP A 60 -5.30 -2.67 18.47
CA ASP A 60 -6.04 -2.39 17.24
C ASP A 60 -5.66 -1.01 16.69
N LYS A 61 -5.40 -0.07 17.58
CA LYS A 61 -5.03 1.28 17.18
C LYS A 61 -3.68 1.29 16.47
N LEU A 62 -2.77 0.43 16.92
CA LEU A 62 -1.44 0.33 16.33
C LEU A 62 -1.52 -0.24 14.92
N TRP A 63 -2.54 -1.05 14.67
CA TRP A 63 -2.74 -1.66 13.37
C TRP A 63 -3.18 -0.62 12.33
N ALA A 64 -4.03 0.31 12.77
CA ALA A 64 -4.54 1.36 11.89
C ALA A 64 -3.39 2.18 11.33
N ASP A 65 -2.35 2.38 12.12
CA ASP A 65 -1.19 3.16 11.70
C ASP A 65 -0.34 2.37 10.70
N GLU A 66 -0.28 1.06 10.90
CA GLU A 66 0.50 0.19 10.02
C GLU A 66 0.08 0.36 8.57
N VAL A 67 -1.21 0.65 8.37
CA VAL A 67 -1.74 0.84 7.02
C VAL A 67 -1.32 2.19 6.44
N ARG A 68 -1.31 3.21 7.30
CA ARG A 68 -0.93 4.55 6.88
C ARG A 68 0.57 4.63 6.59
N GLU A 69 1.38 4.14 7.53
CA GLU A 69 2.83 4.16 7.38
C GLU A 69 3.23 3.50 6.06
N LEU A 70 2.48 2.49 5.64
CA LEU A 70 2.77 1.78 4.40
C LEU A 70 2.70 2.72 3.21
N SER A 71 1.81 3.71 3.29
CA SER A 71 1.64 4.67 2.20
C SER A 71 2.97 5.36 1.88
N TYR A 72 3.83 5.46 2.88
CA TYR A 72 5.14 6.09 2.70
C TYR A 72 5.95 5.37 1.63
N VAL A 73 5.76 4.06 1.53
CA VAL A 73 6.47 3.26 0.54
C VAL A 73 5.91 3.48 -0.86
N ILE A 74 4.59 3.70 -0.93
CA ILE A 74 3.93 3.93 -2.21
C ILE A 74 4.60 5.07 -2.97
N GLU A 75 5.15 6.03 -2.25
CA GLU A 75 5.82 7.17 -2.86
C GLU A 75 6.88 6.71 -3.85
N ASP A 76 7.53 5.59 -3.54
CA ASP A 76 8.57 5.04 -4.41
C ASP A 76 8.01 4.73 -5.79
N ALA A 77 6.72 4.41 -5.84
CA ALA A 77 6.07 4.09 -7.10
C ALA A 77 6.29 5.18 -8.14
N VAL A 78 5.99 6.41 -7.76
CA VAL A 78 6.17 7.56 -8.66
C VAL A 78 7.61 8.04 -8.65
N ASP A 79 8.31 7.81 -7.55
CA ASP A 79 9.70 8.22 -7.43
C ASP A 79 10.54 7.67 -8.59
N LYS A 80 10.10 6.54 -9.13
CA LYS A 80 10.80 5.91 -10.25
C LYS A 80 10.98 6.89 -11.40
N PHE A 81 10.04 7.82 -11.54
CA PHE A 81 10.09 8.82 -12.61
C PHE A 81 11.14 9.88 -12.29
N LEU A 82 11.32 10.16 -11.01
CA LEU A 82 12.30 11.16 -10.57
C LEU A 82 13.72 10.65 -10.75
N VAL A 83 13.85 9.36 -11.08
CA VAL A 83 15.16 8.75 -11.28
C VAL A 83 16.00 9.57 -12.24
N ARG A 84 15.34 10.26 -13.16
CA ARG A 84 16.04 11.09 -14.15
C ARG A 84 16.53 12.38 -13.52
N VAL A 85 15.59 13.16 -12.97
CA VAL A 85 15.93 14.43 -12.33
C VAL A 85 16.92 14.23 -11.19
N HIS A 86 16.92 13.03 -10.63
CA HIS A 86 17.82 12.71 -9.52
C HIS A 86 19.07 11.98 -10.03
N GLY A 87 18.99 11.49 -11.27
CA GLY A 87 20.12 10.78 -11.85
C GLY A 87 20.42 9.47 -11.14
N VAL A 88 19.43 8.97 -10.41
CA VAL A 88 19.59 7.72 -9.67
C VAL A 88 19.78 6.54 -10.63
N GLU A 89 20.53 5.54 -10.18
CA GLU A 89 20.79 4.37 -10.99
C GLU A 89 19.70 3.31 -10.79
N PRO A 90 19.50 2.47 -11.81
CA PRO A 90 18.51 1.40 -11.77
C PRO A 90 18.87 0.29 -10.80
N ASP A 91 17.89 -0.20 -10.06
CA ASP A 91 18.11 -1.28 -9.10
C ASP A 91 16.79 -1.89 -8.65
N ASP A 92 16.65 -3.19 -8.89
CA ASP A 92 15.43 -3.91 -8.51
C ASP A 92 15.67 -4.78 -7.29
N ASN A 93 16.87 -5.34 -7.18
CA ASN A 93 17.23 -6.20 -6.07
C ASN A 93 17.14 -5.44 -4.74
N THR A 94 17.77 -4.26 -4.70
CA THR A 94 17.75 -3.44 -3.50
C THR A 94 16.33 -3.12 -3.06
N ASN A 95 15.40 -3.14 -4.01
CA ASN A 95 14.00 -2.86 -3.72
C ASN A 95 13.49 -3.75 -2.60
N GLY A 96 14.08 -4.93 -2.46
CA GLY A 96 13.67 -5.85 -1.42
C GLY A 96 12.20 -6.20 -1.51
N PHE A 97 11.73 -6.52 -2.71
CA PHE A 97 10.34 -6.88 -2.93
C PHE A 97 9.90 -7.98 -1.96
N LYS A 98 10.85 -8.83 -1.58
CA LYS A 98 10.56 -9.93 -0.65
C LYS A 98 9.87 -9.41 0.61
N GLY A 99 10.48 -8.40 1.23
CA GLY A 99 9.91 -7.84 2.44
C GLY A 99 8.81 -6.83 2.15
N LEU A 100 8.98 -6.08 1.07
CA LEU A 100 7.99 -5.07 0.69
C LEU A 100 6.63 -5.71 0.43
N MET A 101 6.62 -6.78 -0.34
CA MET A 101 5.39 -7.49 -0.67
C MET A 101 4.78 -8.10 0.59
N LYS A 102 5.60 -8.81 1.36
CA LYS A 102 5.13 -9.45 2.59
C LYS A 102 4.65 -8.41 3.60
N ARG A 103 5.18 -7.20 3.48
CA ARG A 103 4.81 -6.11 4.38
C ARG A 103 3.30 -5.88 4.35
N THR A 104 2.71 -6.03 3.17
CA THR A 104 1.27 -5.83 3.01
C THR A 104 0.49 -7.02 3.55
N THR A 105 0.91 -8.22 3.17
CA THR A 105 0.25 -9.45 3.61
C THR A 105 0.21 -9.52 5.14
N LYS A 106 1.25 -9.01 5.78
CA LYS A 106 1.32 -9.01 7.24
C LYS A 106 0.06 -8.41 7.85
N LEU A 107 -0.45 -7.35 7.22
CA LEU A 107 -1.65 -6.69 7.70
C LEU A 107 -2.90 -7.48 7.34
N LEU A 108 -2.91 -8.05 6.15
CA LEU A 108 -4.04 -8.85 5.68
C LEU A 108 -4.21 -10.10 6.53
N LYS A 109 -3.10 -10.64 7.03
CA LYS A 109 -3.13 -11.83 7.85
C LYS A 109 -3.48 -11.49 9.29
N LYS A 110 -3.27 -10.24 9.66
CA LYS A 110 -3.58 -9.77 11.02
C LYS A 110 -5.07 -9.46 11.15
N VAL A 111 -5.68 -9.02 10.06
CA VAL A 111 -7.10 -8.69 10.07
C VAL A 111 -7.96 -9.94 9.89
N VAL A 112 -7.49 -10.86 9.05
CA VAL A 112 -8.21 -12.09 8.79
C VAL A 112 -8.21 -13.00 10.01
N ASP A 113 -7.41 -12.63 11.02
CA ASP A 113 -7.33 -13.41 12.24
C ASP A 113 -8.58 -13.21 13.10
N LYS A 114 -8.84 -11.96 13.47
CA LYS A 114 -10.00 -11.63 14.30
C LYS A 114 -11.18 -11.20 13.43
N HIS A 115 -10.94 -10.21 12.58
CA HIS A 115 -11.99 -9.71 11.69
C HIS A 115 -12.38 -10.76 10.65
N GLY A 116 -11.46 -11.68 10.39
CA GLY A 116 -11.73 -12.73 9.42
C GLY A 116 -11.71 -12.23 7.99
N ILE A 117 -11.34 -10.96 7.82
CA ILE A 117 -11.29 -10.34 6.50
C ILE A 117 -10.47 -11.20 5.53
N ALA A 118 -11.16 -11.84 4.59
CA ALA A 118 -10.50 -12.68 3.60
C ALA A 118 -11.15 -12.53 2.23
N SER A 1 -12.23 10.43 6.10
CA SER A 1 -11.60 11.64 6.63
C SER A 1 -10.41 11.28 7.51
N ASN A 2 -10.69 10.66 8.66
CA ASN A 2 -9.64 10.26 9.59
C ASN A 2 -8.66 9.30 8.93
N ALA A 3 -9.19 8.41 8.09
CA ALA A 3 -8.36 7.44 7.39
C ALA A 3 -8.21 7.80 5.92
N GLY A 4 -8.57 9.03 5.57
CA GLY A 4 -8.47 9.47 4.19
C GLY A 4 -7.05 9.42 3.67
N ALA A 5 -6.09 9.44 4.58
CA ALA A 5 -4.68 9.38 4.21
C ALA A 5 -4.33 8.06 3.55
N ILE A 6 -4.88 6.97 4.10
CA ILE A 6 -4.62 5.64 3.56
C ILE A 6 -5.39 5.41 2.26
N ALA A 7 -6.61 5.94 2.20
CA ALA A 7 -7.43 5.79 1.01
C ALA A 7 -6.88 6.62 -0.15
N LYS A 8 -6.24 7.73 0.18
CA LYS A 8 -5.66 8.62 -0.83
C LYS A 8 -4.50 7.92 -1.55
N LEU A 9 -4.03 6.82 -0.97
CA LEU A 9 -2.92 6.07 -1.56
C LEU A 9 -3.41 5.17 -2.69
N ILE A 10 -4.69 4.84 -2.67
CA ILE A 10 -5.29 3.99 -3.68
C ILE A 10 -4.98 4.52 -5.08
N PRO A 11 -5.37 5.78 -5.35
CA PRO A 11 -5.14 6.43 -6.64
C PRO A 11 -3.67 6.73 -6.88
N LYS A 12 -2.92 6.92 -5.80
CA LYS A 12 -1.49 7.22 -5.89
C LYS A 12 -0.76 6.14 -6.68
N LEU A 13 -1.18 4.90 -6.48
CA LEU A 13 -0.56 3.76 -7.18
C LEU A 13 -1.21 3.55 -8.54
N GLY A 14 -2.46 3.96 -8.67
CA GLY A 14 -3.17 3.80 -9.92
C GLY A 14 -2.52 4.56 -11.06
N GLU A 15 -1.80 5.62 -10.73
CA GLU A 15 -1.12 6.44 -11.72
C GLU A 15 -0.18 5.58 -12.58
N LEU A 16 0.38 4.55 -11.96
CA LEU A 16 1.30 3.66 -12.65
C LEU A 16 0.55 2.51 -13.31
N LEU A 17 -0.67 2.27 -12.85
CA LEU A 17 -1.50 1.21 -13.40
C LEU A 17 -2.23 1.66 -14.66
N VAL A 18 -2.32 2.98 -14.84
CA VAL A 18 -2.99 3.55 -16.00
C VAL A 18 -2.07 3.53 -17.22
N GLY A 19 -0.77 3.42 -16.97
CA GLY A 19 0.19 3.40 -18.06
C GLY A 19 0.92 4.72 -18.21
N GLU A 20 0.90 5.53 -17.17
CA GLU A 20 1.56 6.83 -17.20
C GLU A 20 2.94 6.75 -16.56
N TYR A 21 3.90 6.21 -17.30
CA TYR A 21 5.27 6.08 -16.80
C TYR A 21 6.21 5.64 -17.92
N LYS A 22 7.49 5.97 -17.77
CA LYS A 22 8.50 5.62 -18.76
C LYS A 22 9.41 4.52 -18.23
N LEU A 23 8.86 3.33 -18.05
CA LEU A 23 9.62 2.19 -17.56
C LEU A 23 9.19 0.90 -18.24
N HIS A 24 9.92 -0.18 -17.98
CA HIS A 24 9.60 -1.48 -18.56
C HIS A 24 8.14 -1.85 -18.32
N LYS A 25 7.64 -2.79 -19.11
CA LYS A 25 6.25 -3.24 -18.96
C LYS A 25 6.07 -4.05 -17.69
N GLY A 26 7.14 -4.65 -17.21
CA GLY A 26 7.08 -5.45 -16.00
C GLY A 26 7.04 -4.59 -14.75
N VAL A 27 7.55 -3.37 -14.85
CA VAL A 27 7.57 -2.45 -13.72
C VAL A 27 6.18 -2.30 -13.11
N LYS A 28 5.19 -2.14 -13.96
CA LYS A 28 3.81 -1.99 -13.52
C LYS A 28 3.40 -3.14 -12.60
N LYS A 29 3.92 -4.33 -12.89
CA LYS A 29 3.62 -5.52 -12.09
C LYS A 29 3.93 -5.28 -10.62
N ASN A 30 4.94 -4.45 -10.36
CA ASN A 30 5.34 -4.14 -9.00
C ASN A 30 4.37 -3.17 -8.35
N ILE A 31 3.83 -2.26 -9.15
CA ILE A 31 2.88 -1.27 -8.66
C ILE A 31 1.51 -1.90 -8.39
N GLU A 32 1.00 -2.60 -9.39
CA GLU A 32 -0.30 -3.26 -9.26
C GLU A 32 -0.36 -4.13 -8.01
N ASP A 33 0.80 -4.66 -7.62
CA ASP A 33 0.89 -5.50 -6.44
C ASP A 33 0.70 -4.68 -5.16
N LEU A 34 1.25 -3.48 -5.15
CA LEU A 34 1.13 -2.60 -3.99
C LEU A 34 -0.30 -2.10 -3.83
N LEU A 35 -0.95 -1.78 -4.94
CA LEU A 35 -2.32 -1.29 -4.91
C LEU A 35 -3.27 -2.39 -4.49
N LYS A 36 -2.96 -3.63 -4.87
CA LYS A 36 -3.79 -4.78 -4.51
C LYS A 36 -3.79 -5.00 -3.01
N GLU A 37 -2.62 -4.93 -2.40
CA GLU A 37 -2.47 -5.13 -0.96
C GLU A 37 -3.18 -4.01 -0.19
N LEU A 38 -3.06 -2.79 -0.69
CA LEU A 38 -3.67 -1.64 -0.05
C LEU A 38 -5.18 -1.62 -0.28
N LYS A 39 -5.61 -2.22 -1.40
CA LYS A 39 -7.02 -2.28 -1.74
C LYS A 39 -7.81 -3.02 -0.67
N THR A 40 -7.17 -4.00 -0.03
CA THR A 40 -7.80 -4.77 1.02
C THR A 40 -7.74 -4.06 2.36
N MET A 41 -6.57 -3.52 2.68
CA MET A 41 -6.37 -2.81 3.94
C MET A 41 -7.25 -1.57 4.00
N ASN A 42 -7.23 -0.78 2.93
CA ASN A 42 -8.02 0.44 2.86
C ASN A 42 -9.50 0.16 3.14
N ALA A 43 -10.00 -0.92 2.54
CA ALA A 43 -11.39 -1.32 2.72
C ALA A 43 -11.63 -1.85 4.13
N ALA A 44 -10.58 -2.40 4.73
CA ALA A 44 -10.67 -2.95 6.09
C ALA A 44 -11.08 -1.88 7.09
N LEU A 45 -10.39 -0.74 7.04
CA LEU A 45 -10.68 0.37 7.95
C LEU A 45 -12.14 0.78 7.86
N ILE A 46 -12.75 0.52 6.70
CA ILE A 46 -14.16 0.86 6.50
C ILE A 46 -15.07 -0.10 7.25
N LYS A 47 -14.79 -1.40 7.14
CA LYS A 47 -15.58 -2.42 7.81
C LYS A 47 -15.32 -2.42 9.31
N ILE A 48 -14.04 -2.48 9.68
CA ILE A 48 -13.65 -2.48 11.09
C ILE A 48 -13.91 -1.13 11.73
N GLY A 49 -13.93 -0.08 10.92
CA GLY A 49 -14.19 1.26 11.43
C GLY A 49 -15.66 1.58 11.52
N GLU A 50 -16.47 0.83 10.78
CA GLU A 50 -17.91 1.05 10.78
C GLU A 50 -18.50 0.85 12.17
N VAL A 51 -17.83 0.03 12.97
CA VAL A 51 -18.28 -0.24 14.34
C VAL A 51 -17.83 0.86 15.29
N PRO A 52 -18.60 1.05 16.37
CA PRO A 52 -18.31 2.07 17.39
C PRO A 52 -17.07 1.72 18.21
N PRO A 53 -16.58 2.70 18.99
CA PRO A 53 -15.39 2.53 19.84
C PRO A 53 -15.66 1.60 21.02
N ASP A 54 -16.93 1.23 21.20
CA ASP A 54 -17.31 0.34 22.29
C ASP A 54 -16.86 -1.09 22.01
N GLN A 55 -16.72 -1.41 20.73
CA GLN A 55 -16.30 -2.75 20.33
C GLN A 55 -14.90 -2.72 19.71
N LEU A 56 -14.19 -1.63 19.93
CA LEU A 56 -12.84 -1.47 19.41
C LEU A 56 -11.79 -1.67 20.49
N ASP A 57 -10.59 -2.10 20.10
CA ASP A 57 -9.51 -2.32 21.04
C ASP A 57 -8.36 -1.36 20.79
N SER A 58 -7.38 -1.37 21.69
CA SER A 58 -6.22 -0.48 21.55
C SER A 58 -5.33 -0.92 20.38
N GLN A 59 -5.07 -2.22 20.29
CA GLN A 59 -4.24 -2.76 19.23
C GLN A 59 -4.81 -2.40 17.86
N ASP A 60 -6.14 -2.28 17.78
CA ASP A 60 -6.80 -1.94 16.54
C ASP A 60 -6.25 -0.63 15.96
N LYS A 61 -5.88 0.29 16.86
CA LYS A 61 -5.33 1.58 16.44
C LYS A 61 -3.96 1.40 15.81
N LEU A 62 -3.13 0.57 16.42
CA LEU A 62 -1.78 0.32 15.91
C LEU A 62 -1.83 -0.36 14.55
N TRP A 63 -2.88 -1.14 14.32
CA TRP A 63 -3.05 -1.84 13.05
C TRP A 63 -3.05 -0.87 11.88
N ALA A 64 -3.81 0.21 12.02
CA ALA A 64 -3.89 1.23 10.97
C ALA A 64 -2.60 2.03 10.88
N ASP A 65 -1.91 2.17 12.01
CA ASP A 65 -0.66 2.92 12.06
C ASP A 65 0.40 2.26 11.17
N GLU A 66 0.63 0.97 11.39
CA GLU A 66 1.62 0.23 10.62
C GLU A 66 1.26 0.24 9.13
N VAL A 67 -0.04 0.23 8.84
CA VAL A 67 -0.51 0.24 7.46
C VAL A 67 -0.35 1.62 6.84
N ARG A 68 -0.53 2.65 7.64
CA ARG A 68 -0.41 4.02 7.17
C ARG A 68 1.05 4.38 6.87
N GLU A 69 1.92 4.08 7.82
CA GLU A 69 3.35 4.36 7.66
C GLU A 69 3.88 3.73 6.38
N LEU A 70 3.34 2.58 6.03
CA LEU A 70 3.77 1.86 4.82
C LEU A 70 3.61 2.75 3.59
N SER A 71 2.67 3.69 3.65
CA SER A 71 2.43 4.59 2.54
C SER A 71 3.73 5.27 2.10
N TYR A 72 4.60 5.53 3.05
CA TYR A 72 5.88 6.18 2.76
C TYR A 72 6.62 5.44 1.66
N VAL A 73 6.42 4.13 1.60
CA VAL A 73 7.08 3.31 0.59
C VAL A 73 6.41 3.47 -0.78
N ILE A 74 5.11 3.72 -0.77
CA ILE A 74 4.36 3.91 -2.01
C ILE A 74 4.96 5.02 -2.85
N GLU A 75 5.55 6.01 -2.19
CA GLU A 75 6.17 7.13 -2.88
C GLU A 75 7.16 6.66 -3.94
N ASP A 76 7.84 5.55 -3.63
CA ASP A 76 8.81 4.98 -4.56
C ASP A 76 8.17 4.70 -5.91
N ALA A 77 6.88 4.42 -5.91
CA ALA A 77 6.15 4.12 -7.13
C ALA A 77 6.36 5.23 -8.17
N VAL A 78 6.10 6.47 -7.76
CA VAL A 78 6.26 7.61 -8.65
C VAL A 78 7.74 8.02 -8.76
N ASP A 79 8.50 7.72 -7.72
CA ASP A 79 9.93 8.05 -7.71
C ASP A 79 10.65 7.40 -8.89
N LYS A 80 10.14 6.26 -9.33
CA LYS A 80 10.73 5.54 -10.45
C LYS A 80 10.68 6.36 -11.73
N PHE A 81 9.72 7.28 -11.79
CA PHE A 81 9.55 8.14 -12.95
C PHE A 81 10.62 9.24 -12.97
N LEU A 82 10.72 9.98 -11.88
CA LEU A 82 11.69 11.07 -11.78
C LEU A 82 13.09 10.51 -11.52
N VAL A 83 13.17 9.21 -11.28
CA VAL A 83 14.45 8.55 -11.01
C VAL A 83 15.47 8.89 -12.10
N ARG A 84 14.97 9.18 -13.30
CA ARG A 84 15.83 9.52 -14.42
C ARG A 84 16.53 10.87 -14.19
N VAL A 85 15.73 11.92 -14.07
CA VAL A 85 16.27 13.26 -13.84
C VAL A 85 17.11 13.30 -12.57
N HIS A 86 16.83 12.40 -11.65
CA HIS A 86 17.56 12.33 -10.38
C HIS A 86 18.92 11.68 -10.58
N GLY A 87 19.10 11.01 -11.72
CA GLY A 87 20.36 10.36 -12.02
C GLY A 87 20.37 8.90 -11.59
N VAL A 88 19.57 8.58 -10.58
CA VAL A 88 19.49 7.21 -10.08
C VAL A 88 18.88 6.28 -11.13
N GLU A 89 19.27 5.01 -11.07
CA GLU A 89 18.76 4.02 -12.02
C GLU A 89 17.79 3.06 -11.34
N PRO A 90 16.92 2.43 -12.14
CA PRO A 90 15.92 1.48 -11.63
C PRO A 90 16.56 0.17 -11.16
N ASP A 91 16.18 -0.26 -9.96
CA ASP A 91 16.70 -1.49 -9.39
C ASP A 91 15.70 -2.12 -8.43
N ASP A 92 16.01 -3.34 -7.98
CA ASP A 92 15.13 -4.05 -7.06
C ASP A 92 15.54 -3.81 -5.62
N ASN A 93 16.81 -3.49 -5.41
CA ASN A 93 17.34 -3.24 -4.08
C ASN A 93 16.70 -1.99 -3.47
N THR A 94 16.82 -0.87 -4.19
CA THR A 94 16.27 0.39 -3.73
C THR A 94 14.75 0.36 -3.75
N ASN A 95 14.19 -0.50 -4.58
CA ASN A 95 12.74 -0.63 -4.69
C ASN A 95 12.11 -0.88 -3.33
N GLY A 96 12.87 -1.50 -2.44
CA GLY A 96 12.37 -1.79 -1.11
C GLY A 96 11.09 -2.60 -1.13
N PHE A 97 10.87 -3.32 -2.23
CA PHE A 97 9.67 -4.15 -2.37
C PHE A 97 9.81 -5.44 -1.60
N LYS A 98 11.05 -5.89 -1.41
CA LYS A 98 11.32 -7.13 -0.68
C LYS A 98 10.78 -7.05 0.74
N GLY A 99 10.95 -5.88 1.38
CA GLY A 99 10.48 -5.70 2.73
C GLY A 99 9.00 -5.37 2.79
N LEU A 100 8.56 -4.47 1.92
CA LEU A 100 7.15 -4.07 1.88
C LEU A 100 6.26 -5.26 1.55
N MET A 101 6.64 -6.02 0.52
CA MET A 101 5.88 -7.19 0.11
C MET A 101 5.68 -8.15 1.27
N LYS A 102 6.71 -8.30 2.09
CA LYS A 102 6.66 -9.19 3.24
C LYS A 102 5.90 -8.53 4.40
N ARG A 103 5.99 -7.21 4.48
CA ARG A 103 5.32 -6.46 5.54
C ARG A 103 3.82 -6.40 5.29
N THR A 104 3.43 -6.50 4.02
CA THR A 104 2.02 -6.44 3.65
C THR A 104 1.32 -7.76 3.97
N THR A 105 1.88 -8.86 3.49
CA THR A 105 1.30 -10.18 3.73
C THR A 105 1.09 -10.42 5.22
N LYS A 106 2.05 -9.99 6.03
CA LYS A 106 1.97 -10.16 7.48
C LYS A 106 0.76 -9.40 8.05
N LEU A 107 0.46 -8.25 7.45
CA LEU A 107 -0.67 -7.44 7.90
C LEU A 107 -1.99 -8.02 7.40
N LEU A 108 -1.94 -8.69 6.25
CA LEU A 108 -3.13 -9.29 5.66
C LEU A 108 -3.59 -10.49 6.49
N LYS A 109 -2.69 -11.04 7.30
CA LYS A 109 -3.01 -12.17 8.14
C LYS A 109 -4.17 -11.85 9.08
N LYS A 110 -4.41 -10.56 9.29
CA LYS A 110 -5.49 -10.11 10.16
C LYS A 110 -6.82 -10.13 9.43
N VAL A 111 -6.86 -9.50 8.26
CA VAL A 111 -8.08 -9.46 7.45
C VAL A 111 -8.50 -10.85 7.01
N VAL A 112 -7.53 -11.66 6.61
CA VAL A 112 -7.79 -13.02 6.16
C VAL A 112 -8.39 -13.85 7.28
N ASP A 113 -8.32 -13.35 8.50
CA ASP A 113 -8.87 -14.04 9.66
C ASP A 113 -10.39 -13.97 9.68
N LYS A 114 -10.92 -12.76 9.79
CA LYS A 114 -12.36 -12.56 9.83
C LYS A 114 -12.90 -12.23 8.44
N HIS A 115 -12.30 -11.23 7.81
CA HIS A 115 -12.72 -10.81 6.47
C HIS A 115 -12.41 -11.90 5.45
N GLY A 116 -11.47 -12.78 5.78
CA GLY A 116 -11.10 -13.86 4.88
C GLY A 116 -10.52 -13.35 3.58
N ILE A 117 -9.97 -12.14 3.62
CA ILE A 117 -9.38 -11.54 2.43
C ILE A 117 -8.40 -12.50 1.75
N ALA A 118 -8.41 -12.50 0.42
CA ALA A 118 -7.52 -13.37 -0.34
C ALA A 118 -6.08 -12.87 -0.31
N SER A 1 -12.93 12.49 6.17
CA SER A 1 -12.97 11.18 6.79
C SER A 1 -11.64 10.88 7.48
N ASN A 2 -11.69 9.99 8.48
CA ASN A 2 -10.50 9.61 9.23
C ASN A 2 -9.56 8.76 8.37
N ALA A 3 -10.14 8.06 7.39
CA ALA A 3 -9.37 7.22 6.50
C ALA A 3 -9.08 7.93 5.18
N GLY A 4 -9.30 9.24 5.15
CA GLY A 4 -9.07 10.01 3.94
C GLY A 4 -7.61 10.00 3.53
N ALA A 5 -6.71 9.90 4.51
CA ALA A 5 -5.29 9.88 4.24
C ALA A 5 -4.87 8.58 3.57
N ILE A 6 -5.36 7.46 4.09
CA ILE A 6 -5.04 6.15 3.52
C ILE A 6 -5.75 5.93 2.19
N ALA A 7 -7.00 6.34 2.13
CA ALA A 7 -7.79 6.20 0.91
C ALA A 7 -7.19 7.01 -0.23
N LYS A 8 -6.57 8.13 0.11
CA LYS A 8 -5.96 9.01 -0.88
C LYS A 8 -4.73 8.35 -1.50
N LEU A 9 -4.25 7.29 -0.87
CA LEU A 9 -3.08 6.56 -1.35
C LEU A 9 -3.46 5.61 -2.48
N ILE A 10 -4.75 5.29 -2.56
CA ILE A 10 -5.25 4.39 -3.59
C ILE A 10 -4.88 4.89 -4.99
N PRO A 11 -5.31 6.12 -5.31
CA PRO A 11 -5.04 6.75 -6.61
C PRO A 11 -3.57 7.10 -6.78
N LYS A 12 -2.86 7.23 -5.66
CA LYS A 12 -1.44 7.58 -5.68
C LYS A 12 -0.67 6.61 -6.57
N LEU A 13 -0.95 5.32 -6.45
CA LEU A 13 -0.28 4.30 -7.24
C LEU A 13 -1.00 4.10 -8.58
N GLY A 14 -2.29 4.42 -8.61
CA GLY A 14 -3.05 4.28 -9.83
C GLY A 14 -2.40 4.95 -11.02
N GLU A 15 -1.79 6.10 -10.78
CA GLU A 15 -1.12 6.85 -11.84
C GLU A 15 0.02 6.03 -12.45
N LEU A 16 0.65 5.20 -11.62
CA LEU A 16 1.76 4.37 -12.08
C LEU A 16 1.24 3.05 -12.64
N LEU A 17 -0.06 2.84 -12.55
CA LEU A 17 -0.68 1.62 -13.06
C LEU A 17 -1.26 1.84 -14.45
N VAL A 18 -1.21 3.08 -14.92
CA VAL A 18 -1.73 3.43 -16.24
C VAL A 18 -0.74 3.04 -17.33
N GLY A 19 0.54 3.05 -16.99
CA GLY A 19 1.57 2.69 -17.96
C GLY A 19 1.87 3.82 -18.92
N GLU A 20 1.67 5.06 -18.47
CA GLU A 20 1.92 6.22 -19.31
C GLU A 20 3.16 6.97 -18.84
N TYR A 21 4.33 6.42 -19.17
CA TYR A 21 5.60 7.04 -18.78
C TYR A 21 6.71 6.68 -19.77
N LYS A 22 7.93 7.08 -19.44
CA LYS A 22 9.07 6.79 -20.30
C LYS A 22 9.97 5.72 -19.68
N LEU A 23 9.38 4.58 -19.38
CA LEU A 23 10.13 3.46 -18.78
C LEU A 23 9.50 2.13 -19.15
N HIS A 24 10.17 1.04 -18.77
CA HIS A 24 9.68 -0.30 -19.07
C HIS A 24 8.24 -0.45 -18.61
N LYS A 25 7.43 -1.11 -19.44
CA LYS A 25 6.02 -1.34 -19.13
C LYS A 25 5.87 -2.34 -17.98
N GLY A 26 6.96 -3.01 -17.65
CA GLY A 26 6.93 -3.99 -16.58
C GLY A 26 6.99 -3.36 -15.22
N VAL A 27 7.54 -2.14 -15.15
CA VAL A 27 7.66 -1.43 -13.88
C VAL A 27 6.29 -1.23 -13.24
N LYS A 28 5.31 -0.83 -14.04
CA LYS A 28 3.97 -0.61 -13.54
C LYS A 28 3.42 -1.86 -12.85
N LYS A 29 3.87 -3.02 -13.31
CA LYS A 29 3.44 -4.29 -12.75
C LYS A 29 3.80 -4.39 -11.27
N ASN A 30 4.96 -3.81 -10.92
CA ASN A 30 5.42 -3.83 -9.54
C ASN A 30 4.64 -2.82 -8.68
N ILE A 31 4.25 -1.71 -9.30
CA ILE A 31 3.50 -0.68 -8.60
C ILE A 31 2.11 -1.18 -8.20
N GLU A 32 1.54 -2.05 -9.02
CA GLU A 32 0.22 -2.61 -8.75
C GLU A 32 0.24 -3.46 -7.48
N ASP A 33 1.39 -4.06 -7.20
CA ASP A 33 1.55 -4.91 -6.03
C ASP A 33 1.16 -4.16 -4.76
N LEU A 34 1.72 -2.97 -4.59
CA LEU A 34 1.43 -2.14 -3.43
C LEU A 34 -0.06 -1.80 -3.36
N LEU A 35 -0.57 -1.23 -4.44
CA LEU A 35 -1.98 -0.85 -4.51
C LEU A 35 -2.88 -2.04 -4.20
N LYS A 36 -2.44 -3.22 -4.61
CA LYS A 36 -3.21 -4.44 -4.37
C LYS A 36 -3.36 -4.71 -2.87
N GLU A 37 -2.32 -4.39 -2.12
CA GLU A 37 -2.34 -4.60 -0.68
C GLU A 37 -3.17 -3.53 0.02
N LEU A 38 -3.02 -2.28 -0.40
CA LEU A 38 -3.76 -1.18 0.17
C LEU A 38 -5.24 -1.27 -0.18
N LYS A 39 -5.52 -1.81 -1.36
CA LYS A 39 -6.91 -1.96 -1.82
C LYS A 39 -7.73 -2.74 -0.80
N THR A 40 -7.12 -3.76 -0.21
CA THR A 40 -7.81 -4.58 0.79
C THR A 40 -7.79 -3.91 2.16
N MET A 41 -6.75 -3.12 2.40
CA MET A 41 -6.61 -2.43 3.68
C MET A 41 -7.68 -1.35 3.83
N ASN A 42 -7.74 -0.43 2.87
CA ASN A 42 -8.71 0.64 2.89
C ASN A 42 -10.12 0.10 2.98
N ALA A 43 -10.39 -0.96 2.23
CA ALA A 43 -11.72 -1.59 2.23
C ALA A 43 -11.97 -2.31 3.55
N ALA A 44 -10.91 -2.75 4.20
CA ALA A 44 -11.03 -3.46 5.46
C ALA A 44 -11.69 -2.58 6.52
N LEU A 45 -11.21 -1.35 6.66
CA LEU A 45 -11.75 -0.42 7.63
C LEU A 45 -13.24 -0.23 7.43
N ILE A 46 -13.71 -0.45 6.21
CA ILE A 46 -15.12 -0.31 5.89
C ILE A 46 -15.93 -1.49 6.43
N LYS A 47 -15.42 -2.70 6.24
CA LYS A 47 -16.09 -3.89 6.71
C LYS A 47 -15.96 -4.03 8.23
N ILE A 48 -14.72 -3.93 8.72
CA ILE A 48 -14.46 -4.03 10.15
C ILE A 48 -15.00 -2.82 10.90
N GLY A 49 -15.10 -1.69 10.19
CA GLY A 49 -15.61 -0.48 10.80
C GLY A 49 -17.08 -0.55 11.14
N GLU A 50 -17.76 -1.53 10.55
CA GLU A 50 -19.19 -1.70 10.77
C GLU A 50 -19.47 -1.96 12.25
N VAL A 51 -18.50 -2.55 12.94
CA VAL A 51 -18.64 -2.86 14.36
C VAL A 51 -18.76 -1.58 15.19
N PRO A 52 -19.43 -1.68 16.34
CA PRO A 52 -19.64 -0.55 17.24
C PRO A 52 -18.35 -0.12 17.92
N PRO A 53 -18.37 1.06 18.57
CA PRO A 53 -17.21 1.61 19.28
C PRO A 53 -16.87 0.83 20.53
N ASP A 54 -17.75 -0.11 20.90
CA ASP A 54 -17.54 -0.93 22.09
C ASP A 54 -16.36 -1.88 21.88
N GLN A 55 -16.12 -2.25 20.64
CA GLN A 55 -15.01 -3.15 20.31
C GLN A 55 -13.70 -2.38 20.19
N LEU A 56 -13.80 -1.11 19.85
CA LEU A 56 -12.61 -0.27 19.70
C LEU A 56 -11.73 -0.35 20.92
N ASP A 57 -10.55 -0.96 20.76
CA ASP A 57 -9.61 -1.12 21.86
C ASP A 57 -8.34 -0.31 21.60
N SER A 58 -7.39 -0.38 22.53
CA SER A 58 -6.13 0.35 22.39
C SER A 58 -5.29 -0.23 21.26
N GLN A 59 -5.50 -1.50 20.96
CA GLN A 59 -4.76 -2.18 19.90
C GLN A 59 -5.32 -1.80 18.53
N ASP A 60 -6.61 -1.51 18.48
CA ASP A 60 -7.27 -1.15 17.23
C ASP A 60 -6.52 -0.01 16.55
N LYS A 61 -6.06 0.96 17.34
CA LYS A 61 -5.33 2.10 16.81
C LYS A 61 -3.94 1.69 16.35
N LEU A 62 -3.35 0.72 17.05
CA LEU A 62 -2.02 0.23 16.72
C LEU A 62 -2.00 -0.41 15.33
N TRP A 63 -3.09 -1.08 14.98
CA TRP A 63 -3.21 -1.74 13.68
C TRP A 63 -3.28 -0.71 12.56
N ALA A 64 -4.03 0.36 12.79
CA ALA A 64 -4.20 1.42 11.81
C ALA A 64 -2.88 2.15 11.56
N ASP A 65 -2.08 2.29 12.62
CA ASP A 65 -0.80 2.97 12.51
C ASP A 65 0.10 2.29 11.49
N GLU A 66 0.17 0.97 11.56
CA GLU A 66 1.00 0.20 10.63
C GLU A 66 0.59 0.48 9.18
N VAL A 67 -0.69 0.75 8.97
CA VAL A 67 -1.21 1.05 7.64
C VAL A 67 -0.80 2.45 7.19
N ARG A 68 -0.84 3.39 8.11
CA ARG A 68 -0.48 4.77 7.81
C ARG A 68 1.00 4.88 7.46
N GLU A 69 1.85 4.34 8.33
CA GLU A 69 3.29 4.38 8.11
C GLU A 69 3.65 3.82 6.74
N LEU A 70 2.88 2.85 6.28
CA LEU A 70 3.12 2.23 4.98
C LEU A 70 3.11 3.28 3.87
N SER A 71 2.37 4.36 4.09
CA SER A 71 2.27 5.45 3.12
C SER A 71 3.67 5.91 2.69
N TYR A 72 4.62 5.80 3.60
CA TYR A 72 5.99 6.21 3.32
C TYR A 72 6.59 5.38 2.18
N VAL A 73 6.39 4.07 2.24
CA VAL A 73 6.91 3.17 1.22
C VAL A 73 6.32 3.50 -0.14
N ILE A 74 5.06 3.93 -0.16
CA ILE A 74 4.38 4.27 -1.40
C ILE A 74 5.16 5.33 -2.17
N GLU A 75 5.84 6.21 -1.44
CA GLU A 75 6.62 7.28 -2.05
C GLU A 75 7.57 6.72 -3.10
N ASP A 76 8.10 5.52 -2.84
CA ASP A 76 9.02 4.87 -3.76
C ASP A 76 8.45 4.84 -5.17
N ALA A 77 7.13 4.74 -5.26
CA ALA A 77 6.46 4.70 -6.56
C ALA A 77 6.74 5.97 -7.36
N VAL A 78 6.47 7.11 -6.75
CA VAL A 78 6.68 8.40 -7.40
C VAL A 78 8.14 8.56 -7.83
N ASP A 79 9.04 7.94 -7.07
CA ASP A 79 10.46 8.02 -7.37
C ASP A 79 10.79 7.30 -8.68
N LYS A 80 9.98 6.30 -9.01
CA LYS A 80 10.17 5.52 -10.22
C LYS A 80 10.17 6.43 -11.45
N PHE A 81 9.52 7.58 -11.33
CA PHE A 81 9.44 8.54 -12.43
C PHE A 81 10.77 9.29 -12.59
N LEU A 82 11.26 9.85 -11.50
CA LEU A 82 12.52 10.60 -11.52
C LEU A 82 13.71 9.64 -11.56
N VAL A 83 13.44 8.35 -11.40
CA VAL A 83 14.48 7.34 -11.43
C VAL A 83 15.37 7.49 -12.65
N ARG A 84 14.79 8.05 -13.73
CA ARG A 84 15.54 8.25 -14.96
C ARG A 84 16.74 9.17 -14.75
N VAL A 85 16.49 10.30 -14.09
CA VAL A 85 17.55 11.27 -13.81
C VAL A 85 18.38 10.84 -12.61
N HIS A 86 17.80 9.97 -11.78
CA HIS A 86 18.49 9.49 -10.58
C HIS A 86 19.72 8.67 -10.97
N GLY A 87 19.78 8.26 -12.23
CA GLY A 87 20.91 7.48 -12.71
C GLY A 87 20.65 5.98 -12.63
N VAL A 88 19.79 5.59 -11.69
CA VAL A 88 19.45 4.17 -11.52
C VAL A 88 18.21 3.80 -12.31
N GLU A 89 18.12 2.54 -12.70
CA GLU A 89 16.98 2.05 -13.47
C GLU A 89 16.12 1.10 -12.64
N PRO A 90 14.84 0.96 -13.03
CA PRO A 90 13.90 0.08 -12.33
C PRO A 90 14.22 -1.39 -12.54
N ASP A 91 14.24 -2.15 -11.45
CA ASP A 91 14.54 -3.57 -11.51
C ASP A 91 13.72 -4.34 -10.47
N ASP A 92 13.77 -5.67 -10.55
CA ASP A 92 13.03 -6.51 -9.61
C ASP A 92 13.75 -6.58 -8.27
N ASN A 93 15.08 -6.57 -8.31
CA ASN A 93 15.87 -6.63 -7.09
C ASN A 93 15.93 -5.27 -6.41
N THR A 94 16.34 -4.25 -7.15
CA THR A 94 16.44 -2.90 -6.62
C THR A 94 15.12 -2.45 -6.03
N ASN A 95 14.02 -3.02 -6.52
CA ASN A 95 12.69 -2.67 -6.04
C ASN A 95 12.59 -2.85 -4.53
N GLY A 96 13.42 -3.74 -3.99
CA GLY A 96 13.41 -3.99 -2.56
C GLY A 96 12.10 -4.56 -2.07
N PHE A 97 11.40 -5.28 -2.95
CA PHE A 97 10.12 -5.88 -2.61
C PHE A 97 10.27 -6.83 -1.43
N LYS A 98 11.47 -7.38 -1.27
CA LYS A 98 11.74 -8.31 -0.18
C LYS A 98 11.33 -7.71 1.17
N GLY A 99 11.58 -6.42 1.34
CA GLY A 99 11.24 -5.76 2.57
C GLY A 99 9.78 -5.34 2.63
N LEU A 100 9.32 -4.67 1.57
CA LEU A 100 7.93 -4.22 1.49
C LEU A 100 6.97 -5.39 1.67
N MET A 101 7.36 -6.56 1.16
CA MET A 101 6.53 -7.75 1.27
C MET A 101 6.29 -8.12 2.73
N LYS A 102 7.37 -8.16 3.51
CA LYS A 102 7.28 -8.49 4.92
C LYS A 102 6.50 -7.43 5.69
N ARG A 103 6.65 -6.17 5.27
CA ARG A 103 5.96 -5.07 5.92
C ARG A 103 4.48 -5.06 5.55
N THR A 104 4.16 -5.59 4.38
CA THR A 104 2.79 -5.65 3.90
C THR A 104 2.06 -6.86 4.46
N THR A 105 2.67 -8.03 4.34
CA THR A 105 2.08 -9.26 4.85
C THR A 105 1.65 -9.11 6.29
N LYS A 106 2.43 -8.35 7.07
CA LYS A 106 2.12 -8.13 8.48
C LYS A 106 0.69 -7.65 8.65
N LEU A 107 0.29 -6.66 7.87
CA LEU A 107 -1.06 -6.11 7.94
C LEU A 107 -2.06 -7.03 7.25
N LEU A 108 -1.64 -7.60 6.12
CA LEU A 108 -2.51 -8.51 5.36
C LEU A 108 -2.92 -9.70 6.21
N LYS A 109 -2.06 -10.07 7.17
CA LYS A 109 -2.35 -11.19 8.05
C LYS A 109 -3.45 -10.84 9.04
N LYS A 110 -3.59 -9.55 9.34
CA LYS A 110 -4.60 -9.07 10.28
C LYS A 110 -6.00 -9.34 9.74
N VAL A 111 -6.13 -9.32 8.42
CA VAL A 111 -7.42 -9.56 7.77
C VAL A 111 -7.76 -11.04 7.75
N VAL A 112 -6.73 -11.87 7.79
CA VAL A 112 -6.92 -13.32 7.80
C VAL A 112 -7.85 -13.76 8.92
N ASP A 113 -7.62 -13.23 10.11
CA ASP A 113 -8.45 -13.55 11.27
C ASP A 113 -9.84 -12.95 11.13
N LYS A 114 -10.01 -12.08 10.15
CA LYS A 114 -11.30 -11.42 9.90
C LYS A 114 -12.10 -12.18 8.86
N HIS A 115 -11.52 -12.36 7.69
CA HIS A 115 -12.19 -13.07 6.60
C HIS A 115 -11.34 -14.24 6.11
N GLY A 116 -10.03 -14.15 6.31
CA GLY A 116 -9.14 -15.21 5.90
C GLY A 116 -8.46 -14.90 4.57
N ILE A 117 -8.12 -13.63 4.36
CA ILE A 117 -7.46 -13.21 3.13
C ILE A 117 -6.09 -13.87 2.99
N ALA A 118 -5.95 -14.69 1.94
CA ALA A 118 -4.69 -15.39 1.69
C ALA A 118 -3.88 -14.67 0.61
N SER A 1 -9.71 13.92 9.18
CA SER A 1 -9.39 12.83 8.26
C SER A 1 -8.83 11.63 9.02
N ASN A 2 -9.57 10.51 8.95
CA ASN A 2 -9.15 9.29 9.64
C ASN A 2 -8.44 8.35 8.68
N ALA A 3 -9.13 7.99 7.59
CA ALA A 3 -8.56 7.09 6.59
C ALA A 3 -8.24 7.84 5.30
N GLY A 4 -8.25 9.17 5.37
CA GLY A 4 -7.97 9.96 4.20
C GLY A 4 -6.52 9.86 3.76
N ALA A 5 -5.62 9.65 4.72
CA ALA A 5 -4.20 9.53 4.43
C ALA A 5 -3.88 8.21 3.75
N ILE A 6 -4.44 7.12 4.29
CA ILE A 6 -4.23 5.79 3.73
C ILE A 6 -4.99 5.61 2.42
N ALA A 7 -6.18 6.18 2.35
CA ALA A 7 -7.01 6.09 1.15
C ALA A 7 -6.38 6.85 -0.01
N LYS A 8 -5.65 7.92 0.31
CA LYS A 8 -5.00 8.73 -0.70
C LYS A 8 -3.87 7.96 -1.37
N LEU A 9 -3.45 6.86 -0.74
CA LEU A 9 -2.37 6.03 -1.27
C LEU A 9 -2.89 5.11 -2.38
N ILE A 10 -4.19 4.81 -2.33
CA ILE A 10 -4.81 3.95 -3.32
C ILE A 10 -4.60 4.49 -4.73
N PRO A 11 -5.06 5.74 -4.95
CA PRO A 11 -4.95 6.40 -6.25
C PRO A 11 -3.51 6.77 -6.58
N LYS A 12 -2.65 6.73 -5.58
CA LYS A 12 -1.23 7.05 -5.76
C LYS A 12 -0.52 5.97 -6.56
N LEU A 13 -0.92 4.73 -6.33
CA LEU A 13 -0.31 3.59 -7.04
C LEU A 13 -1.03 3.33 -8.35
N GLY A 14 -2.35 3.36 -8.32
CA GLY A 14 -3.13 3.13 -9.53
C GLY A 14 -2.69 4.01 -10.68
N GLU A 15 -2.15 5.18 -10.35
CA GLU A 15 -1.69 6.12 -11.36
C GLU A 15 -0.57 5.51 -12.21
N LEU A 16 0.23 4.65 -11.58
CA LEU A 16 1.34 4.00 -12.28
C LEU A 16 0.85 2.80 -13.09
N LEU A 17 -0.43 2.47 -12.93
CA LEU A 17 -1.02 1.35 -13.64
C LEU A 17 -1.77 1.83 -14.88
N VAL A 18 -1.83 3.15 -15.06
CA VAL A 18 -2.52 3.74 -16.20
C VAL A 18 -1.65 3.67 -17.45
N GLY A 19 -0.33 3.68 -17.25
CA GLY A 19 0.59 3.61 -18.37
C GLY A 19 1.35 4.92 -18.57
N GLU A 20 1.31 5.78 -17.55
CA GLU A 20 1.99 7.06 -17.62
C GLU A 20 3.28 7.04 -16.80
N TYR A 21 4.37 6.63 -17.42
CA TYR A 21 5.66 6.56 -16.75
C TYR A 21 6.78 6.31 -17.74
N LYS A 22 8.01 6.66 -17.35
CA LYS A 22 9.17 6.48 -18.21
C LYS A 22 10.06 5.35 -17.69
N LEU A 23 9.47 4.18 -17.53
CA LEU A 23 10.20 3.01 -17.04
C LEU A 23 9.65 1.72 -17.64
N HIS A 24 10.32 0.61 -17.36
CA HIS A 24 9.90 -0.69 -17.88
C HIS A 24 8.40 -0.91 -17.64
N LYS A 25 7.77 -1.64 -18.54
CA LYS A 25 6.34 -1.92 -18.43
C LYS A 25 6.07 -2.89 -17.28
N GLY A 26 6.92 -3.91 -17.16
CA GLY A 26 6.76 -4.90 -16.10
C GLY A 26 6.60 -4.26 -14.73
N VAL A 27 7.09 -3.03 -14.60
CA VAL A 27 7.01 -2.31 -13.33
C VAL A 27 5.59 -2.34 -12.78
N LYS A 28 4.61 -2.37 -13.68
CA LYS A 28 3.21 -2.40 -13.29
C LYS A 28 2.94 -3.56 -12.32
N LYS A 29 3.54 -4.70 -12.60
CA LYS A 29 3.36 -5.88 -11.75
C LYS A 29 3.72 -5.57 -10.30
N ASN A 30 4.67 -4.67 -10.12
CA ASN A 30 5.10 -4.28 -8.77
C ASN A 30 4.09 -3.34 -8.12
N ILE A 31 3.70 -2.30 -8.85
CA ILE A 31 2.74 -1.34 -8.35
C ILE A 31 1.39 -2.00 -8.07
N GLU A 32 0.87 -2.71 -9.06
CA GLU A 32 -0.41 -3.39 -8.92
C GLU A 32 -0.43 -4.27 -7.66
N ASP A 33 0.74 -4.81 -7.32
CA ASP A 33 0.86 -5.66 -6.13
C ASP A 33 0.67 -4.84 -4.86
N LEU A 34 1.40 -3.74 -4.76
CA LEU A 34 1.32 -2.87 -3.59
C LEU A 34 -0.07 -2.27 -3.45
N LEU A 35 -0.69 -1.95 -4.57
CA LEU A 35 -2.03 -1.37 -4.57
C LEU A 35 -3.07 -2.41 -4.15
N LYS A 36 -2.84 -3.66 -4.53
CA LYS A 36 -3.75 -4.74 -4.18
C LYS A 36 -3.86 -4.90 -2.67
N GLU A 37 -2.71 -4.91 -2.00
CA GLU A 37 -2.68 -5.06 -0.54
C GLU A 37 -3.39 -3.89 0.13
N LEU A 38 -3.26 -2.71 -0.47
CA LEU A 38 -3.89 -1.50 0.07
C LEU A 38 -5.40 -1.54 -0.09
N LYS A 39 -5.85 -2.00 -1.26
CA LYS A 39 -7.27 -2.10 -1.54
C LYS A 39 -7.99 -2.91 -0.47
N THR A 40 -7.27 -3.85 0.14
CA THR A 40 -7.85 -4.70 1.18
C THR A 40 -7.82 -3.98 2.53
N MET A 41 -6.73 -3.29 2.81
CA MET A 41 -6.59 -2.56 4.07
C MET A 41 -7.59 -1.41 4.14
N ASN A 42 -7.57 -0.55 3.13
CA ASN A 42 -8.48 0.58 3.08
C ASN A 42 -9.93 0.14 3.11
N ALA A 43 -10.22 -0.97 2.44
CA ALA A 43 -11.57 -1.51 2.39
C ALA A 43 -11.97 -2.11 3.74
N ALA A 44 -10.99 -2.63 4.47
CA ALA A 44 -11.24 -3.22 5.77
C ALA A 44 -11.91 -2.23 6.71
N LEU A 45 -11.34 -1.04 6.80
CA LEU A 45 -11.89 0.01 7.67
C LEU A 45 -13.35 0.31 7.31
N ILE A 46 -13.72 0.01 6.07
CA ILE A 46 -15.08 0.24 5.60
C ILE A 46 -16.04 -0.81 6.15
N LYS A 47 -15.61 -2.06 6.12
CA LYS A 47 -16.43 -3.17 6.62
C LYS A 47 -16.41 -3.20 8.14
N ILE A 48 -15.22 -3.16 8.73
CA ILE A 48 -15.07 -3.19 10.18
C ILE A 48 -15.55 -1.88 10.80
N GLY A 49 -15.52 -0.81 10.01
CA GLY A 49 -15.95 0.48 10.49
C GLY A 49 -17.44 0.54 10.74
N GLU A 50 -18.17 -0.43 10.21
CA GLU A 50 -19.61 -0.47 10.37
C GLU A 50 -19.99 -0.56 11.85
N VAL A 51 -19.10 -1.13 12.66
CA VAL A 51 -19.34 -1.27 14.08
C VAL A 51 -18.93 -0.01 14.83
N PRO A 52 -19.57 0.23 15.99
CA PRO A 52 -19.29 1.41 16.82
C PRO A 52 -17.93 1.31 17.50
N PRO A 53 -17.47 2.44 18.07
CA PRO A 53 -16.18 2.51 18.76
C PRO A 53 -16.17 1.72 20.07
N ASP A 54 -17.35 1.26 20.47
CA ASP A 54 -17.49 0.48 21.70
C ASP A 54 -16.82 -0.88 21.57
N GLN A 55 -16.74 -1.37 20.33
CA GLN A 55 -16.12 -2.67 20.07
C GLN A 55 -14.63 -2.51 19.76
N LEU A 56 -14.25 -1.33 19.29
CA LEU A 56 -12.86 -1.05 18.96
C LEU A 56 -11.95 -1.40 20.12
N ASP A 57 -10.71 -1.78 19.80
CA ASP A 57 -9.73 -2.14 20.82
C ASP A 57 -8.52 -1.22 20.77
N SER A 58 -7.56 -1.44 21.66
CA SER A 58 -6.36 -0.62 21.73
C SER A 58 -5.47 -0.87 20.50
N GLN A 59 -5.56 -2.07 19.96
CA GLN A 59 -4.77 -2.44 18.78
C GLN A 59 -5.43 -1.94 17.50
N ASP A 60 -6.75 -1.80 17.55
CA ASP A 60 -7.50 -1.34 16.38
C ASP A 60 -6.96 0.00 15.88
N LYS A 61 -6.71 0.91 16.80
CA LYS A 61 -6.19 2.23 16.45
C LYS A 61 -4.81 2.12 15.80
N LEU A 62 -4.02 1.16 16.28
CA LEU A 62 -2.69 0.94 15.74
C LEU A 62 -2.74 0.22 14.39
N TRP A 63 -3.81 -0.54 14.19
CA TRP A 63 -3.99 -1.29 12.94
C TRP A 63 -4.01 -0.36 11.75
N ALA A 64 -4.69 0.78 11.91
CA ALA A 64 -4.79 1.77 10.84
C ALA A 64 -3.45 2.46 10.60
N ASP A 65 -2.72 2.70 11.68
CA ASP A 65 -1.41 3.35 11.59
C ASP A 65 -0.36 2.41 11.01
N GLU A 66 -0.54 1.11 11.27
CA GLU A 66 0.39 0.11 10.76
C GLU A 66 0.55 0.21 9.25
N VAL A 67 -0.53 0.62 8.58
CA VAL A 67 -0.51 0.76 7.13
C VAL A 67 0.25 2.02 6.71
N ARG A 68 0.16 3.06 7.53
CA ARG A 68 0.85 4.31 7.25
C ARG A 68 2.32 4.07 6.93
N GLU A 69 2.96 3.24 7.73
CA GLU A 69 4.37 2.92 7.54
C GLU A 69 4.64 2.47 6.11
N LEU A 70 3.66 1.81 5.51
CA LEU A 70 3.79 1.32 4.15
C LEU A 70 3.71 2.47 3.14
N SER A 71 2.94 3.49 3.48
CA SER A 71 2.77 4.65 2.61
C SER A 71 4.13 5.22 2.21
N TYR A 72 5.05 5.27 3.18
CA TYR A 72 6.38 5.80 2.92
C TYR A 72 7.07 5.05 1.79
N VAL A 73 6.77 3.75 1.69
CA VAL A 73 7.36 2.91 0.64
C VAL A 73 6.68 3.16 -0.69
N ILE A 74 5.38 3.47 -0.66
CA ILE A 74 4.62 3.72 -1.86
C ILE A 74 5.20 4.91 -2.64
N GLU A 75 5.77 5.85 -1.91
CA GLU A 75 6.37 7.04 -2.52
C GLU A 75 7.35 6.64 -3.64
N ASP A 76 8.04 5.52 -3.43
CA ASP A 76 9.00 5.04 -4.41
C ASP A 76 8.32 4.79 -5.76
N ALA A 77 7.07 4.37 -5.71
CA ALA A 77 6.30 4.09 -6.93
C ALA A 77 6.34 5.29 -7.88
N VAL A 78 6.07 6.47 -7.34
CA VAL A 78 6.07 7.70 -8.14
C VAL A 78 7.48 8.25 -8.29
N ASP A 79 8.34 7.94 -7.32
CA ASP A 79 9.71 8.42 -7.35
C ASP A 79 10.41 8.00 -8.65
N LYS A 80 9.96 6.88 -9.22
CA LYS A 80 10.54 6.39 -10.46
C LYS A 80 10.50 7.45 -11.55
N PHE A 81 9.41 8.21 -11.58
CA PHE A 81 9.24 9.26 -12.57
C PHE A 81 10.22 10.41 -12.32
N LEU A 82 10.47 10.69 -11.04
CA LEU A 82 11.38 11.76 -10.66
C LEU A 82 12.83 11.34 -10.88
N VAL A 83 13.12 10.06 -10.67
CA VAL A 83 14.46 9.54 -10.85
C VAL A 83 14.83 9.44 -12.32
N ARG A 84 13.87 9.03 -13.14
CA ARG A 84 14.09 8.89 -14.58
C ARG A 84 14.49 10.23 -15.19
N VAL A 85 13.67 11.26 -14.97
CA VAL A 85 13.94 12.58 -15.51
C VAL A 85 15.28 13.11 -15.02
N HIS A 86 15.72 12.60 -13.86
CA HIS A 86 16.99 13.03 -13.28
C HIS A 86 18.16 12.39 -14.03
N GLY A 87 17.86 11.37 -14.82
CA GLY A 87 18.91 10.69 -15.58
C GLY A 87 19.25 9.33 -15.00
N VAL A 88 19.05 9.17 -13.70
CA VAL A 88 19.34 7.91 -13.02
C VAL A 88 18.15 6.96 -13.11
N GLU A 89 18.43 5.66 -13.13
CA GLU A 89 17.39 4.65 -13.21
C GLU A 89 17.32 3.84 -11.91
N PRO A 90 16.15 3.22 -11.66
CA PRO A 90 15.93 2.40 -10.47
C PRO A 90 16.73 1.10 -10.51
N ASP A 91 16.46 0.23 -9.54
CA ASP A 91 17.14 -1.06 -9.46
C ASP A 91 16.26 -2.12 -8.81
N ASP A 92 16.04 -3.21 -9.51
CA ASP A 92 15.21 -4.30 -9.00
C ASP A 92 15.68 -4.73 -7.61
N ASN A 93 16.98 -4.60 -7.37
CA ASN A 93 17.55 -4.99 -6.08
C ASN A 93 17.28 -3.93 -5.02
N THR A 94 17.35 -2.66 -5.43
CA THR A 94 17.10 -1.54 -4.51
C THR A 94 15.63 -1.47 -4.12
N ASN A 95 14.77 -1.99 -4.98
CA ASN A 95 13.33 -1.99 -4.72
C ASN A 95 13.02 -2.62 -3.37
N GLY A 96 13.89 -3.53 -2.93
CA GLY A 96 13.68 -4.19 -1.65
C GLY A 96 12.33 -4.86 -1.56
N PHE A 97 11.82 -5.32 -2.70
CA PHE A 97 10.52 -6.00 -2.74
C PHE A 97 10.52 -7.23 -1.84
N LYS A 98 11.70 -7.81 -1.65
CA LYS A 98 11.84 -9.00 -0.81
C LYS A 98 11.25 -8.76 0.57
N GLY A 99 11.67 -7.66 1.21
CA GLY A 99 11.16 -7.34 2.53
C GLY A 99 9.81 -6.67 2.49
N LEU A 100 9.58 -5.87 1.46
CA LEU A 100 8.32 -5.15 1.31
C LEU A 100 7.15 -6.13 1.31
N MET A 101 7.26 -7.19 0.52
CA MET A 101 6.21 -8.20 0.43
C MET A 101 5.88 -8.75 1.81
N LYS A 102 6.89 -8.88 2.66
CA LYS A 102 6.71 -9.40 4.01
C LYS A 102 6.14 -8.32 4.93
N ARG A 103 6.40 -7.07 4.59
CA ARG A 103 5.90 -5.95 5.39
C ARG A 103 4.40 -5.75 5.19
N THR A 104 3.92 -6.15 4.02
CA THR A 104 2.50 -6.01 3.70
C THR A 104 1.69 -7.17 4.28
N THR A 105 2.11 -8.39 3.97
CA THR A 105 1.43 -9.58 4.47
C THR A 105 1.32 -9.56 5.99
N LYS A 106 2.34 -9.03 6.65
CA LYS A 106 2.35 -8.94 8.10
C LYS A 106 1.07 -8.30 8.62
N LEU A 107 0.69 -7.18 8.01
CA LEU A 107 -0.52 -6.46 8.42
C LEU A 107 -1.77 -7.16 7.88
N LEU A 108 -1.69 -7.65 6.65
CA LEU A 108 -2.82 -8.35 6.04
C LEU A 108 -3.21 -9.58 6.84
N LYS A 109 -2.25 -10.12 7.59
CA LYS A 109 -2.50 -11.30 8.42
C LYS A 109 -3.64 -11.04 9.39
N LYS A 110 -3.87 -9.78 9.72
CA LYS A 110 -4.94 -9.40 10.64
C LYS A 110 -6.30 -9.47 9.95
N VAL A 111 -6.32 -9.22 8.65
CA VAL A 111 -7.55 -9.26 7.87
C VAL A 111 -7.91 -10.68 7.49
N VAL A 112 -6.91 -11.44 7.06
CA VAL A 112 -7.13 -12.84 6.66
C VAL A 112 -7.59 -13.69 7.85
N ASP A 113 -7.46 -13.13 9.05
CA ASP A 113 -7.86 -13.83 10.26
C ASP A 113 -9.38 -13.86 10.39
N LYS A 114 -9.99 -12.69 10.50
CA LYS A 114 -11.43 -12.58 10.63
C LYS A 114 -12.10 -12.38 9.26
N HIS A 115 -11.63 -11.36 8.54
CA HIS A 115 -12.17 -11.07 7.22
C HIS A 115 -11.84 -12.18 6.23
N GLY A 116 -10.78 -12.93 6.52
CA GLY A 116 -10.37 -14.02 5.65
C GLY A 116 -9.74 -13.53 4.36
N ILE A 117 -9.55 -12.21 4.27
CA ILE A 117 -8.95 -11.62 3.08
C ILE A 117 -7.51 -12.09 2.90
N ALA A 118 -7.30 -12.92 1.89
CA ALA A 118 -5.96 -13.45 1.59
C ALA A 118 -5.38 -12.80 0.35
N SER A 1 -14.16 12.12 6.28
CA SER A 1 -13.13 11.42 5.50
C SER A 1 -11.80 11.41 6.27
N ASN A 2 -11.87 11.08 7.54
CA ASN A 2 -10.68 11.03 8.39
C ASN A 2 -9.66 10.04 7.83
N ALA A 3 -10.14 9.05 7.07
CA ALA A 3 -9.28 8.05 6.47
C ALA A 3 -9.00 8.37 5.00
N GLY A 4 -9.32 9.59 4.59
CA GLY A 4 -9.11 10.00 3.22
C GLY A 4 -7.66 9.82 2.79
N ALA A 5 -6.75 9.81 3.75
CA ALA A 5 -5.33 9.66 3.47
C ALA A 5 -5.04 8.30 2.85
N ILE A 6 -5.75 7.28 3.30
CA ILE A 6 -5.57 5.92 2.79
C ILE A 6 -6.20 5.77 1.42
N ALA A 7 -7.35 6.41 1.22
CA ALA A 7 -8.06 6.35 -0.05
C ALA A 7 -7.35 7.19 -1.11
N LYS A 8 -6.69 8.26 -0.67
CA LYS A 8 -5.97 9.14 -1.58
C LYS A 8 -4.79 8.43 -2.21
N LEU A 9 -4.43 7.28 -1.66
CA LEU A 9 -3.31 6.50 -2.17
C LEU A 9 -3.71 5.73 -3.42
N ILE A 10 -5.01 5.48 -3.57
CA ILE A 10 -5.52 4.76 -4.72
C ILE A 10 -5.09 5.42 -6.03
N PRO A 11 -5.45 6.70 -6.19
CA PRO A 11 -5.10 7.48 -7.38
C PRO A 11 -3.61 7.79 -7.46
N LYS A 12 -2.91 7.59 -6.35
CA LYS A 12 -1.47 7.84 -6.30
C LYS A 12 -0.71 6.78 -7.06
N LEU A 13 -1.05 5.52 -6.83
CA LEU A 13 -0.40 4.40 -7.50
C LEU A 13 -0.95 4.21 -8.91
N GLY A 14 -2.20 4.62 -9.10
CA GLY A 14 -2.83 4.48 -10.41
C GLY A 14 -1.99 5.07 -11.52
N GLU A 15 -1.27 6.16 -11.21
CA GLU A 15 -0.43 6.82 -12.19
C GLU A 15 0.58 5.84 -12.79
N LEU A 16 1.01 4.88 -11.98
CA LEU A 16 1.98 3.88 -12.44
C LEU A 16 1.27 2.69 -13.06
N LEU A 17 -0.04 2.62 -12.89
CA LEU A 17 -0.83 1.53 -13.43
C LEU A 17 -1.46 1.93 -14.76
N VAL A 18 -1.45 3.22 -15.06
CA VAL A 18 -2.01 3.73 -16.30
C VAL A 18 -1.05 3.53 -17.47
N GLY A 19 0.24 3.40 -17.15
CA GLY A 19 1.25 3.20 -18.17
C GLY A 19 2.13 4.42 -18.36
N GLU A 20 2.17 5.28 -17.36
CA GLU A 20 2.98 6.49 -17.42
C GLU A 20 4.27 6.32 -16.63
N TYR A 21 5.23 5.61 -17.22
CA TYR A 21 6.51 5.36 -16.58
C TYR A 21 7.50 4.74 -17.55
N LYS A 22 8.79 4.83 -17.22
CA LYS A 22 9.83 4.27 -18.06
C LYS A 22 10.44 3.03 -17.42
N LEU A 23 9.60 2.04 -17.14
CA LEU A 23 10.06 0.79 -16.53
C LEU A 23 9.56 -0.41 -17.32
N HIS A 24 10.03 -1.60 -16.94
CA HIS A 24 9.63 -2.83 -17.61
C HIS A 24 8.27 -3.30 -17.12
N LYS A 25 7.76 -4.37 -17.72
CA LYS A 25 6.46 -4.92 -17.34
C LYS A 25 6.54 -5.60 -15.98
N GLY A 26 7.74 -6.00 -15.59
CA GLY A 26 7.93 -6.66 -14.31
C GLY A 26 7.95 -5.68 -13.15
N VAL A 27 8.30 -4.44 -13.45
CA VAL A 27 8.37 -3.39 -12.42
C VAL A 27 6.97 -2.98 -11.98
N LYS A 28 6.09 -2.73 -12.94
CA LYS A 28 4.73 -2.32 -12.65
C LYS A 28 4.04 -3.33 -11.74
N LYS A 29 4.47 -4.59 -11.83
CA LYS A 29 3.90 -5.65 -11.01
C LYS A 29 3.97 -5.30 -9.53
N ASN A 30 4.97 -4.50 -9.17
CA ASN A 30 5.15 -4.08 -7.78
C ASN A 30 4.14 -3.01 -7.39
N ILE A 31 3.78 -2.17 -8.35
CA ILE A 31 2.81 -1.11 -8.11
C ILE A 31 1.40 -1.66 -7.95
N GLU A 32 0.98 -2.47 -8.93
CA GLU A 32 -0.35 -3.08 -8.89
C GLU A 32 -0.57 -3.84 -7.59
N ASP A 33 0.50 -4.44 -7.07
CA ASP A 33 0.43 -5.21 -5.84
C ASP A 33 0.21 -4.28 -4.64
N LEU A 34 1.06 -3.26 -4.52
CA LEU A 34 0.95 -2.31 -3.43
C LEU A 34 -0.43 -1.68 -3.38
N LEU A 35 -0.88 -1.16 -4.52
CA LEU A 35 -2.18 -0.53 -4.62
C LEU A 35 -3.29 -1.49 -4.17
N LYS A 36 -3.18 -2.74 -4.58
CA LYS A 36 -4.16 -3.76 -4.21
C LYS A 36 -4.28 -3.87 -2.70
N GLU A 37 -3.17 -3.67 -2.00
CA GLU A 37 -3.16 -3.75 -0.54
C GLU A 37 -3.79 -2.50 0.08
N LEU A 38 -3.34 -1.34 -0.35
CA LEU A 38 -3.86 -0.08 0.16
C LEU A 38 -5.36 0.05 -0.13
N LYS A 39 -5.77 -0.38 -1.31
CA LYS A 39 -7.17 -0.32 -1.71
C LYS A 39 -8.06 -1.01 -0.67
N THR A 40 -7.74 -2.27 -0.38
CA THR A 40 -8.51 -3.04 0.59
C THR A 40 -8.35 -2.47 1.99
N MET A 41 -7.11 -2.15 2.35
CA MET A 41 -6.82 -1.59 3.67
C MET A 41 -7.67 -0.36 3.94
N ASN A 42 -8.05 0.34 2.87
CA ASN A 42 -8.87 1.53 3.00
C ASN A 42 -10.29 1.18 3.43
N ALA A 43 -10.88 0.19 2.76
CA ALA A 43 -12.24 -0.24 3.06
C ALA A 43 -12.28 -0.98 4.40
N ALA A 44 -11.16 -1.59 4.78
CA ALA A 44 -11.09 -2.32 6.03
C ALA A 44 -11.36 -1.41 7.22
N LEU A 45 -10.68 -0.27 7.26
CA LEU A 45 -10.86 0.69 8.35
C LEU A 45 -12.33 1.09 8.48
N ILE A 46 -13.07 1.00 7.39
CA ILE A 46 -14.49 1.35 7.39
C ILE A 46 -15.31 0.28 8.11
N LYS A 47 -15.08 -0.97 7.76
CA LYS A 47 -15.79 -2.08 8.36
C LYS A 47 -15.35 -2.29 9.82
N ILE A 48 -14.05 -2.37 10.03
CA ILE A 48 -13.50 -2.55 11.37
C ILE A 48 -13.66 -1.29 12.20
N GLY A 49 -13.85 -0.16 11.54
CA GLY A 49 -14.02 1.11 12.23
C GLY A 49 -15.14 1.06 13.25
N GLU A 50 -16.09 0.16 13.05
CA GLU A 50 -17.21 0.03 13.96
C GLU A 50 -17.12 -1.28 14.76
N VAL A 51 -15.90 -1.80 14.87
CA VAL A 51 -15.67 -3.04 15.62
C VAL A 51 -16.22 -2.94 17.03
N PRO A 52 -16.95 -3.98 17.46
CA PRO A 52 -17.54 -4.04 18.80
C PRO A 52 -16.49 -4.20 19.89
N PRO A 53 -16.91 -4.01 21.15
CA PRO A 53 -16.02 -4.12 22.30
C PRO A 53 -15.61 -5.57 22.57
N ASP A 54 -16.23 -6.50 21.86
CA ASP A 54 -15.92 -7.91 22.01
C ASP A 54 -14.50 -8.21 21.57
N GLN A 55 -14.10 -7.65 20.43
CA GLN A 55 -12.75 -7.86 19.91
C GLN A 55 -11.97 -6.55 19.88
N LEU A 56 -12.46 -5.56 20.62
CA LEU A 56 -11.81 -4.25 20.67
C LEU A 56 -10.61 -4.29 21.61
N ASP A 57 -9.42 -4.10 21.06
CA ASP A 57 -8.19 -4.11 21.85
C ASP A 57 -7.48 -2.77 21.76
N SER A 58 -6.47 -2.58 22.60
CA SER A 58 -5.71 -1.33 22.61
C SER A 58 -4.85 -1.20 21.36
N GLN A 59 -4.51 -2.34 20.77
CA GLN A 59 -3.69 -2.35 19.56
C GLN A 59 -4.55 -2.07 18.32
N ASP A 60 -5.83 -2.44 18.40
CA ASP A 60 -6.75 -2.23 17.29
C ASP A 60 -6.71 -0.77 16.82
N LYS A 61 -6.48 0.14 17.76
CA LYS A 61 -6.42 1.56 17.44
C LYS A 61 -5.15 1.89 16.66
N LEU A 62 -4.04 1.28 17.07
CA LEU A 62 -2.76 1.51 16.40
C LEU A 62 -2.75 0.89 15.02
N TRP A 63 -3.57 -0.14 14.83
CA TRP A 63 -3.66 -0.83 13.54
C TRP A 63 -3.94 0.16 12.42
N ALA A 64 -4.81 1.13 12.69
CA ALA A 64 -5.18 2.14 11.70
C ALA A 64 -3.94 2.88 11.20
N ASP A 65 -2.93 2.98 12.05
CA ASP A 65 -1.69 3.66 11.68
C ASP A 65 -0.85 2.80 10.74
N GLU A 66 -0.95 1.48 10.91
CA GLU A 66 -0.20 0.55 10.08
C GLU A 66 -0.49 0.77 8.61
N VAL A 67 -1.72 1.19 8.32
CA VAL A 67 -2.13 1.45 6.94
C VAL A 67 -1.56 2.76 6.43
N ARG A 68 -1.69 3.82 7.24
CA ARG A 68 -1.18 5.13 6.87
C ARG A 68 0.34 5.10 6.69
N GLU A 69 1.04 4.62 7.70
CA GLU A 69 2.50 4.53 7.66
C GLU A 69 2.96 3.79 6.41
N LEU A 70 2.16 2.84 5.96
CA LEU A 70 2.49 2.05 4.78
C LEU A 70 2.46 2.93 3.52
N SER A 71 1.59 3.93 3.54
CA SER A 71 1.47 4.85 2.40
C SER A 71 2.82 5.43 2.03
N TYR A 72 3.70 5.55 3.01
CA TYR A 72 5.04 6.11 2.78
C TYR A 72 5.78 5.30 1.73
N VAL A 73 5.71 3.97 1.83
CA VAL A 73 6.37 3.10 0.88
C VAL A 73 5.96 3.41 -0.55
N ILE A 74 4.73 3.90 -0.71
CA ILE A 74 4.22 4.24 -2.03
C ILE A 74 5.05 5.35 -2.68
N GLU A 75 5.62 6.22 -1.84
CA GLU A 75 6.44 7.33 -2.32
C GLU A 75 7.51 6.83 -3.28
N ASP A 76 8.02 5.63 -3.02
CA ASP A 76 9.05 5.04 -3.86
C ASP A 76 8.54 4.81 -5.28
N ALA A 77 7.26 4.42 -5.38
CA ALA A 77 6.65 4.17 -6.68
C ALA A 77 6.80 5.37 -7.60
N VAL A 78 6.43 6.55 -7.10
CA VAL A 78 6.53 7.78 -7.88
C VAL A 78 7.98 8.26 -7.96
N ASP A 79 8.77 7.90 -6.96
CA ASP A 79 10.17 8.30 -6.92
C ASP A 79 10.93 7.77 -8.13
N LYS A 80 10.53 6.59 -8.60
CA LYS A 80 11.17 5.97 -9.75
C LYS A 80 11.14 6.90 -10.95
N PHE A 81 10.01 7.54 -11.18
CA PHE A 81 9.86 8.47 -12.30
C PHE A 81 10.92 9.56 -12.25
N LEU A 82 11.30 9.95 -11.04
CA LEU A 82 12.31 10.99 -10.84
C LEU A 82 13.70 10.44 -11.13
N VAL A 83 13.90 9.15 -10.86
CA VAL A 83 15.19 8.51 -11.09
C VAL A 83 15.48 8.38 -12.59
N ARG A 84 14.45 8.06 -13.36
CA ARG A 84 14.59 7.90 -14.80
C ARG A 84 15.02 9.21 -15.45
N VAL A 85 14.23 10.26 -15.25
CA VAL A 85 14.54 11.57 -15.81
C VAL A 85 15.92 12.05 -15.38
N HIS A 86 16.38 11.56 -14.22
CA HIS A 86 17.68 11.94 -13.71
C HIS A 86 18.80 11.41 -14.60
N GLY A 87 18.45 10.48 -15.48
CA GLY A 87 19.44 9.90 -16.38
C GLY A 87 20.06 8.64 -15.83
N VAL A 88 20.04 8.50 -14.50
CA VAL A 88 20.61 7.33 -13.85
C VAL A 88 19.80 6.07 -14.16
N GLU A 89 20.49 4.98 -14.47
CA GLU A 89 19.83 3.72 -14.78
C GLU A 89 18.83 3.35 -13.70
N PRO A 90 17.84 2.52 -14.06
CA PRO A 90 16.80 2.06 -13.14
C PRO A 90 17.35 1.11 -12.07
N ASP A 91 16.72 1.11 -10.90
CA ASP A 91 17.14 0.24 -9.81
C ASP A 91 15.95 -0.25 -9.01
N ASP A 92 15.72 -1.56 -9.01
CA ASP A 92 14.61 -2.15 -8.30
C ASP A 92 15.10 -2.88 -7.05
N ASN A 93 16.35 -3.34 -7.08
CA ASN A 93 16.93 -4.05 -5.95
C ASN A 93 16.90 -3.19 -4.69
N THR A 94 17.34 -1.94 -4.82
CA THR A 94 17.38 -1.02 -3.71
C THR A 94 15.99 -0.85 -3.09
N ASN A 95 14.96 -1.07 -3.91
CA ASN A 95 13.58 -0.95 -3.44
C ASN A 95 13.30 -1.91 -2.31
N GLY A 96 14.05 -3.02 -2.27
CA GLY A 96 13.85 -4.01 -1.23
C GLY A 96 12.43 -4.55 -1.19
N PHE A 97 11.91 -4.90 -2.35
CA PHE A 97 10.55 -5.42 -2.45
C PHE A 97 10.39 -6.67 -1.59
N LYS A 98 11.49 -7.38 -1.37
CA LYS A 98 11.48 -8.59 -0.56
C LYS A 98 10.84 -8.33 0.81
N GLY A 99 11.35 -7.33 1.51
CA GLY A 99 10.82 -6.99 2.82
C GLY A 99 9.49 -6.26 2.73
N LEU A 100 9.34 -5.42 1.72
CA LEU A 100 8.12 -4.65 1.52
C LEU A 100 6.91 -5.58 1.42
N MET A 101 7.07 -6.65 0.64
CA MET A 101 5.99 -7.62 0.45
C MET A 101 5.48 -8.13 1.79
N LYS A 102 6.41 -8.40 2.71
CA LYS A 102 6.06 -8.90 4.03
C LYS A 102 5.46 -7.79 4.89
N ARG A 103 5.96 -6.58 4.72
CA ARG A 103 5.48 -5.44 5.48
C ARG A 103 3.99 -5.20 5.21
N THR A 104 3.59 -5.34 3.95
CA THR A 104 2.19 -5.16 3.57
C THR A 104 1.36 -6.38 3.88
N THR A 105 1.84 -7.55 3.46
CA THR A 105 1.14 -8.80 3.70
C THR A 105 0.79 -8.97 5.18
N LYS A 106 1.67 -8.48 6.05
CA LYS A 106 1.46 -8.56 7.48
C LYS A 106 0.09 -8.02 7.87
N LEU A 107 -0.28 -6.89 7.26
CA LEU A 107 -1.58 -6.27 7.54
C LEU A 107 -2.70 -7.01 6.82
N LEU A 108 -2.38 -7.60 5.67
CA LEU A 108 -3.35 -8.34 4.88
C LEU A 108 -3.89 -9.53 5.66
N LYS A 109 -2.99 -10.24 6.36
CA LYS A 109 -3.37 -11.41 7.14
C LYS A 109 -4.40 -11.03 8.20
N LYS A 110 -4.45 -9.75 8.54
CA LYS A 110 -5.40 -9.26 9.55
C LYS A 110 -6.76 -9.01 8.92
N VAL A 111 -6.77 -8.63 7.64
CA VAL A 111 -8.02 -8.36 6.94
C VAL A 111 -8.68 -9.66 6.50
N VAL A 112 -7.88 -10.59 5.99
CA VAL A 112 -8.41 -11.88 5.53
C VAL A 112 -9.16 -12.59 6.65
N ASP A 113 -8.66 -12.46 7.87
CA ASP A 113 -9.30 -13.09 9.02
C ASP A 113 -10.63 -12.41 9.35
N LYS A 114 -10.88 -11.28 8.71
CA LYS A 114 -12.12 -10.53 8.93
C LYS A 114 -13.17 -10.91 7.90
N HIS A 115 -12.82 -10.73 6.62
CA HIS A 115 -13.73 -11.05 5.54
C HIS A 115 -13.10 -12.04 4.56
N GLY A 116 -11.78 -12.05 4.51
CA GLY A 116 -11.06 -12.96 3.63
C GLY A 116 -10.35 -12.22 2.51
N ILE A 117 -10.18 -10.92 2.67
CA ILE A 117 -9.51 -10.10 1.68
C ILE A 117 -8.15 -10.69 1.31
N ALA A 118 -7.93 -10.92 0.02
CA ALA A 118 -6.68 -11.49 -0.46
C ALA A 118 -6.42 -11.08 -1.91
N SER A 1 -12.34 12.60 7.62
CA SER A 1 -12.11 11.17 7.65
C SER A 1 -10.76 10.86 8.30
N ASN A 2 -10.79 10.18 9.43
CA ASN A 2 -9.57 9.81 10.15
C ASN A 2 -8.73 8.84 9.33
N ALA A 3 -9.40 8.04 8.50
CA ALA A 3 -8.70 7.07 7.66
C ALA A 3 -8.52 7.60 6.24
N GLY A 4 -8.72 8.90 6.07
CA GLY A 4 -8.57 9.51 4.76
C GLY A 4 -7.14 9.45 4.26
N ALA A 5 -6.20 9.37 5.18
CA ALA A 5 -4.78 9.32 4.84
C ALA A 5 -4.45 8.03 4.10
N ILE A 6 -5.01 6.92 4.58
CA ILE A 6 -4.77 5.62 3.97
C ILE A 6 -5.53 5.49 2.65
N ALA A 7 -6.73 6.05 2.60
CA ALA A 7 -7.55 6.00 1.40
C ALA A 7 -6.95 6.86 0.29
N LYS A 8 -6.27 7.93 0.68
CA LYS A 8 -5.65 8.84 -0.29
C LYS A 8 -4.48 8.16 -0.99
N LEU A 9 -4.04 7.04 -0.45
CA LEU A 9 -2.94 6.29 -1.03
C LEU A 9 -3.41 5.42 -2.20
N ILE A 10 -4.70 5.10 -2.20
CA ILE A 10 -5.29 4.29 -3.26
C ILE A 10 -4.97 4.87 -4.63
N PRO A 11 -5.38 6.13 -4.84
CA PRO A 11 -5.15 6.83 -6.11
C PRO A 11 -3.68 7.17 -6.34
N LYS A 12 -2.93 7.29 -5.25
CA LYS A 12 -1.51 7.60 -5.32
C LYS A 12 -0.77 6.55 -6.16
N LEU A 13 -1.18 5.30 -6.02
CA LEU A 13 -0.56 4.21 -6.77
C LEU A 13 -1.21 4.04 -8.13
N GLY A 14 -2.49 4.36 -8.22
CA GLY A 14 -3.20 4.25 -9.48
C GLY A 14 -2.52 5.00 -10.61
N GLU A 15 -1.84 6.08 -10.26
CA GLU A 15 -1.14 6.89 -11.25
C GLU A 15 -0.15 6.05 -12.05
N LEU A 16 0.42 5.03 -11.40
CA LEU A 16 1.37 4.15 -12.05
C LEU A 16 0.67 2.95 -12.68
N LEU A 17 -0.60 2.77 -12.34
CA LEU A 17 -1.39 1.67 -12.87
C LEU A 17 -2.18 2.10 -14.10
N VAL A 18 -2.26 3.42 -14.31
CA VAL A 18 -2.97 3.97 -15.46
C VAL A 18 -2.13 3.90 -16.73
N GLY A 19 -0.81 3.86 -16.55
CA GLY A 19 0.08 3.78 -17.69
C GLY A 19 0.85 5.06 -17.90
N GLU A 20 0.93 5.89 -16.86
CA GLU A 20 1.65 7.16 -16.95
C GLU A 20 3.03 7.04 -16.31
N TYR A 21 3.96 6.43 -17.04
CA TYR A 21 5.32 6.24 -16.54
C TYR A 21 6.23 5.73 -17.66
N LYS A 22 7.54 5.86 -17.44
CA LYS A 22 8.52 5.41 -18.43
C LYS A 22 9.23 4.15 -17.95
N LEU A 23 8.47 3.09 -17.75
CA LEU A 23 9.03 1.82 -17.29
C LEU A 23 8.44 0.64 -18.07
N HIS A 24 8.98 -0.54 -17.84
CA HIS A 24 8.50 -1.74 -18.52
C HIS A 24 7.31 -2.36 -17.78
N LYS A 25 6.77 -3.44 -18.33
CA LYS A 25 5.63 -4.11 -17.72
C LYS A 25 6.05 -4.83 -16.44
N GLY A 26 7.36 -5.01 -16.27
CA GLY A 26 7.87 -5.69 -15.09
C GLY A 26 8.00 -4.75 -13.90
N VAL A 27 8.13 -3.45 -14.18
CA VAL A 27 8.27 -2.46 -13.12
C VAL A 27 6.91 -2.08 -12.54
N LYS A 28 5.88 -2.15 -13.37
CA LYS A 28 4.52 -1.82 -12.94
C LYS A 28 3.99 -2.88 -11.98
N LYS A 29 4.45 -4.12 -12.15
CA LYS A 29 4.02 -5.21 -11.29
C LYS A 29 4.23 -4.88 -9.82
N ASN A 30 5.24 -4.06 -9.55
CA ASN A 30 5.56 -3.66 -8.18
C ASN A 30 4.52 -2.69 -7.64
N ILE A 31 4.03 -1.82 -8.51
CA ILE A 31 3.03 -0.83 -8.12
C ILE A 31 1.66 -1.49 -7.94
N GLU A 32 1.23 -2.22 -8.96
CA GLU A 32 -0.06 -2.91 -8.93
C GLU A 32 -0.16 -3.81 -7.69
N ASP A 33 0.98 -4.29 -7.21
CA ASP A 33 1.01 -5.14 -6.04
C ASP A 33 0.79 -4.34 -4.76
N LEU A 34 1.55 -3.26 -4.60
CA LEU A 34 1.43 -2.41 -3.42
C LEU A 34 0.01 -1.89 -3.27
N LEU A 35 -0.63 -1.58 -4.39
CA LEU A 35 -2.00 -1.07 -4.38
C LEU A 35 -2.97 -2.15 -3.93
N LYS A 36 -2.67 -3.39 -4.29
CA LYS A 36 -3.52 -4.52 -3.92
C LYS A 36 -3.55 -4.71 -2.41
N GLU A 37 -2.40 -4.55 -1.77
CA GLU A 37 -2.30 -4.70 -0.33
C GLU A 37 -3.09 -3.61 0.39
N LEU A 38 -3.01 -2.39 -0.14
CA LEU A 38 -3.71 -1.24 0.44
C LEU A 38 -5.21 -1.31 0.14
N LYS A 39 -5.55 -1.89 -1.01
CA LYS A 39 -6.94 -2.02 -1.41
C LYS A 39 -7.73 -2.84 -0.40
N THR A 40 -7.03 -3.72 0.31
CA THR A 40 -7.66 -4.57 1.31
C THR A 40 -7.79 -3.84 2.64
N MET A 41 -6.67 -3.31 3.13
CA MET A 41 -6.65 -2.59 4.40
C MET A 41 -7.64 -1.42 4.37
N ASN A 42 -7.57 -0.62 3.31
CA ASN A 42 -8.46 0.52 3.16
C ASN A 42 -9.92 0.09 3.15
N ALA A 43 -10.20 -1.00 2.45
CA ALA A 43 -11.55 -1.52 2.36
C ALA A 43 -12.01 -2.12 3.68
N ALA A 44 -11.04 -2.60 4.47
CA ALA A 44 -11.33 -3.20 5.77
C ALA A 44 -12.03 -2.20 6.69
N LEU A 45 -11.46 -1.00 6.79
CA LEU A 45 -12.02 0.05 7.64
C LEU A 45 -13.48 0.33 7.26
N ILE A 46 -13.82 0.04 6.02
CA ILE A 46 -15.19 0.25 5.54
C ILE A 46 -16.15 -0.80 6.10
N LYS A 47 -15.70 -2.06 6.07
CA LYS A 47 -16.51 -3.16 6.57
C LYS A 47 -16.52 -3.17 8.10
N ILE A 48 -15.33 -3.12 8.69
CA ILE A 48 -15.21 -3.13 10.15
C ILE A 48 -15.69 -1.81 10.75
N GLY A 49 -15.64 -0.76 9.95
CA GLY A 49 -16.07 0.55 10.42
C GLY A 49 -17.54 0.58 10.78
N GLU A 50 -18.28 -0.44 10.34
CA GLU A 50 -19.70 -0.52 10.62
C GLU A 50 -19.96 -0.58 12.13
N VAL A 51 -19.02 -1.18 12.85
CA VAL A 51 -19.15 -1.30 14.30
C VAL A 51 -18.63 -0.05 15.00
N PRO A 52 -19.17 0.23 16.20
CA PRO A 52 -18.77 1.40 16.99
C PRO A 52 -17.35 1.26 17.55
N PRO A 53 -16.82 2.37 18.07
CA PRO A 53 -15.47 2.41 18.66
C PRO A 53 -15.38 1.64 19.96
N ASP A 54 -16.53 1.21 20.47
CA ASP A 54 -16.59 0.45 21.71
C ASP A 54 -16.07 -0.97 21.51
N GLN A 55 -16.18 -1.46 20.28
CA GLN A 55 -15.72 -2.80 19.95
C GLN A 55 -14.29 -2.79 19.42
N LEU A 56 -13.61 -1.68 19.66
CA LEU A 56 -12.22 -1.53 19.21
C LEU A 56 -11.26 -1.42 20.39
N ASP A 57 -10.14 -2.12 20.31
CA ASP A 57 -9.15 -2.10 21.38
C ASP A 57 -7.93 -1.29 20.97
N SER A 58 -6.95 -1.21 21.86
CA SER A 58 -5.73 -0.45 21.58
C SER A 58 -5.06 -0.94 20.31
N GLN A 59 -5.21 -2.22 20.02
CA GLN A 59 -4.62 -2.82 18.82
C GLN A 59 -5.22 -2.19 17.56
N ASP A 60 -6.44 -1.71 17.67
CA ASP A 60 -7.12 -1.08 16.55
C ASP A 60 -6.38 0.17 16.08
N LYS A 61 -5.95 0.97 17.04
CA LYS A 61 -5.21 2.20 16.74
C LYS A 61 -3.86 1.89 16.11
N LEU A 62 -3.24 0.81 16.57
CA LEU A 62 -1.94 0.40 16.05
C LEU A 62 -2.07 -0.26 14.68
N TRP A 63 -3.23 -0.87 14.44
CA TRP A 63 -3.49 -1.54 13.17
C TRP A 63 -3.34 -0.57 12.01
N ALA A 64 -3.93 0.62 12.16
CA ALA A 64 -3.87 1.64 11.12
C ALA A 64 -2.47 2.25 11.03
N ASP A 65 -1.79 2.33 12.17
CA ASP A 65 -0.45 2.88 12.22
C ASP A 65 0.48 2.17 11.25
N GLU A 66 0.53 0.84 11.36
CA GLU A 66 1.37 0.03 10.50
C GLU A 66 1.08 0.31 9.03
N VAL A 67 -0.17 0.64 8.74
CA VAL A 67 -0.58 0.94 7.37
C VAL A 67 -0.09 2.32 6.93
N ARG A 68 -0.06 3.25 7.87
CA ARG A 68 0.39 4.60 7.58
C ARG A 68 1.90 4.65 7.36
N GLU A 69 2.64 4.03 8.28
CA GLU A 69 4.09 3.99 8.18
C GLU A 69 4.54 3.45 6.83
N LEU A 70 3.76 2.52 6.29
CA LEU A 70 4.06 1.91 5.00
C LEU A 70 3.76 2.87 3.85
N SER A 71 2.81 3.76 4.08
CA SER A 71 2.42 4.73 3.06
C SER A 71 3.64 5.50 2.56
N TYR A 72 4.63 5.66 3.42
CA TYR A 72 5.85 6.38 3.07
C TYR A 72 6.61 5.64 1.97
N VAL A 73 6.55 4.32 2.00
CA VAL A 73 7.23 3.50 1.00
C VAL A 73 6.59 3.67 -0.38
N ILE A 74 5.29 3.96 -0.39
CA ILE A 74 4.55 4.14 -1.63
C ILE A 74 5.21 5.21 -2.51
N GLU A 75 5.85 6.18 -1.86
CA GLU A 75 6.53 7.26 -2.59
C GLU A 75 7.48 6.69 -3.64
N ASP A 76 8.10 5.57 -3.32
CA ASP A 76 9.03 4.92 -4.23
C ASP A 76 8.37 4.67 -5.59
N ALA A 77 7.07 4.42 -5.57
CA ALA A 77 6.32 4.16 -6.80
C ALA A 77 6.53 5.28 -7.81
N VAL A 78 6.29 6.51 -7.38
CA VAL A 78 6.45 7.68 -8.25
C VAL A 78 7.91 8.11 -8.32
N ASP A 79 8.64 7.88 -7.24
CA ASP A 79 10.06 8.25 -7.18
C ASP A 79 10.82 7.65 -8.36
N LYS A 80 10.33 6.53 -8.87
CA LYS A 80 10.96 5.87 -10.00
C LYS A 80 11.04 6.79 -11.22
N PHE A 81 10.05 7.68 -11.33
CA PHE A 81 10.00 8.62 -12.45
C PHE A 81 11.17 9.60 -12.37
N LEU A 82 11.54 9.98 -11.16
CA LEU A 82 12.65 10.92 -10.96
C LEU A 82 13.99 10.23 -11.23
N VAL A 83 14.01 8.92 -11.11
CA VAL A 83 15.23 8.15 -11.35
C VAL A 83 15.52 8.00 -12.84
N ARG A 84 14.47 8.10 -13.64
CA ARG A 84 14.61 7.99 -15.09
C ARG A 84 14.93 9.35 -15.72
N VAL A 85 14.07 10.33 -15.44
CA VAL A 85 14.25 11.67 -15.98
C VAL A 85 15.63 12.23 -15.62
N HIS A 86 16.12 11.87 -14.43
CA HIS A 86 17.41 12.33 -13.97
C HIS A 86 18.53 11.77 -14.85
N GLY A 87 18.20 10.76 -15.65
CA GLY A 87 19.19 10.15 -16.53
C GLY A 87 20.00 9.08 -15.83
N VAL A 88 19.48 8.58 -14.72
CA VAL A 88 20.18 7.54 -13.95
C VAL A 88 19.59 6.16 -14.25
N GLU A 89 20.47 5.16 -14.32
CA GLU A 89 20.05 3.79 -14.60
C GLU A 89 18.91 3.37 -13.67
N PRO A 90 18.13 2.38 -14.10
CA PRO A 90 17.01 1.86 -13.31
C PRO A 90 17.47 1.08 -12.08
N ASP A 91 16.64 1.08 -11.04
CA ASP A 91 16.97 0.38 -9.81
C ASP A 91 15.84 -0.57 -9.41
N ASP A 92 16.16 -1.86 -9.35
CA ASP A 92 15.17 -2.87 -8.98
C ASP A 92 15.41 -3.35 -7.55
N ASN A 93 16.57 -3.98 -7.33
CA ASN A 93 16.91 -4.49 -6.00
C ASN A 93 16.76 -3.40 -4.94
N THR A 94 17.08 -2.16 -5.32
CA THR A 94 17.00 -1.04 -4.40
C THR A 94 15.57 -0.86 -3.87
N ASN A 95 14.60 -1.33 -4.65
CA ASN A 95 13.20 -1.22 -4.26
C ASN A 95 12.93 -2.02 -2.99
N GLY A 96 13.73 -3.05 -2.76
CA GLY A 96 13.56 -3.87 -1.57
C GLY A 96 12.17 -4.47 -1.46
N PHE A 97 11.63 -4.91 -2.60
CA PHE A 97 10.30 -5.50 -2.63
C PHE A 97 10.26 -6.77 -1.79
N LYS A 98 11.41 -7.42 -1.63
CA LYS A 98 11.50 -8.65 -0.86
C LYS A 98 10.98 -8.44 0.56
N GLY A 99 11.54 -7.45 1.26
CA GLY A 99 11.13 -7.16 2.61
C GLY A 99 9.88 -6.31 2.67
N LEU A 100 9.73 -5.42 1.68
CA LEU A 100 8.57 -4.54 1.63
C LEU A 100 7.28 -5.34 1.43
N MET A 101 7.31 -6.25 0.47
CA MET A 101 6.14 -7.09 0.19
C MET A 101 5.71 -7.85 1.44
N LYS A 102 6.66 -8.47 2.11
CA LYS A 102 6.37 -9.24 3.33
C LYS A 102 6.03 -8.31 4.48
N ARG A 103 6.52 -7.07 4.42
CA ARG A 103 6.27 -6.09 5.46
C ARG A 103 4.77 -5.93 5.71
N THR A 104 4.01 -5.76 4.62
CA THR A 104 2.57 -5.61 4.73
C THR A 104 1.87 -6.96 4.81
N THR A 105 2.52 -7.99 4.29
CA THR A 105 1.96 -9.33 4.31
C THR A 105 1.53 -9.73 5.72
N LYS A 106 2.28 -9.27 6.71
CA LYS A 106 1.98 -9.58 8.10
C LYS A 106 0.66 -8.94 8.52
N LEU A 107 0.35 -7.78 7.96
CA LEU A 107 -0.88 -7.07 8.27
C LEU A 107 -2.09 -7.78 7.65
N LEU A 108 -1.86 -8.45 6.53
CA LEU A 108 -2.93 -9.17 5.84
C LEU A 108 -3.52 -10.24 6.73
N LYS A 109 -2.76 -10.65 7.74
CA LYS A 109 -3.22 -11.67 8.68
C LYS A 109 -4.52 -11.25 9.37
N LYS A 110 -4.77 -9.95 9.38
CA LYS A 110 -5.98 -9.40 10.00
C LYS A 110 -7.14 -9.43 9.02
N VAL A 111 -6.84 -9.29 7.74
CA VAL A 111 -7.87 -9.29 6.69
C VAL A 111 -8.30 -10.72 6.36
N VAL A 112 -7.34 -11.63 6.31
CA VAL A 112 -7.61 -13.02 6.01
C VAL A 112 -8.62 -13.61 6.99
N ASP A 113 -8.57 -13.14 8.24
CA ASP A 113 -9.47 -13.61 9.28
C ASP A 113 -10.87 -13.05 9.07
N LYS A 114 -11.00 -12.09 8.16
CA LYS A 114 -12.29 -11.48 7.86
C LYS A 114 -12.96 -12.16 6.67
N HIS A 115 -12.27 -12.19 5.55
CA HIS A 115 -12.79 -12.81 4.34
C HIS A 115 -11.84 -13.88 3.81
N GLY A 116 -10.56 -13.74 4.13
CA GLY A 116 -9.57 -14.69 3.69
C GLY A 116 -8.59 -14.11 2.69
N ILE A 117 -8.53 -12.77 2.64
CA ILE A 117 -7.65 -12.09 1.71
C ILE A 117 -6.21 -12.57 1.87
N ALA A 118 -5.72 -13.31 0.88
CA ALA A 118 -4.35 -13.82 0.91
C ALA A 118 -3.34 -12.72 0.63
N SER A 1 -11.08 13.95 6.74
CA SER A 1 -11.00 12.49 6.83
C SER A 1 -9.77 12.07 7.60
N ASN A 2 -9.97 11.45 8.77
CA ASN A 2 -8.88 10.99 9.60
C ASN A 2 -8.03 9.96 8.86
N ALA A 3 -8.67 9.18 7.99
CA ALA A 3 -7.98 8.16 7.22
C ALA A 3 -7.86 8.57 5.76
N GLY A 4 -8.12 9.84 5.47
CA GLY A 4 -8.04 10.33 4.11
C GLY A 4 -6.65 10.21 3.52
N ALA A 5 -5.64 10.20 4.40
CA ALA A 5 -4.26 10.07 3.96
C ALA A 5 -3.99 8.71 3.34
N ILE A 6 -4.57 7.68 3.94
CA ILE A 6 -4.40 6.32 3.45
C ILE A 6 -5.15 6.10 2.14
N ALA A 7 -6.31 6.73 2.03
CA ALA A 7 -7.12 6.61 0.81
C ALA A 7 -6.49 7.37 -0.35
N LYS A 8 -5.79 8.45 -0.03
CA LYS A 8 -5.12 9.27 -1.04
C LYS A 8 -3.99 8.50 -1.70
N LEU A 9 -3.60 7.38 -1.09
CA LEU A 9 -2.53 6.56 -1.63
C LEU A 9 -3.04 5.66 -2.76
N ILE A 10 -4.35 5.48 -2.82
CA ILE A 10 -4.97 4.66 -3.84
C ILE A 10 -4.60 5.15 -5.24
N PRO A 11 -4.94 6.43 -5.51
CA PRO A 11 -4.65 7.05 -6.81
C PRO A 11 -3.16 7.29 -7.02
N LYS A 12 -2.40 7.30 -5.93
CA LYS A 12 -0.96 7.51 -6.00
C LYS A 12 -0.31 6.48 -6.93
N LEU A 13 -0.56 5.21 -6.65
CA LEU A 13 0.02 4.13 -7.46
C LEU A 13 -0.76 3.96 -8.76
N GLY A 14 -2.03 4.36 -8.75
CA GLY A 14 -2.85 4.24 -9.93
C GLY A 14 -2.23 4.91 -11.14
N GLU A 15 -1.39 5.91 -10.89
CA GLU A 15 -0.73 6.63 -11.97
C GLU A 15 0.28 5.75 -12.68
N LEU A 16 0.90 4.84 -11.93
CA LEU A 16 1.89 3.93 -12.49
C LEU A 16 1.23 2.66 -13.02
N LEU A 17 -0.07 2.54 -12.80
CA LEU A 17 -0.83 1.38 -13.26
C LEU A 17 -1.54 1.68 -14.58
N VAL A 18 -1.54 2.95 -14.96
CA VAL A 18 -2.18 3.38 -16.20
C VAL A 18 -1.29 3.10 -17.40
N GLY A 19 0.02 3.02 -17.16
CA GLY A 19 0.95 2.76 -18.24
C GLY A 19 1.68 4.01 -18.69
N GLU A 20 1.82 4.98 -17.78
CA GLU A 20 2.50 6.23 -18.09
C GLU A 20 3.91 6.23 -17.51
N TYR A 21 4.83 5.53 -18.16
CA TYR A 21 6.21 5.46 -17.70
C TYR A 21 7.09 4.79 -18.76
N LYS A 22 8.38 5.11 -18.72
CA LYS A 22 9.34 4.53 -19.66
C LYS A 22 10.25 3.52 -18.97
N LEU A 23 9.66 2.43 -18.50
CA LEU A 23 10.42 1.38 -17.83
C LEU A 23 9.89 0.00 -18.19
N HIS A 24 10.60 -1.04 -17.74
CA HIS A 24 10.20 -2.41 -18.02
C HIS A 24 8.74 -2.64 -17.64
N LYS A 25 8.09 -3.58 -18.32
CA LYS A 25 6.70 -3.89 -18.05
C LYS A 25 6.55 -4.61 -16.72
N GLY A 26 7.58 -5.37 -16.34
CA GLY A 26 7.55 -6.10 -15.08
C GLY A 26 7.27 -5.19 -13.90
N VAL A 27 7.59 -3.91 -14.05
CA VAL A 27 7.37 -2.95 -12.97
C VAL A 27 5.90 -2.85 -12.60
N LYS A 28 5.04 -2.92 -13.61
CA LYS A 28 3.60 -2.84 -13.40
C LYS A 28 3.15 -3.85 -12.35
N LYS A 29 3.71 -5.06 -12.41
CA LYS A 29 3.37 -6.11 -11.46
C LYS A 29 3.79 -5.73 -10.05
N ASN A 30 4.85 -4.92 -9.95
CA ASN A 30 5.35 -4.48 -8.65
C ASN A 30 4.46 -3.39 -8.07
N ILE A 31 4.03 -2.45 -8.92
CA ILE A 31 3.17 -1.36 -8.48
C ILE A 31 1.76 -1.87 -8.19
N GLU A 32 1.18 -2.57 -9.15
CA GLU A 32 -0.18 -3.10 -8.99
C GLU A 32 -0.28 -3.96 -7.74
N ASP A 33 0.81 -4.63 -7.40
CA ASP A 33 0.84 -5.49 -6.21
C ASP A 33 0.86 -4.66 -4.94
N LEU A 34 1.51 -3.50 -5.00
CA LEU A 34 1.61 -2.61 -3.86
C LEU A 34 0.27 -1.92 -3.59
N LEU A 35 -0.39 -1.50 -4.66
CA LEU A 35 -1.68 -0.82 -4.54
C LEU A 35 -2.76 -1.80 -4.12
N LYS A 36 -2.63 -3.05 -4.54
CA LYS A 36 -3.60 -4.08 -4.21
C LYS A 36 -3.85 -4.13 -2.71
N GLU A 37 -2.76 -4.18 -1.93
CA GLU A 37 -2.87 -4.23 -0.48
C GLU A 37 -3.59 -3.00 0.06
N LEU A 38 -3.45 -1.88 -0.65
CA LEU A 38 -4.10 -0.64 -0.25
C LEU A 38 -5.59 -0.67 -0.55
N LYS A 39 -5.94 -1.25 -1.70
CA LYS A 39 -7.34 -1.35 -2.12
C LYS A 39 -8.16 -2.07 -1.05
N THR A 40 -7.60 -3.13 -0.49
CA THR A 40 -8.29 -3.90 0.54
C THR A 40 -8.15 -3.25 1.91
N MET A 41 -6.92 -2.87 2.26
CA MET A 41 -6.66 -2.24 3.55
C MET A 41 -7.53 -1.00 3.73
N ASN A 42 -7.45 -0.08 2.77
CA ASN A 42 -8.23 1.15 2.82
C ASN A 42 -9.71 0.84 3.04
N ALA A 43 -10.21 -0.17 2.36
CA ALA A 43 -11.61 -0.57 2.47
C ALA A 43 -11.87 -1.21 3.83
N ALA A 44 -10.84 -1.82 4.41
CA ALA A 44 -10.96 -2.48 5.71
C ALA A 44 -11.35 -1.48 6.79
N LEU A 45 -10.66 -0.35 6.83
CA LEU A 45 -10.95 0.69 7.82
C LEU A 45 -12.41 1.11 7.76
N ILE A 46 -13.02 0.94 6.60
CA ILE A 46 -14.42 1.31 6.42
C ILE A 46 -15.35 0.32 7.12
N LYS A 47 -15.07 -0.96 6.96
CA LYS A 47 -15.87 -2.01 7.58
C LYS A 47 -15.56 -2.12 9.07
N ILE A 48 -14.28 -2.23 9.40
CA ILE A 48 -13.85 -2.33 10.78
C ILE A 48 -14.01 -0.99 11.52
N GLY A 49 -14.13 0.08 10.75
CA GLY A 49 -14.30 1.39 11.34
C GLY A 49 -15.47 1.46 12.29
N GLU A 50 -16.45 0.58 12.09
CA GLU A 50 -17.63 0.55 12.93
C GLU A 50 -17.63 -0.70 13.82
N VAL A 51 -16.45 -1.25 14.05
CA VAL A 51 -16.29 -2.44 14.88
C VAL A 51 -16.93 -2.22 16.26
N PRO A 52 -17.71 -3.21 16.71
CA PRO A 52 -18.39 -3.16 18.00
C PRO A 52 -17.40 -3.27 19.17
N PRO A 53 -17.90 -2.98 20.38
CA PRO A 53 -17.08 -3.05 21.60
C PRO A 53 -16.72 -4.48 21.98
N ASP A 54 -17.37 -5.44 21.34
CA ASP A 54 -17.11 -6.85 21.61
C ASP A 54 -15.69 -7.23 21.21
N GLN A 55 -15.25 -6.70 20.07
CA GLN A 55 -13.91 -6.99 19.57
C GLN A 55 -13.07 -5.71 19.49
N LEU A 56 -13.52 -4.67 20.18
CA LEU A 56 -12.81 -3.40 20.20
C LEU A 56 -11.65 -3.43 21.19
N ASP A 57 -10.43 -3.35 20.68
CA ASP A 57 -9.24 -3.37 21.51
C ASP A 57 -8.45 -2.08 21.35
N SER A 58 -7.50 -1.87 22.26
CA SER A 58 -6.67 -0.66 22.22
C SER A 58 -5.72 -0.69 21.03
N GLN A 59 -5.38 -1.90 20.58
CA GLN A 59 -4.48 -2.07 19.45
C GLN A 59 -5.21 -1.83 18.13
N ASP A 60 -6.52 -2.04 18.14
CA ASP A 60 -7.34 -1.85 16.95
C ASP A 60 -7.09 -0.47 16.33
N LYS A 61 -6.95 0.54 17.18
CA LYS A 61 -6.71 1.89 16.73
C LYS A 61 -5.29 2.05 16.20
N LEU A 62 -4.36 1.32 16.81
CA LEU A 62 -2.96 1.37 16.40
C LEU A 62 -2.77 0.84 14.98
N TRP A 63 -3.68 -0.03 14.56
CA TRP A 63 -3.63 -0.61 13.23
C TRP A 63 -3.55 0.49 12.16
N ALA A 64 -4.19 1.62 12.45
CA ALA A 64 -4.19 2.74 11.51
C ALA A 64 -2.77 3.18 11.19
N ASP A 65 -1.87 2.99 12.13
CA ASP A 65 -0.46 3.37 11.95
C ASP A 65 0.24 2.39 11.02
N GLU A 66 -0.05 1.11 11.18
CA GLU A 66 0.57 0.08 10.35
C GLU A 66 0.35 0.36 8.87
N VAL A 67 -0.83 0.88 8.55
CA VAL A 67 -1.17 1.20 7.17
C VAL A 67 -0.46 2.46 6.71
N ARG A 68 -0.27 3.40 7.62
CA ARG A 68 0.39 4.66 7.32
C ARG A 68 1.87 4.44 7.03
N GLU A 69 2.54 3.75 7.95
CA GLU A 69 3.97 3.47 7.79
C GLU A 69 4.24 2.78 6.46
N LEU A 70 3.30 1.97 6.01
CA LEU A 70 3.44 1.26 4.75
C LEU A 70 3.44 2.23 3.57
N SER A 71 2.76 3.35 3.74
CA SER A 71 2.68 4.36 2.69
C SER A 71 4.07 4.79 2.24
N TYR A 72 5.01 4.80 3.17
CA TYR A 72 6.39 5.20 2.86
C TYR A 72 6.93 4.39 1.68
N VAL A 73 6.63 3.09 1.67
CA VAL A 73 7.09 2.22 0.60
C VAL A 73 6.51 2.64 -0.75
N ILE A 74 5.34 3.27 -0.72
CA ILE A 74 4.69 3.73 -1.94
C ILE A 74 5.52 4.80 -2.63
N GLU A 75 6.25 5.58 -1.84
CA GLU A 75 7.10 6.64 -2.39
C GLU A 75 8.01 6.10 -3.49
N ASP A 76 8.46 4.86 -3.33
CA ASP A 76 9.33 4.23 -4.31
C ASP A 76 8.71 4.30 -5.70
N ALA A 77 7.42 4.00 -5.79
CA ALA A 77 6.71 4.04 -7.07
C ALA A 77 6.78 5.43 -7.70
N VAL A 78 6.38 6.44 -6.93
CA VAL A 78 6.39 7.81 -7.41
C VAL A 78 7.78 8.21 -7.92
N ASP A 79 8.81 7.62 -7.31
CA ASP A 79 10.18 7.91 -7.69
C ASP A 79 10.50 7.32 -9.07
N LYS A 80 9.81 6.24 -9.40
CA LYS A 80 10.02 5.57 -10.69
C LYS A 80 9.85 6.54 -11.85
N PHE A 81 8.89 7.46 -11.71
CA PHE A 81 8.62 8.45 -12.73
C PHE A 81 9.70 9.51 -12.76
N LEU A 82 10.26 9.81 -11.60
CA LEU A 82 11.31 10.81 -11.47
C LEU A 82 12.64 10.28 -12.00
N VAL A 83 12.83 8.97 -11.89
CA VAL A 83 14.05 8.33 -12.35
C VAL A 83 14.30 8.62 -13.83
N ARG A 84 13.23 8.91 -14.55
CA ARG A 84 13.34 9.21 -15.98
C ARG A 84 13.72 10.67 -16.20
N VAL A 85 12.86 11.58 -15.72
CA VAL A 85 13.11 13.01 -15.88
C VAL A 85 14.43 13.40 -15.23
N HIS A 86 14.87 12.61 -14.26
CA HIS A 86 16.13 12.88 -13.56
C HIS A 86 17.31 12.30 -14.33
N GLY A 87 17.01 11.40 -15.27
CA GLY A 87 18.06 10.78 -16.06
C GLY A 87 18.95 9.87 -15.24
N VAL A 88 18.40 9.36 -14.14
CA VAL A 88 19.15 8.47 -13.26
C VAL A 88 18.86 7.00 -13.59
N GLU A 89 19.85 6.15 -13.34
CA GLU A 89 19.71 4.72 -13.61
C GLU A 89 18.65 4.10 -12.70
N PRO A 90 18.04 3.00 -13.17
CA PRO A 90 17.00 2.29 -12.41
C PRO A 90 17.57 1.57 -11.19
N ASP A 91 16.70 1.19 -10.27
CA ASP A 91 17.12 0.49 -9.05
C ASP A 91 15.92 -0.16 -8.37
N ASP A 92 15.96 -1.49 -8.26
CA ASP A 92 14.88 -2.24 -7.62
C ASP A 92 15.27 -2.66 -6.22
N ASN A 93 16.58 -2.84 -6.00
CA ASN A 93 17.09 -3.25 -4.69
C ASN A 93 16.67 -2.26 -3.62
N THR A 94 16.45 -1.01 -4.02
CA THR A 94 16.06 0.04 -3.09
C THR A 94 14.61 -0.15 -2.64
N ASN A 95 13.81 -0.80 -3.48
CA ASN A 95 12.40 -1.04 -3.16
C ASN A 95 12.27 -1.84 -1.87
N GLY A 96 13.27 -2.64 -1.55
CA GLY A 96 13.24 -3.44 -0.35
C GLY A 96 12.01 -4.33 -0.28
N PHE A 97 11.72 -5.02 -1.38
CA PHE A 97 10.56 -5.91 -1.43
C PHE A 97 10.70 -7.04 -0.41
N LYS A 98 11.93 -7.38 -0.08
CA LYS A 98 12.20 -8.45 0.88
C LYS A 98 11.43 -8.21 2.18
N GLY A 99 11.64 -7.03 2.78
CA GLY A 99 10.96 -6.70 4.01
C GLY A 99 9.54 -6.25 3.80
N LEU A 100 9.31 -5.49 2.73
CA LEU A 100 7.98 -4.99 2.40
C LEU A 100 6.98 -6.14 2.28
N MET A 101 7.41 -7.22 1.64
CA MET A 101 6.56 -8.39 1.45
C MET A 101 6.03 -8.90 2.79
N LYS A 102 6.94 -9.07 3.75
CA LYS A 102 6.57 -9.55 5.08
C LYS A 102 5.76 -8.50 5.83
N ARG A 103 6.16 -7.23 5.69
CA ARG A 103 5.48 -6.14 6.36
C ARG A 103 4.03 -6.03 5.88
N THR A 104 3.82 -6.29 4.59
CA THR A 104 2.48 -6.21 4.01
C THR A 104 1.67 -7.45 4.36
N THR A 105 2.23 -8.63 4.08
CA THR A 105 1.55 -9.89 4.35
C THR A 105 1.08 -9.95 5.79
N LYS A 106 1.87 -9.37 6.70
CA LYS A 106 1.53 -9.36 8.12
C LYS A 106 0.24 -8.59 8.36
N LEU A 107 0.07 -7.48 7.64
CA LEU A 107 -1.13 -6.65 7.78
C LEU A 107 -2.35 -7.35 7.19
N LEU A 108 -2.15 -7.99 6.04
CA LEU A 108 -3.24 -8.69 5.37
C LEU A 108 -3.88 -9.73 6.30
N LYS A 109 -3.09 -10.20 7.26
CA LYS A 109 -3.57 -11.18 8.22
C LYS A 109 -4.76 -10.64 9.01
N LYS A 110 -4.84 -9.31 9.11
CA LYS A 110 -5.92 -8.67 9.85
C LYS A 110 -7.17 -8.55 8.97
N VAL A 111 -6.97 -8.41 7.67
CA VAL A 111 -8.07 -8.29 6.72
C VAL A 111 -8.63 -9.66 6.36
N VAL A 112 -7.76 -10.66 6.27
CA VAL A 112 -8.16 -12.01 5.94
C VAL A 112 -9.00 -12.62 7.06
N ASP A 113 -9.01 -11.97 8.21
CA ASP A 113 -9.77 -12.45 9.36
C ASP A 113 -11.26 -12.21 9.16
N LYS A 114 -11.64 -10.95 9.06
CA LYS A 114 -13.04 -10.58 8.87
C LYS A 114 -13.36 -10.42 7.38
N HIS A 115 -12.55 -9.63 6.69
CA HIS A 115 -12.74 -9.39 5.27
C HIS A 115 -12.48 -10.66 4.46
N GLY A 116 -11.70 -11.57 5.03
CA GLY A 116 -11.38 -12.81 4.36
C GLY A 116 -10.46 -12.61 3.17
N ILE A 117 -9.95 -11.40 3.01
CA ILE A 117 -9.05 -11.07 1.92
C ILE A 117 -7.78 -11.91 1.99
N ALA A 118 -7.65 -12.85 1.08
CA ALA A 118 -6.47 -13.72 1.03
C ALA A 118 -5.51 -13.30 -0.08
N SER A 1 -10.29 14.39 6.89
CA SER A 1 -9.75 13.28 6.12
C SER A 1 -8.96 12.33 7.02
N ASN A 2 -9.67 11.64 7.90
CA ASN A 2 -9.03 10.69 8.81
C ASN A 2 -8.33 9.58 8.05
N ALA A 3 -9.02 8.98 7.09
CA ALA A 3 -8.46 7.91 6.28
C ALA A 3 -8.21 8.38 4.85
N GLY A 4 -8.25 9.69 4.64
CA GLY A 4 -8.02 10.24 3.32
C GLY A 4 -6.63 9.93 2.80
N ALA A 5 -5.65 10.00 3.68
CA ALA A 5 -4.27 9.73 3.30
C ALA A 5 -4.11 8.31 2.75
N ILE A 6 -4.61 7.33 3.50
CA ILE A 6 -4.53 5.94 3.09
C ILE A 6 -5.25 5.71 1.77
N ALA A 7 -6.36 6.42 1.57
CA ALA A 7 -7.15 6.30 0.35
C ALA A 7 -6.42 6.93 -0.83
N LYS A 8 -5.63 7.96 -0.55
CA LYS A 8 -4.88 8.66 -1.59
C LYS A 8 -3.79 7.77 -2.16
N LEU A 9 -3.51 6.66 -1.47
CA LEU A 9 -2.50 5.72 -1.92
C LEU A 9 -3.05 4.80 -3.00
N ILE A 10 -4.36 4.63 -3.01
CA ILE A 10 -5.02 3.77 -3.99
C ILE A 10 -4.63 4.17 -5.41
N PRO A 11 -4.89 5.44 -5.76
CA PRO A 11 -4.57 5.97 -7.09
C PRO A 11 -3.08 6.12 -7.31
N LYS A 12 -2.33 6.31 -6.23
CA LYS A 12 -0.89 6.46 -6.30
C LYS A 12 -0.26 5.29 -7.06
N LEU A 13 -0.69 4.07 -6.72
CA LEU A 13 -0.17 2.88 -7.36
C LEU A 13 -0.90 2.59 -8.67
N GLY A 14 -2.21 2.82 -8.66
CA GLY A 14 -3.02 2.58 -9.85
C GLY A 14 -2.48 3.33 -11.06
N GLU A 15 -1.84 4.47 -10.82
CA GLU A 15 -1.30 5.28 -11.90
C GLU A 15 -0.25 4.50 -12.69
N LEU A 16 0.48 3.62 -11.99
CA LEU A 16 1.51 2.82 -12.63
C LEU A 16 0.90 1.78 -13.57
N LEU A 17 -0.36 1.42 -13.30
CA LEU A 17 -1.07 0.44 -14.12
C LEU A 17 -1.95 1.14 -15.15
N VAL A 18 -2.07 2.46 -15.04
CA VAL A 18 -2.87 3.24 -15.96
C VAL A 18 -2.07 3.65 -17.19
N GLY A 19 -0.77 3.82 -17.01
CA GLY A 19 0.09 4.20 -18.12
C GLY A 19 0.96 5.40 -17.79
N GLU A 20 0.56 6.15 -16.77
CA GLU A 20 1.30 7.34 -16.36
C GLU A 20 2.58 6.95 -15.60
N TYR A 21 3.59 6.52 -16.35
CA TYR A 21 4.86 6.11 -15.76
C TYR A 21 5.93 5.93 -16.83
N LYS A 22 7.17 6.25 -16.48
CA LYS A 22 8.29 6.12 -17.41
C LYS A 22 9.15 4.92 -17.05
N LEU A 23 8.56 3.74 -17.04
CA LEU A 23 9.28 2.52 -16.71
C LEU A 23 8.88 1.39 -17.65
N HIS A 24 9.59 0.26 -17.55
CA HIS A 24 9.31 -0.91 -18.38
C HIS A 24 7.92 -1.45 -18.09
N LYS A 25 7.37 -2.20 -19.04
CA LYS A 25 6.05 -2.79 -18.89
C LYS A 25 6.05 -3.89 -17.83
N GLY A 26 7.22 -4.49 -17.61
CA GLY A 26 7.34 -5.55 -16.64
C GLY A 26 7.42 -5.02 -15.22
N VAL A 27 7.85 -3.77 -15.07
CA VAL A 27 7.97 -3.14 -13.77
C VAL A 27 6.60 -2.85 -13.18
N LYS A 28 5.75 -2.19 -13.96
CA LYS A 28 4.41 -1.84 -13.51
C LYS A 28 3.62 -3.09 -13.14
N LYS A 29 3.96 -4.21 -13.78
CA LYS A 29 3.29 -5.47 -13.52
C LYS A 29 3.32 -5.81 -12.03
N ASN A 30 4.42 -5.45 -11.38
CA ASN A 30 4.58 -5.71 -9.95
C ASN A 30 3.75 -4.74 -9.11
N ILE A 31 3.60 -3.52 -9.62
CA ILE A 31 2.84 -2.49 -8.92
C ILE A 31 1.44 -2.99 -8.59
N GLU A 32 0.90 -3.86 -9.45
CA GLU A 32 -0.44 -4.41 -9.24
C GLU A 32 -0.55 -5.04 -7.85
N ASP A 33 0.55 -5.57 -7.36
CA ASP A 33 0.58 -6.20 -6.04
C ASP A 33 0.37 -5.18 -4.94
N LEU A 34 1.14 -4.10 -4.98
CA LEU A 34 1.04 -3.04 -3.99
C LEU A 34 -0.39 -2.51 -3.91
N LEU A 35 -0.99 -2.27 -5.07
CA LEU A 35 -2.35 -1.75 -5.14
C LEU A 35 -3.36 -2.80 -4.69
N LYS A 36 -3.05 -4.06 -4.98
CA LYS A 36 -3.92 -5.17 -4.60
C LYS A 36 -4.12 -5.22 -3.09
N GLU A 37 -3.01 -5.15 -2.35
CA GLU A 37 -3.06 -5.19 -0.90
C GLU A 37 -3.59 -3.86 -0.34
N LEU A 38 -3.28 -2.77 -1.03
CA LEU A 38 -3.70 -1.45 -0.60
C LEU A 38 -5.23 -1.31 -0.70
N LYS A 39 -5.80 -1.91 -1.73
CA LYS A 39 -7.25 -1.87 -1.93
C LYS A 39 -7.99 -2.47 -0.74
N THR A 40 -7.64 -3.71 -0.40
CA THR A 40 -8.27 -4.40 0.72
C THR A 40 -8.02 -3.66 2.03
N MET A 41 -6.89 -2.97 2.11
CA MET A 41 -6.54 -2.22 3.31
C MET A 41 -7.41 -0.98 3.45
N ASN A 42 -7.51 -0.21 2.37
CA ASN A 42 -8.32 1.00 2.38
C ASN A 42 -9.78 0.69 2.72
N ALA A 43 -10.32 -0.34 2.08
CA ALA A 43 -11.70 -0.75 2.32
C ALA A 43 -11.85 -1.38 3.70
N ALA A 44 -10.79 -2.02 4.18
CA ALA A 44 -10.80 -2.67 5.48
C ALA A 44 -11.23 -1.69 6.57
N LEU A 45 -10.60 -0.52 6.58
CA LEU A 45 -10.91 0.51 7.57
C LEU A 45 -12.38 0.88 7.53
N ILE A 46 -13.01 0.65 6.38
CA ILE A 46 -14.43 0.96 6.22
C ILE A 46 -15.30 -0.07 6.93
N LYS A 47 -14.96 -1.34 6.77
CA LYS A 47 -15.71 -2.42 7.41
C LYS A 47 -15.39 -2.51 8.90
N ILE A 48 -14.10 -2.56 9.22
CA ILE A 48 -13.66 -2.64 10.61
C ILE A 48 -13.93 -1.33 11.35
N GLY A 49 -14.07 -0.24 10.59
CA GLY A 49 -14.33 1.05 11.18
C GLY A 49 -15.81 1.30 11.43
N GLU A 50 -16.65 0.51 10.76
CA GLU A 50 -18.10 0.64 10.90
C GLU A 50 -18.57 0.11 12.26
N VAL A 51 -17.81 -0.85 12.81
CA VAL A 51 -18.15 -1.45 14.08
C VAL A 51 -18.29 -0.38 15.17
N PRO A 52 -19.10 -0.67 16.19
CA PRO A 52 -19.34 0.24 17.31
C PRO A 52 -18.11 0.39 18.20
N PRO A 53 -18.14 1.39 19.10
CA PRO A 53 -17.04 1.65 20.03
C PRO A 53 -16.91 0.57 21.09
N ASP A 54 -17.89 -0.32 21.15
CA ASP A 54 -17.89 -1.40 22.13
C ASP A 54 -16.83 -2.45 21.78
N GLN A 55 -16.48 -2.52 20.49
CA GLN A 55 -15.48 -3.48 20.03
C GLN A 55 -14.13 -2.80 19.82
N LEU A 56 -14.16 -1.49 19.60
CA LEU A 56 -12.95 -0.71 19.39
C LEU A 56 -11.94 -0.98 20.51
N ASP A 57 -10.84 -1.62 20.16
CA ASP A 57 -9.78 -1.94 21.13
C ASP A 57 -8.62 -0.97 20.98
N SER A 58 -7.79 -0.91 22.01
CA SER A 58 -6.63 -0.02 22.01
C SER A 58 -5.72 -0.32 20.81
N GLN A 59 -5.78 -1.56 20.34
CA GLN A 59 -4.97 -1.98 19.21
C GLN A 59 -5.59 -1.52 17.88
N ASP A 60 -6.90 -1.28 17.91
CA ASP A 60 -7.62 -0.85 16.72
C ASP A 60 -6.94 0.37 16.10
N LYS A 61 -6.69 1.39 16.91
CA LYS A 61 -6.06 2.61 16.43
C LYS A 61 -4.60 2.34 16.06
N LEU A 62 -3.95 1.45 16.81
CA LEU A 62 -2.56 1.11 16.56
C LEU A 62 -2.40 0.41 15.21
N TRP A 63 -3.45 -0.29 14.80
CA TRP A 63 -3.43 -1.01 13.52
C TRP A 63 -3.52 -0.04 12.35
N ALA A 64 -4.36 0.98 12.49
CA ALA A 64 -4.53 1.97 11.44
C ALA A 64 -3.20 2.61 11.05
N ASP A 65 -2.29 2.68 12.02
CA ASP A 65 -0.97 3.26 11.77
C ASP A 65 -0.12 2.33 10.92
N GLU A 66 -0.32 1.03 11.09
CA GLU A 66 0.44 0.03 10.34
C GLU A 66 0.29 0.28 8.83
N VAL A 67 -0.89 0.69 8.41
CA VAL A 67 -1.15 0.95 7.00
C VAL A 67 -0.50 2.27 6.56
N ARG A 68 -0.46 3.23 7.46
CA ARG A 68 0.12 4.53 7.17
C ARG A 68 1.63 4.41 6.97
N GLU A 69 2.31 3.78 7.94
CA GLU A 69 3.75 3.60 7.87
C GLU A 69 4.15 2.91 6.57
N LEU A 70 3.29 2.01 6.09
CA LEU A 70 3.56 1.29 4.85
C LEU A 70 3.44 2.20 3.64
N SER A 71 2.61 3.24 3.77
CA SER A 71 2.42 4.20 2.68
C SER A 71 3.75 4.74 2.19
N TYR A 72 4.72 4.81 3.09
CA TYR A 72 6.04 5.32 2.75
C TYR A 72 6.67 4.50 1.62
N VAL A 73 6.51 3.18 1.70
CA VAL A 73 7.05 2.29 0.69
C VAL A 73 6.46 2.57 -0.68
N ILE A 74 5.17 2.93 -0.70
CA ILE A 74 4.48 3.22 -1.95
C ILE A 74 5.16 4.38 -2.69
N GLU A 75 5.75 5.29 -1.93
CA GLU A 75 6.44 6.44 -2.51
C GLU A 75 7.44 6.00 -3.58
N ASP A 76 8.07 4.85 -3.34
CA ASP A 76 9.05 4.31 -4.27
C ASP A 76 8.44 4.11 -5.66
N ALA A 77 7.15 3.78 -5.69
CA ALA A 77 6.44 3.57 -6.94
C ALA A 77 6.51 4.81 -7.83
N VAL A 78 6.13 5.96 -7.28
CA VAL A 78 6.16 7.22 -8.01
C VAL A 78 7.57 7.77 -8.10
N ASP A 79 8.40 7.41 -7.13
CA ASP A 79 9.79 7.88 -7.10
C ASP A 79 10.55 7.39 -8.32
N LYS A 80 10.15 6.23 -8.84
CA LYS A 80 10.80 5.65 -10.01
C LYS A 80 10.81 6.64 -11.17
N PHE A 81 9.79 7.50 -11.22
CA PHE A 81 9.68 8.49 -12.28
C PHE A 81 10.69 9.63 -12.07
N LEU A 82 10.99 9.92 -10.81
CA LEU A 82 11.93 10.98 -10.47
C LEU A 82 13.36 10.56 -10.79
N VAL A 83 13.54 9.28 -11.12
CA VAL A 83 14.85 8.74 -11.46
C VAL A 83 15.55 9.61 -12.50
N ARG A 84 14.76 10.26 -13.36
CA ARG A 84 15.30 11.11 -14.40
C ARG A 84 15.79 12.43 -13.82
N VAL A 85 14.89 13.15 -13.15
CA VAL A 85 15.24 14.43 -12.54
C VAL A 85 16.38 14.28 -11.54
N HIS A 86 16.51 13.08 -11.00
CA HIS A 86 17.57 12.80 -10.03
C HIS A 86 18.89 12.51 -10.72
N GLY A 87 18.82 12.24 -12.02
CA GLY A 87 20.03 11.96 -12.78
C GLY A 87 20.69 10.67 -12.36
N VAL A 88 19.93 9.82 -11.68
CA VAL A 88 20.44 8.53 -11.21
C VAL A 88 20.01 7.40 -12.14
N GLU A 89 20.95 6.48 -12.41
CA GLU A 89 20.66 5.34 -13.28
C GLU A 89 19.40 4.62 -12.82
N PRO A 90 18.77 3.89 -13.76
CA PRO A 90 17.53 3.13 -13.48
C PRO A 90 17.79 1.94 -12.58
N ASP A 91 16.89 1.71 -11.64
CA ASP A 91 17.01 0.59 -10.72
C ASP A 91 15.64 0.15 -10.20
N ASP A 92 15.39 -1.16 -10.26
CA ASP A 92 14.12 -1.71 -9.81
C ASP A 92 14.29 -2.45 -8.48
N ASN A 93 15.32 -3.29 -8.41
CA ASN A 93 15.60 -4.05 -7.19
C ASN A 93 15.68 -3.13 -5.98
N THR A 94 16.09 -1.89 -6.20
CA THR A 94 16.21 -0.92 -5.13
C THR A 94 14.89 -0.75 -4.38
N ASN A 95 13.79 -1.04 -5.07
CA ASN A 95 12.47 -0.92 -4.47
C ASN A 95 12.38 -1.74 -3.19
N GLY A 96 13.17 -2.80 -3.10
CA GLY A 96 13.16 -3.64 -1.93
C GLY A 96 11.78 -4.19 -1.61
N PHE A 97 11.09 -4.69 -2.63
CA PHE A 97 9.75 -5.24 -2.46
C PHE A 97 9.79 -6.52 -1.63
N LYS A 98 10.92 -7.22 -1.68
CA LYS A 98 11.09 -8.46 -0.94
C LYS A 98 10.73 -8.27 0.53
N GLY A 99 11.16 -7.14 1.10
CA GLY A 99 10.87 -6.86 2.50
C GLY A 99 9.48 -6.31 2.70
N LEU A 100 9.01 -5.52 1.72
CA LEU A 100 7.68 -4.93 1.81
C LEU A 100 6.60 -6.00 1.79
N MET A 101 6.89 -7.11 1.14
CA MET A 101 5.93 -8.23 1.05
C MET A 101 5.57 -8.74 2.45
N LYS A 102 6.59 -9.01 3.26
CA LYS A 102 6.37 -9.50 4.62
C LYS A 102 5.82 -8.40 5.51
N ARG A 103 6.20 -7.16 5.21
CA ARG A 103 5.73 -6.01 6.00
C ARG A 103 4.26 -5.76 5.77
N THR A 104 3.80 -6.01 4.55
CA THR A 104 2.40 -5.81 4.19
C THR A 104 1.55 -6.99 4.60
N THR A 105 1.98 -8.19 4.24
CA THR A 105 1.26 -9.41 4.57
C THR A 105 0.96 -9.48 6.07
N LYS A 106 1.88 -8.97 6.87
CA LYS A 106 1.71 -8.97 8.32
C LYS A 106 0.39 -8.34 8.71
N LEU A 107 -0.05 -7.34 7.94
CA LEU A 107 -1.31 -6.66 8.21
C LEU A 107 -2.49 -7.51 7.77
N LEU A 108 -2.43 -8.00 6.53
CA LEU A 108 -3.50 -8.82 5.98
C LEU A 108 -3.72 -10.07 6.84
N LYS A 109 -2.62 -10.65 7.32
CA LYS A 109 -2.69 -11.83 8.16
C LYS A 109 -3.56 -11.58 9.39
N LYS A 110 -3.72 -10.32 9.76
CA LYS A 110 -4.52 -9.94 10.91
C LYS A 110 -5.99 -9.81 10.53
N VAL A 111 -6.25 -9.43 9.28
CA VAL A 111 -7.61 -9.27 8.79
C VAL A 111 -8.19 -10.61 8.36
N VAL A 112 -7.35 -11.46 7.79
CA VAL A 112 -7.79 -12.77 7.33
C VAL A 112 -8.40 -13.57 8.47
N ASP A 113 -7.91 -13.34 9.67
CA ASP A 113 -8.40 -14.04 10.86
C ASP A 113 -9.78 -13.52 11.26
N LYS A 114 -10.19 -12.42 10.66
CA LYS A 114 -11.48 -11.82 10.96
C LYS A 114 -12.55 -12.29 9.96
N HIS A 115 -12.29 -12.06 8.68
CA HIS A 115 -13.22 -12.47 7.63
C HIS A 115 -12.53 -13.36 6.61
N GLY A 116 -11.21 -13.22 6.49
CA GLY A 116 -10.46 -14.02 5.56
C GLY A 116 -10.03 -13.23 4.33
N ILE A 117 -9.82 -11.94 4.51
CA ILE A 117 -9.41 -11.07 3.42
C ILE A 117 -8.20 -11.64 2.68
N ALA A 118 -8.42 -12.12 1.47
CA ALA A 118 -7.34 -12.69 0.67
C ALA A 118 -6.49 -11.60 0.03
N SER A 1 -12.72 13.17 5.09
CA SER A 1 -12.80 11.97 5.91
C SER A 1 -11.52 11.76 6.72
N ASN A 2 -11.67 11.17 7.90
CA ASN A 2 -10.53 10.91 8.76
C ASN A 2 -9.54 9.96 8.10
N ALA A 3 -10.04 9.12 7.20
CA ALA A 3 -9.20 8.17 6.48
C ALA A 3 -9.01 8.59 5.03
N GLY A 4 -9.36 9.83 4.72
CA GLY A 4 -9.22 10.33 3.37
C GLY A 4 -7.78 10.27 2.87
N ALA A 5 -6.84 10.27 3.80
CA ALA A 5 -5.43 10.21 3.46
C ALA A 5 -5.05 8.83 2.91
N ILE A 6 -5.64 7.80 3.48
CA ILE A 6 -5.37 6.43 3.06
C ILE A 6 -6.04 6.12 1.73
N ALA A 7 -7.20 6.73 1.50
CA ALA A 7 -7.95 6.53 0.26
C ALA A 7 -7.29 7.27 -0.89
N LYS A 8 -6.65 8.39 -0.58
CA LYS A 8 -5.98 9.19 -1.61
C LYS A 8 -4.77 8.44 -2.18
N LEU A 9 -4.36 7.39 -1.49
CA LEU A 9 -3.22 6.58 -1.94
C LEU A 9 -3.64 5.62 -3.04
N ILE A 10 -4.92 5.30 -3.09
CA ILE A 10 -5.44 4.39 -4.10
C ILE A 10 -5.03 4.82 -5.50
N PRO A 11 -5.41 6.06 -5.87
CA PRO A 11 -5.08 6.62 -7.18
C PRO A 11 -3.60 6.92 -7.34
N LYS A 12 -2.94 7.20 -6.22
CA LYS A 12 -1.50 7.49 -6.23
C LYS A 12 -0.72 6.39 -6.93
N LEU A 13 -1.20 5.15 -6.78
CA LEU A 13 -0.55 4.01 -7.41
C LEU A 13 -1.04 3.81 -8.84
N GLY A 14 -2.30 4.16 -9.07
CA GLY A 14 -2.87 4.01 -10.40
C GLY A 14 -2.07 4.74 -11.47
N GLU A 15 -1.35 5.77 -11.05
CA GLU A 15 -0.53 6.56 -11.97
C GLU A 15 0.47 5.68 -12.70
N LEU A 16 0.95 4.64 -12.01
CA LEU A 16 1.91 3.72 -12.60
C LEU A 16 1.22 2.55 -13.28
N LEU A 17 -0.08 2.41 -13.01
CA LEU A 17 -0.86 1.33 -13.61
C LEU A 17 -1.58 1.81 -14.86
N VAL A 18 -1.66 3.12 -15.03
CA VAL A 18 -2.31 3.71 -16.20
C VAL A 18 -1.39 3.68 -17.42
N GLY A 19 -0.09 3.65 -17.16
CA GLY A 19 0.88 3.62 -18.25
C GLY A 19 1.76 4.85 -18.27
N GLU A 20 1.32 5.89 -17.58
CA GLU A 20 2.08 7.14 -17.53
C GLU A 20 3.32 6.99 -16.66
N TYR A 21 4.35 6.37 -17.22
CA TYR A 21 5.60 6.15 -16.50
C TYR A 21 6.70 5.64 -17.43
N LYS A 22 7.94 5.82 -17.03
CA LYS A 22 9.08 5.38 -17.82
C LYS A 22 9.75 4.16 -17.18
N LEU A 23 9.09 3.01 -17.28
CA LEU A 23 9.63 1.77 -16.71
C LEU A 23 9.23 0.58 -17.56
N HIS A 24 9.78 -0.59 -17.22
CA HIS A 24 9.49 -1.81 -17.95
C HIS A 24 8.15 -2.41 -17.50
N LYS A 25 7.76 -3.51 -18.15
CA LYS A 25 6.51 -4.17 -17.81
C LYS A 25 6.60 -4.87 -16.44
N GLY A 26 7.83 -5.21 -16.05
CA GLY A 26 8.03 -5.87 -14.78
C GLY A 26 8.02 -4.91 -13.61
N VAL A 27 8.32 -3.65 -13.89
CA VAL A 27 8.35 -2.62 -12.86
C VAL A 27 6.94 -2.29 -12.38
N LYS A 28 6.04 -2.02 -13.32
CA LYS A 28 4.66 -1.69 -12.99
C LYS A 28 4.01 -2.81 -12.19
N LYS A 29 4.44 -4.04 -12.45
CA LYS A 29 3.91 -5.20 -11.74
C LYS A 29 4.04 -5.04 -10.24
N ASN A 30 5.05 -4.28 -9.81
CA ASN A 30 5.28 -4.04 -8.40
C ASN A 30 4.28 -3.03 -7.85
N ILE A 31 3.87 -2.08 -8.67
CA ILE A 31 2.91 -1.07 -8.27
C ILE A 31 1.52 -1.65 -8.15
N GLU A 32 1.07 -2.32 -9.20
CA GLU A 32 -0.26 -2.92 -9.22
C GLU A 32 -0.46 -3.83 -8.00
N ASP A 33 0.63 -4.42 -7.54
CA ASP A 33 0.59 -5.31 -6.39
C ASP A 33 0.27 -4.54 -5.11
N LEU A 34 0.97 -3.43 -4.90
CA LEU A 34 0.77 -2.60 -3.73
C LEU A 34 -0.67 -2.08 -3.67
N LEU A 35 -1.18 -1.62 -4.82
CA LEU A 35 -2.53 -1.11 -4.90
C LEU A 35 -3.55 -2.18 -4.53
N LYS A 36 -3.25 -3.43 -4.87
CA LYS A 36 -4.14 -4.54 -4.57
C LYS A 36 -4.23 -4.76 -3.07
N GLU A 37 -3.09 -4.75 -2.39
CA GLU A 37 -3.05 -4.96 -0.95
C GLU A 37 -3.67 -3.76 -0.22
N LEU A 38 -3.45 -2.57 -0.76
CA LEU A 38 -3.98 -1.34 -0.17
C LEU A 38 -5.48 -1.24 -0.37
N LYS A 39 -5.96 -1.76 -1.50
CA LYS A 39 -7.38 -1.73 -1.81
C LYS A 39 -8.20 -2.38 -0.69
N THR A 40 -7.61 -3.37 -0.04
CA THR A 40 -8.28 -4.07 1.06
C THR A 40 -8.28 -3.23 2.32
N MET A 41 -7.20 -2.49 2.54
CA MET A 41 -7.09 -1.63 3.72
C MET A 41 -8.12 -0.51 3.69
N ASN A 42 -8.23 0.16 2.54
CA ASN A 42 -9.18 1.25 2.38
C ASN A 42 -10.60 0.78 2.65
N ALA A 43 -10.97 -0.34 2.03
CA ALA A 43 -12.31 -0.90 2.20
C ALA A 43 -12.48 -1.49 3.59
N ALA A 44 -11.38 -1.92 4.20
CA ALA A 44 -11.41 -2.50 5.53
C ALA A 44 -11.86 -1.46 6.56
N LEU A 45 -11.27 -0.28 6.51
CA LEU A 45 -11.61 0.79 7.44
C LEU A 45 -13.10 1.10 7.38
N ILE A 46 -13.72 0.79 6.26
CA ILE A 46 -15.16 1.03 6.09
C ILE A 46 -15.99 0.03 6.87
N LYS A 47 -15.60 -1.24 6.81
CA LYS A 47 -16.30 -2.29 7.52
C LYS A 47 -15.98 -2.26 9.01
N ILE A 48 -14.69 -2.23 9.33
CA ILE A 48 -14.25 -2.19 10.72
C ILE A 48 -14.54 -0.83 11.35
N GLY A 49 -14.68 0.20 10.51
CA GLY A 49 -14.97 1.53 11.01
C GLY A 49 -16.32 1.63 11.67
N GLU A 50 -17.15 0.60 11.48
CA GLU A 50 -18.49 0.57 12.07
C GLU A 50 -18.48 -0.18 13.39
N VAL A 51 -17.31 -0.29 14.01
CA VAL A 51 -17.17 -0.99 15.27
C VAL A 51 -16.33 -0.18 16.26
N PRO A 52 -16.82 -0.06 17.50
CA PRO A 52 -16.13 0.68 18.55
C PRO A 52 -14.87 -0.03 19.03
N PRO A 53 -14.03 0.69 19.80
CA PRO A 53 -12.78 0.14 20.34
C PRO A 53 -13.02 -0.92 21.41
N ASP A 54 -14.19 -0.87 22.03
CA ASP A 54 -14.54 -1.83 23.07
C ASP A 54 -14.53 -3.25 22.53
N GLN A 55 -14.89 -3.40 21.25
CA GLN A 55 -14.91 -4.71 20.61
C GLN A 55 -13.62 -4.97 19.86
N LEU A 56 -12.60 -4.18 20.15
CA LEU A 56 -11.30 -4.32 19.49
C LEU A 56 -10.18 -4.50 20.52
N ASP A 57 -9.04 -4.99 20.06
CA ASP A 57 -7.89 -5.20 20.93
C ASP A 57 -7.00 -3.97 20.98
N SER A 58 -5.96 -4.02 21.79
CA SER A 58 -5.03 -2.91 21.93
C SER A 58 -4.21 -2.73 20.66
N GLN A 59 -3.80 -3.84 20.05
CA GLN A 59 -3.01 -3.80 18.84
C GLN A 59 -3.90 -3.63 17.61
N ASP A 60 -5.16 -4.05 17.74
CA ASP A 60 -6.11 -3.93 16.64
C ASP A 60 -6.15 -2.52 16.09
N LYS A 61 -5.94 -1.54 16.98
CA LYS A 61 -5.95 -0.13 16.59
C LYS A 61 -4.70 0.21 15.78
N LEU A 62 -3.60 -0.44 16.10
CA LEU A 62 -2.34 -0.19 15.41
C LEU A 62 -2.42 -0.64 13.95
N TRP A 63 -3.36 -1.54 13.67
CA TRP A 63 -3.54 -2.06 12.32
C TRP A 63 -3.72 -0.91 11.32
N ALA A 64 -4.68 -0.03 11.60
CA ALA A 64 -4.94 1.11 10.74
C ALA A 64 -3.84 2.15 10.84
N ASP A 65 -3.20 2.22 12.00
CA ASP A 65 -2.11 3.17 12.23
C ASP A 65 -0.92 2.86 11.33
N GLU A 66 -0.46 1.62 11.36
CA GLU A 66 0.68 1.21 10.55
C GLU A 66 0.41 1.45 9.08
N VAL A 67 -0.87 1.39 8.69
CA VAL A 67 -1.26 1.60 7.31
C VAL A 67 -0.90 3.01 6.84
N ARG A 68 -0.98 3.96 7.76
CA ARG A 68 -0.66 5.35 7.44
C ARG A 68 0.83 5.50 7.12
N GLU A 69 1.68 5.06 8.04
CA GLU A 69 3.12 5.17 7.86
C GLU A 69 3.56 4.39 6.62
N LEU A 70 2.86 3.29 6.34
CA LEU A 70 3.18 2.46 5.19
C LEU A 70 2.98 3.23 3.88
N SER A 71 2.07 4.20 3.91
CA SER A 71 1.79 5.01 2.73
C SER A 71 3.07 5.63 2.17
N TYR A 72 3.97 6.01 3.07
CA TYR A 72 5.24 6.61 2.65
C TYR A 72 5.98 5.71 1.69
N VAL A 73 5.80 4.40 1.83
CA VAL A 73 6.44 3.42 0.96
C VAL A 73 5.88 3.50 -0.46
N ILE A 74 4.64 3.94 -0.58
CA ILE A 74 4.00 4.07 -1.88
C ILE A 74 4.70 5.09 -2.75
N GLU A 75 5.26 6.12 -2.12
CA GLU A 75 5.97 7.17 -2.84
C GLU A 75 7.02 6.57 -3.77
N ASP A 76 7.64 5.48 -3.34
CA ASP A 76 8.66 4.81 -4.13
C ASP A 76 8.15 4.50 -5.53
N ALA A 77 6.84 4.29 -5.64
CA ALA A 77 6.22 3.99 -6.92
C ALA A 77 6.48 5.09 -7.94
N VAL A 78 6.19 6.33 -7.55
CA VAL A 78 6.40 7.48 -8.42
C VAL A 78 7.85 7.94 -8.39
N ASP A 79 8.53 7.66 -7.29
CA ASP A 79 9.93 8.04 -7.15
C ASP A 79 10.78 7.42 -8.24
N LYS A 80 10.42 6.22 -8.66
CA LYS A 80 11.14 5.51 -9.70
C LYS A 80 11.24 6.36 -10.97
N PHE A 81 10.24 7.19 -11.19
CA PHE A 81 10.21 8.06 -12.37
C PHE A 81 11.28 9.16 -12.25
N LEU A 82 11.54 9.59 -11.02
CA LEU A 82 12.52 10.64 -10.77
C LEU A 82 13.93 10.10 -10.95
N VAL A 83 14.11 8.81 -10.71
CA VAL A 83 15.42 8.18 -10.84
C VAL A 83 15.85 8.10 -12.30
N ARG A 84 14.87 7.95 -13.19
CA ARG A 84 15.15 7.87 -14.61
C ARG A 84 15.58 9.23 -15.17
N VAL A 85 14.76 10.25 -14.93
CA VAL A 85 15.05 11.59 -15.40
C VAL A 85 16.38 12.08 -14.87
N HIS A 86 16.81 11.53 -13.73
CA HIS A 86 18.07 11.91 -13.11
C HIS A 86 19.25 11.49 -13.99
N GLY A 87 18.98 10.60 -14.95
CA GLY A 87 20.02 10.14 -15.84
C GLY A 87 20.64 8.83 -15.37
N VAL A 88 20.46 8.51 -14.09
CA VAL A 88 21.00 7.28 -13.52
C VAL A 88 20.01 6.13 -13.68
N GLU A 89 20.53 4.98 -14.08
CA GLU A 89 19.69 3.79 -14.27
C GLU A 89 18.86 3.53 -13.03
N PRO A 90 17.74 2.80 -13.22
CA PRO A 90 16.83 2.46 -12.12
C PRO A 90 17.43 1.44 -11.16
N ASP A 91 16.81 1.29 -10.00
CA ASP A 91 17.29 0.35 -8.99
C ASP A 91 16.13 -0.43 -8.39
N ASP A 92 16.29 -1.76 -8.31
CA ASP A 92 15.26 -2.62 -7.74
C ASP A 92 15.67 -3.12 -6.36
N ASN A 93 16.96 -3.36 -6.19
CA ASN A 93 17.47 -3.85 -4.91
C ASN A 93 17.24 -2.83 -3.80
N THR A 94 17.60 -1.57 -4.08
CA THR A 94 17.43 -0.50 -3.10
C THR A 94 15.98 -0.36 -2.68
N ASN A 95 15.07 -0.79 -3.56
CA ASN A 95 13.64 -0.72 -3.28
C ASN A 95 13.27 -1.61 -2.10
N GLY A 96 14.04 -2.68 -1.91
CA GLY A 96 13.77 -3.61 -0.82
C GLY A 96 12.37 -4.16 -0.86
N PHE A 97 11.94 -4.61 -2.04
CA PHE A 97 10.60 -5.16 -2.22
C PHE A 97 10.33 -6.26 -1.19
N LYS A 98 11.40 -6.95 -0.79
CA LYS A 98 11.28 -8.02 0.19
C LYS A 98 10.53 -7.55 1.43
N GLY A 99 10.90 -6.37 1.92
CA GLY A 99 10.26 -5.82 3.10
C GLY A 99 8.94 -5.16 2.79
N LEU A 100 8.87 -4.50 1.64
CA LEU A 100 7.65 -3.81 1.23
C LEU A 100 6.51 -4.80 1.02
N MET A 101 6.85 -6.02 0.63
CA MET A 101 5.85 -7.06 0.41
C MET A 101 5.27 -7.55 1.73
N LYS A 102 6.15 -7.84 2.69
CA LYS A 102 5.71 -8.31 4.00
C LYS A 102 5.10 -7.18 4.82
N ARG A 103 5.51 -5.95 4.52
CA ARG A 103 4.99 -4.77 5.22
C ARG A 103 3.47 -4.74 5.19
N THR A 104 2.91 -4.93 4.00
CA THR A 104 1.46 -4.92 3.83
C THR A 104 0.86 -6.28 4.15
N THR A 105 1.54 -7.35 3.72
CA THR A 105 1.07 -8.70 3.96
C THR A 105 0.77 -8.92 5.44
N LYS A 106 1.56 -8.29 6.29
CA LYS A 106 1.38 -8.41 7.74
C LYS A 106 -0.08 -8.14 8.13
N LEU A 107 -0.65 -7.09 7.56
CA LEU A 107 -2.03 -6.73 7.85
C LEU A 107 -3.00 -7.65 7.11
N LEU A 108 -2.65 -8.00 5.87
CA LEU A 108 -3.49 -8.88 5.06
C LEU A 108 -3.79 -10.18 5.80
N LYS A 109 -2.88 -10.56 6.70
CA LYS A 109 -3.03 -11.79 7.47
C LYS A 109 -4.06 -11.61 8.59
N LYS A 110 -4.19 -10.37 9.06
CA LYS A 110 -5.14 -10.06 10.13
C LYS A 110 -6.54 -9.88 9.57
N VAL A 111 -6.64 -9.40 8.33
CA VAL A 111 -7.92 -9.19 7.69
C VAL A 111 -8.47 -10.49 7.10
N VAL A 112 -7.57 -11.32 6.58
CA VAL A 112 -7.96 -12.60 6.00
C VAL A 112 -8.49 -13.55 7.06
N ASP A 113 -8.29 -13.20 8.32
CA ASP A 113 -8.75 -14.02 9.43
C ASP A 113 -10.27 -13.92 9.59
N LYS A 114 -10.74 -12.72 9.90
CA LYS A 114 -12.17 -12.48 10.08
C LYS A 114 -12.81 -11.99 8.78
N HIS A 115 -12.20 -10.97 8.18
CA HIS A 115 -12.71 -10.42 6.93
C HIS A 115 -12.56 -11.42 5.79
N GLY A 116 -11.62 -12.34 5.93
CA GLY A 116 -11.39 -13.33 4.91
C GLY A 116 -10.75 -12.75 3.67
N ILE A 117 -10.36 -11.48 3.75
CA ILE A 117 -9.73 -10.80 2.62
C ILE A 117 -8.42 -11.47 2.23
N ALA A 118 -8.42 -12.15 1.09
CA ALA A 118 -7.22 -12.84 0.61
C ALA A 118 -6.82 -12.33 -0.78
#